data_7XKI
#
_entry.id   7XKI
#
_cell.length_a   1.00
_cell.length_b   1.00
_cell.length_c   1.00
_cell.angle_alpha   90.00
_cell.angle_beta   90.00
_cell.angle_gamma   90.00
#
_symmetry.space_group_name_H-M   'P 1'
#
loop_
_entity.id
_entity.type
_entity.pdbx_description
1 polymer 'Gap junction delta-2 protein,Soluble cytochrome b562'
2 non-polymer 1,2-DIMYRISTOYL-RAC-GLYCERO-3-PHOSPHOCHOLINE
#
_entity_poly.entity_id   1
_entity_poly.type   'polypeptide(L)'
_entity_poly.pdbx_seq_one_letter_code
;MQHSTMIGRILLTVVVIFRILIVAIVGETVYDDEQTMFVCNTLQPGCNQACYDRAFPISHIRYWVFQIIMVCTPSLCFIT
YSVHQSAKQRERRADLEDNWETLNDNLKVIEKADNAAQVKDALTKMRAAALDAQKATPPKLEDKSPDSPEMKDFRHGFDI
LVGQIDDALKLANEGKVKEAQAAAEQLKTTRNAYIQKYLKLRRQEGISRFYIIQVVFRNALEIGFLVGQYFLYGFSVPGL
YECNRYPCIKEVECYVSRPTEKTVFLVFMFAVSGICVVLNLAELNHLGWRKIKLAVRGAQAKRKSIYEIRNKDLPRVSVP
NFGRTQSSDSAYVSRDYKDDDDK
;
_entity_poly.pdbx_strand_id   A,B,C,D,E,F,G,H,I,J,K,L
#
loop_
_chem_comp.id
_chem_comp.type
_chem_comp.name
_chem_comp.formula
MC3 non-polymer 1,2-DIMYRISTOYL-RAC-GLYCERO-3-PHOSPHOCHOLINE 'C36 H72 N O8 P'
#
# COMPACT_ATOMS: atom_id res chain seq x y z
N SER A 4 -58.14 -19.05 31.98
CA SER A 4 -56.94 -18.86 32.78
C SER A 4 -55.91 -19.94 32.49
N THR A 5 -56.18 -21.15 33.00
CA THR A 5 -55.25 -22.25 32.78
C THR A 5 -55.13 -22.61 31.30
N MET A 6 -56.25 -22.61 30.58
CA MET A 6 -56.21 -22.93 29.15
C MET A 6 -55.52 -21.85 28.33
N ILE A 7 -55.66 -20.58 28.74
CA ILE A 7 -55.04 -19.49 27.99
C ILE A 7 -53.52 -19.60 28.05
N GLY A 8 -52.97 -20.07 29.17
CA GLY A 8 -51.53 -20.09 29.31
C GLY A 8 -50.84 -20.88 28.22
N ARG A 9 -51.42 -22.01 27.82
CA ARG A 9 -50.83 -22.82 26.77
C ARG A 9 -50.76 -22.04 25.46
N ILE A 10 -51.85 -21.35 25.11
CA ILE A 10 -51.86 -20.56 23.89
C ILE A 10 -50.82 -19.45 23.95
N LEU A 11 -50.73 -18.76 25.09
CA LEU A 11 -49.75 -17.70 25.23
C LEU A 11 -48.33 -18.25 25.07
N LEU A 12 -48.06 -19.39 25.70
CA LEU A 12 -46.74 -19.99 25.59
C LEU A 12 -46.40 -20.36 24.16
N THR A 13 -47.35 -20.98 23.45
CA THR A 13 -47.10 -21.36 22.06
C THR A 13 -46.85 -20.13 21.19
N VAL A 14 -47.67 -19.09 21.36
CA VAL A 14 -47.49 -17.87 20.56
C VAL A 14 -46.13 -17.25 20.85
N VAL A 15 -45.74 -17.19 22.12
CA VAL A 15 -44.45 -16.59 22.47
C VAL A 15 -43.32 -17.41 21.88
N VAL A 16 -43.43 -18.74 21.91
CA VAL A 16 -42.38 -19.59 21.35
C VAL A 16 -42.25 -19.33 19.85
N ILE A 17 -43.38 -19.28 19.15
CA ILE A 17 -43.34 -19.01 17.71
C ILE A 17 -42.72 -17.65 17.44
N PHE A 18 -43.10 -16.65 18.23
CA PHE A 18 -42.59 -15.29 18.03
C PHE A 18 -41.09 -15.22 18.23
N ARG A 19 -40.58 -15.82 19.31
CA ARG A 19 -39.15 -15.79 19.55
C ARG A 19 -38.40 -16.56 18.47
N ILE A 20 -38.94 -17.70 18.03
CA ILE A 20 -38.28 -18.47 16.98
C ILE A 20 -38.19 -17.64 15.71
N LEU A 21 -39.29 -16.98 15.34
CA LEU A 21 -39.29 -16.15 14.13
C LEU A 21 -38.28 -15.01 14.27
N ILE A 22 -38.24 -14.37 15.43
CA ILE A 22 -37.30 -13.25 15.62
C ILE A 22 -35.87 -13.74 15.46
N VAL A 23 -35.53 -14.86 16.11
CA VAL A 23 -34.16 -15.36 16.05
C VAL A 23 -33.81 -15.78 14.63
N ALA A 24 -34.79 -16.32 13.89
CA ALA A 24 -34.50 -16.77 12.53
C ALA A 24 -34.36 -15.62 11.56
N ILE A 25 -35.10 -14.54 11.77
CA ILE A 25 -35.13 -13.45 10.78
C ILE A 25 -34.08 -12.39 11.08
N VAL A 26 -34.02 -11.89 12.31
CA VAL A 26 -33.13 -10.78 12.65
C VAL A 26 -31.98 -11.28 13.52
N GLY A 27 -31.62 -12.56 13.35
CA GLY A 27 -30.56 -13.14 14.14
C GLY A 27 -29.22 -13.22 13.44
N GLU A 28 -29.23 -13.66 12.19
CA GLU A 28 -27.98 -13.94 11.48
C GLU A 28 -27.34 -12.66 10.94
N THR A 29 -28.08 -11.90 10.13
CA THR A 29 -27.48 -10.78 9.41
C THR A 29 -26.88 -9.74 10.35
N VAL A 30 -27.39 -9.60 11.57
CA VAL A 30 -26.83 -8.63 12.50
C VAL A 30 -25.40 -9.02 12.88
N TYR A 31 -25.13 -10.32 12.99
CA TYR A 31 -23.84 -10.82 13.42
C TYR A 31 -23.00 -11.32 12.24
N ASP A 32 -23.21 -10.76 11.04
CA ASP A 32 -22.49 -11.24 9.87
C ASP A 32 -21.03 -10.79 9.90
N ASP A 33 -20.77 -9.55 10.29
CA ASP A 33 -19.44 -8.95 10.23
C ASP A 33 -18.81 -8.81 11.62
N GLU A 34 -19.02 -9.78 12.50
CA GLU A 34 -18.51 -9.66 13.86
C GLU A 34 -16.99 -9.59 13.88
N GLN A 35 -16.32 -10.42 13.08
CA GLN A 35 -14.87 -10.49 13.10
C GLN A 35 -14.22 -9.62 12.02
N THR A 36 -14.90 -9.37 10.91
CA THR A 36 -14.31 -8.56 9.86
C THR A 36 -14.09 -7.13 10.32
N MET A 37 -15.04 -6.57 11.06
CA MET A 37 -14.98 -5.18 11.50
C MET A 37 -14.36 -5.01 12.88
N PHE A 38 -13.93 -6.09 13.53
CA PHE A 38 -13.26 -6.00 14.81
C PHE A 38 -11.80 -5.62 14.57
N VAL A 39 -11.39 -4.49 15.14
CA VAL A 39 -10.05 -3.95 14.93
C VAL A 39 -9.43 -3.62 16.28
N CYS A 40 -8.09 -3.64 16.31
CA CYS A 40 -7.33 -3.35 17.51
C CYS A 40 -6.21 -2.38 17.17
N ASN A 41 -5.74 -1.65 18.18
CA ASN A 41 -4.75 -0.60 18.00
C ASN A 41 -3.37 -1.18 18.28
N THR A 42 -2.83 -1.89 17.28
CA THR A 42 -1.51 -2.48 17.40
C THR A 42 -1.05 -2.94 16.02
N LEU A 43 0.23 -3.30 15.94
CA LEU A 43 0.83 -3.79 14.71
C LEU A 43 1.28 -5.25 14.79
N GLN A 44 1.21 -5.87 15.96
CA GLN A 44 1.66 -7.25 16.12
C GLN A 44 0.73 -8.18 15.33
N PRO A 45 1.25 -8.97 14.40
CA PRO A 45 0.38 -9.93 13.71
C PRO A 45 -0.22 -10.94 14.67
N GLY A 46 -1.48 -11.30 14.42
CA GLY A 46 -2.15 -12.31 15.22
C GLY A 46 -2.78 -11.80 16.50
N CYS A 47 -2.63 -10.51 16.82
CA CYS A 47 -3.25 -9.98 18.03
C CYS A 47 -4.77 -9.94 17.88
N ASN A 48 -5.27 -9.67 16.68
CA ASN A 48 -6.71 -9.56 16.47
C ASN A 48 -7.40 -10.86 16.81
N GLN A 49 -6.86 -11.99 16.34
CA GLN A 49 -7.51 -13.28 16.58
C GLN A 49 -7.61 -13.59 18.07
N ALA A 50 -6.49 -13.48 18.79
CA ALA A 50 -6.51 -13.80 20.21
C ALA A 50 -7.42 -12.86 20.98
N CYS A 51 -7.35 -11.56 20.68
CA CYS A 51 -8.18 -10.60 21.41
C CYS A 51 -9.66 -10.84 21.16
N TYR A 52 -10.03 -11.10 19.89
CA TYR A 52 -11.44 -11.38 19.60
C TYR A 52 -11.90 -12.66 20.27
N ASP A 53 -11.07 -13.70 20.25
CA ASP A 53 -11.45 -14.95 20.90
C ASP A 53 -11.65 -14.75 22.38
N ARG A 54 -10.80 -13.95 23.02
CA ARG A 54 -10.99 -13.64 24.44
C ARG A 54 -12.25 -12.82 24.66
N ALA A 55 -12.60 -11.94 23.71
CA ALA A 55 -13.76 -11.06 23.89
C ALA A 55 -15.07 -11.83 23.84
N PHE A 56 -15.23 -12.69 22.84
CA PHE A 56 -16.48 -13.41 22.58
C PHE A 56 -16.20 -14.90 22.48
N PRO A 57 -16.05 -15.60 23.61
CA PRO A 57 -15.76 -17.04 23.53
C PRO A 57 -16.80 -17.81 22.75
N ILE A 58 -18.09 -17.54 22.97
CA ILE A 58 -19.17 -18.14 22.20
C ILE A 58 -20.15 -17.04 21.84
N SER A 59 -20.42 -16.88 20.55
CA SER A 59 -21.29 -15.81 20.10
C SER A 59 -22.70 -15.98 20.68
N HIS A 60 -23.45 -14.88 20.69
CA HIS A 60 -24.81 -14.93 21.24
C HIS A 60 -25.69 -15.86 20.40
N ILE A 61 -25.55 -15.80 19.07
CA ILE A 61 -26.47 -16.52 18.20
C ILE A 61 -26.33 -18.02 18.42
N ARG A 62 -25.11 -18.51 18.59
CA ARG A 62 -24.91 -19.94 18.81
C ARG A 62 -25.62 -20.39 20.09
N TYR A 63 -25.43 -19.63 21.16
CA TYR A 63 -26.07 -19.98 22.43
C TYR A 63 -27.58 -19.99 22.30
N TRP A 64 -28.15 -18.96 21.65
CA TRP A 64 -29.60 -18.88 21.56
C TRP A 64 -30.16 -20.00 20.68
N VAL A 65 -29.50 -20.30 19.57
CA VAL A 65 -29.97 -21.39 18.71
C VAL A 65 -29.91 -22.71 19.46
N PHE A 66 -28.81 -22.96 20.17
CA PHE A 66 -28.69 -24.20 20.93
C PHE A 66 -29.78 -24.30 21.98
N GLN A 67 -30.05 -23.21 22.69
CA GLN A 67 -31.13 -23.23 23.68
C GLN A 67 -32.47 -23.54 23.03
N ILE A 68 -32.75 -22.89 21.91
CA ILE A 68 -34.03 -23.10 21.23
C ILE A 68 -34.19 -24.56 20.83
N ILE A 69 -33.13 -25.14 20.26
CA ILE A 69 -33.21 -26.53 19.82
C ILE A 69 -33.34 -27.46 21.02
N MET A 70 -32.66 -27.14 22.13
CA MET A 70 -32.68 -28.04 23.28
C MET A 70 -34.02 -28.02 24.00
N VAL A 71 -34.68 -26.86 24.05
CA VAL A 71 -35.95 -26.78 24.77
C VAL A 71 -37.08 -27.48 24.05
N CYS A 72 -36.91 -27.81 22.78
CA CYS A 72 -37.96 -28.43 21.97
C CYS A 72 -37.82 -29.95 21.86
N THR A 73 -36.78 -30.54 22.47
CA THR A 73 -36.64 -31.99 22.41
C THR A 73 -37.81 -32.72 23.04
N PRO A 74 -38.34 -32.32 24.20
CA PRO A 74 -39.47 -33.07 24.78
C PRO A 74 -40.66 -33.19 23.85
N SER A 75 -40.99 -32.14 23.11
CA SER A 75 -42.10 -32.23 22.17
C SER A 75 -41.83 -33.27 21.09
N LEU A 76 -40.61 -33.31 20.57
CA LEU A 76 -40.26 -34.33 19.58
C LEU A 76 -40.38 -35.73 20.17
N CYS A 77 -39.90 -35.91 21.40
CA CYS A 77 -40.01 -37.22 22.04
C CYS A 77 -41.47 -37.63 22.19
N PHE A 78 -42.31 -36.71 22.66
CA PHE A 78 -43.74 -37.02 22.82
C PHE A 78 -44.37 -37.39 21.49
N ILE A 79 -44.08 -36.61 20.44
CA ILE A 79 -44.70 -36.85 19.15
C ILE A 79 -44.26 -38.20 18.59
N THR A 80 -42.96 -38.51 18.66
CA THR A 80 -42.50 -39.78 18.13
C THR A 80 -43.05 -40.95 18.93
N TYR A 81 -43.14 -40.81 20.26
CA TYR A 81 -43.72 -41.87 21.07
C TYR A 81 -45.17 -42.11 20.70
N SER A 82 -45.95 -41.04 20.54
CA SER A 82 -47.34 -41.18 20.16
C SER A 82 -47.47 -41.84 18.79
N VAL A 83 -46.65 -41.44 17.84
CA VAL A 83 -46.72 -42.00 16.49
C VAL A 83 -46.39 -43.49 16.54
N HIS A 84 -45.34 -43.86 17.27
CA HIS A 84 -44.94 -45.26 17.35
C HIS A 84 -45.99 -46.09 18.09
N GLN A 85 -46.73 -45.48 19.02
CA GLN A 85 -47.74 -46.22 19.76
C GLN A 85 -48.82 -46.75 18.83
N SER A 86 -49.26 -45.94 17.88
CA SER A 86 -50.29 -46.35 16.93
C SER A 86 -49.73 -47.37 15.95
N GLY A 206 -49.02 -44.91 31.19
CA GLY A 206 -48.11 -43.96 31.83
C GLY A 206 -48.01 -42.65 31.07
N ILE A 207 -49.07 -42.30 30.34
CA ILE A 207 -49.07 -41.06 29.58
C ILE A 207 -48.94 -39.86 30.52
N SER A 208 -49.67 -39.89 31.63
CA SER A 208 -49.56 -38.80 32.60
C SER A 208 -48.15 -38.69 33.17
N ARG A 209 -47.52 -39.84 33.45
CA ARG A 209 -46.16 -39.82 33.95
C ARG A 209 -45.22 -39.16 32.95
N PHE A 210 -45.35 -39.53 31.67
CA PHE A 210 -44.50 -38.93 30.64
C PHE A 210 -44.76 -37.43 30.53
N TYR A 211 -46.03 -37.02 30.59
CA TYR A 211 -46.37 -35.61 30.53
C TYR A 211 -45.71 -34.83 31.66
N ILE A 212 -45.86 -35.33 32.89
CA ILE A 212 -45.28 -34.63 34.03
C ILE A 212 -43.76 -34.59 33.92
N ILE A 213 -43.15 -35.72 33.55
CA ILE A 213 -41.69 -35.78 33.46
C ILE A 213 -41.17 -34.77 32.44
N GLN A 214 -41.81 -34.72 31.27
CA GLN A 214 -41.30 -33.84 30.22
C GLN A 214 -41.55 -32.37 30.57
N VAL A 215 -42.68 -32.07 31.22
CA VAL A 215 -42.91 -30.69 31.67
C VAL A 215 -41.83 -30.27 32.66
N VAL A 216 -41.55 -31.13 33.64
CA VAL A 216 -40.54 -30.80 34.65
C VAL A 216 -39.18 -30.62 34.00
N PHE A 217 -38.82 -31.52 33.08
CA PHE A 217 -37.53 -31.41 32.42
C PHE A 217 -37.42 -30.13 31.61
N ARG A 218 -38.47 -29.77 30.88
CA ARG A 218 -38.45 -28.53 30.12
C ARG A 218 -38.26 -27.32 31.02
N ASN A 219 -38.99 -27.29 32.14
CA ASN A 219 -38.89 -26.15 33.05
C ASN A 219 -37.48 -26.06 33.62
N ALA A 220 -36.93 -27.18 34.07
CA ALA A 220 -35.58 -27.17 34.64
C ALA A 220 -34.56 -26.72 33.61
N LEU A 221 -34.65 -27.25 32.39
CA LEU A 221 -33.70 -26.86 31.35
C LEU A 221 -33.79 -25.36 31.06
N GLU A 222 -35.02 -24.83 30.96
CA GLU A 222 -35.17 -23.42 30.67
C GLU A 222 -34.58 -22.55 31.78
N ILE A 223 -34.84 -22.91 33.03
CA ILE A 223 -34.30 -22.12 34.14
C ILE A 223 -32.78 -22.16 34.13
N GLY A 224 -32.21 -23.35 33.94
CA GLY A 224 -30.77 -23.47 33.90
C GLY A 224 -30.15 -22.65 32.78
N PHE A 225 -30.76 -22.70 31.59
CA PHE A 225 -30.24 -21.95 30.47
C PHE A 225 -30.33 -20.45 30.71
N LEU A 226 -31.43 -19.99 31.31
CA LEU A 226 -31.55 -18.57 31.62
C LEU A 226 -30.48 -18.12 32.59
N VAL A 227 -30.24 -18.92 33.65
CA VAL A 227 -29.21 -18.56 34.62
C VAL A 227 -27.84 -18.54 33.94
N GLY A 228 -27.55 -19.53 33.11
CA GLY A 228 -26.29 -19.55 32.40
C GLY A 228 -26.11 -18.35 31.51
N GLN A 229 -27.17 -17.95 30.79
CA GLN A 229 -27.09 -16.77 29.95
C GLN A 229 -26.80 -15.53 30.77
N TYR A 230 -27.49 -15.38 31.91
CA TYR A 230 -27.26 -14.21 32.74
C TYR A 230 -25.81 -14.17 33.24
N PHE A 231 -25.27 -15.32 33.63
CA PHE A 231 -23.92 -15.35 34.16
C PHE A 231 -22.84 -15.25 33.08
N LEU A 232 -23.19 -15.53 31.83
CA LEU A 232 -22.20 -15.47 30.75
C LEU A 232 -22.01 -14.04 30.24
N TYR A 233 -23.07 -13.45 29.68
CA TYR A 233 -22.96 -12.20 28.96
C TYR A 233 -23.35 -10.99 29.79
N GLY A 234 -24.30 -11.11 30.69
CA GLY A 234 -24.72 -9.99 31.51
C GLY A 234 -25.84 -9.21 30.83
N PHE A 235 -25.71 -7.88 30.82
CA PHE A 235 -26.74 -7.02 30.23
C PHE A 235 -26.18 -5.93 29.34
N SER A 236 -24.90 -5.95 29.00
CA SER A 236 -24.31 -4.88 28.20
C SER A 236 -23.17 -5.44 27.37
N VAL A 237 -22.83 -4.70 26.31
CA VAL A 237 -21.72 -5.04 25.42
C VAL A 237 -20.85 -3.80 25.28
N PRO A 238 -19.84 -3.62 26.12
CA PRO A 238 -19.08 -2.36 26.10
C PRO A 238 -18.39 -2.15 24.76
N GLY A 239 -18.27 -0.87 24.37
CA GLY A 239 -17.64 -0.54 23.11
C GLY A 239 -16.15 -0.83 23.10
N LEU A 240 -15.46 -0.53 24.20
CA LEU A 240 -14.01 -0.70 24.29
C LEU A 240 -13.70 -1.91 25.15
N TYR A 241 -12.65 -2.65 24.77
CA TYR A 241 -12.20 -3.80 25.52
C TYR A 241 -10.68 -3.75 25.68
N GLU A 242 -10.20 -4.29 26.80
CA GLU A 242 -8.78 -4.36 27.10
C GLU A 242 -8.30 -5.79 26.94
N CYS A 243 -7.34 -6.00 26.05
CA CYS A 243 -6.83 -7.32 25.71
C CYS A 243 -5.36 -7.40 26.10
N ASN A 244 -5.00 -8.42 26.87
CA ASN A 244 -3.64 -8.59 27.38
C ASN A 244 -3.22 -10.05 27.28
N ARG A 245 -3.48 -10.67 26.13
CA ARG A 245 -3.13 -12.06 25.89
C ARG A 245 -2.04 -12.17 24.83
N TYR A 246 -1.30 -13.26 24.89
CA TYR A 246 -0.23 -13.49 23.93
C TYR A 246 -0.82 -13.55 22.52
N PRO A 247 -0.13 -13.01 21.50
CA PRO A 247 1.20 -12.38 21.50
C PRO A 247 1.19 -10.86 21.73
N CYS A 248 0.01 -10.28 21.97
CA CYS A 248 -0.07 -8.85 22.17
C CYS A 248 0.79 -8.43 23.35
N ILE A 249 1.61 -7.40 23.15
CA ILE A 249 2.57 -6.97 24.16
C ILE A 249 1.86 -6.06 25.15
N LYS A 250 2.04 -6.33 26.44
CA LYS A 250 1.43 -5.53 27.50
C LYS A 250 -0.09 -5.54 27.27
N GLU A 251 -0.77 -4.41 27.43
CA GLU A 251 -2.21 -4.34 27.26
C GLU A 251 -2.54 -3.46 26.05
N VAL A 252 -3.55 -3.86 25.29
CA VAL A 252 -3.99 -3.12 24.12
C VAL A 252 -5.49 -2.89 24.21
N GLU A 253 -5.98 -1.93 23.43
CA GLU A 253 -7.38 -1.57 23.41
C GLU A 253 -7.99 -1.94 22.07
N CYS A 254 -9.17 -2.56 22.11
CA CYS A 254 -9.86 -3.01 20.92
C CYS A 254 -11.28 -2.46 20.92
N TYR A 255 -11.79 -2.20 19.71
CA TYR A 255 -13.08 -1.55 19.52
C TYR A 255 -14.07 -2.52 18.91
N VAL A 256 -15.22 -2.67 19.58
CA VAL A 256 -16.26 -3.58 19.13
C VAL A 256 -17.11 -2.87 18.06
N SER A 257 -17.91 -3.66 17.35
CA SER A 257 -18.80 -3.17 16.30
C SER A 257 -20.25 -3.40 16.71
N ARG A 258 -21.08 -2.37 16.55
CA ARG A 258 -22.51 -2.45 16.84
C ARG A 258 -22.77 -2.82 18.30
N PRO A 259 -22.39 -1.98 19.25
CA PRO A 259 -22.71 -2.29 20.65
C PRO A 259 -24.18 -2.07 21.01
N THR A 260 -24.78 -0.99 20.53
CA THR A 260 -26.13 -0.64 20.98
C THR A 260 -27.16 -1.66 20.51
N GLU A 261 -27.09 -2.05 19.23
CA GLU A 261 -28.06 -3.02 18.72
C GLU A 261 -27.91 -4.36 19.43
N LYS A 262 -26.68 -4.79 19.68
CA LYS A 262 -26.47 -6.04 20.41
C LYS A 262 -27.02 -5.94 21.82
N THR A 263 -26.83 -4.80 22.49
CA THR A 263 -27.38 -4.64 23.84
C THR A 263 -28.90 -4.72 23.82
N VAL A 264 -29.54 -4.05 22.85
CA VAL A 264 -30.99 -4.07 22.77
C VAL A 264 -31.49 -5.49 22.54
N PHE A 265 -30.83 -6.22 21.63
CA PHE A 265 -31.22 -7.59 21.37
C PHE A 265 -31.05 -8.47 22.62
N LEU A 266 -29.95 -8.28 23.35
CA LEU A 266 -29.75 -9.03 24.59
C LEU A 266 -30.90 -8.80 25.56
N VAL A 267 -31.24 -7.53 25.79
CA VAL A 267 -32.30 -7.23 26.76
C VAL A 267 -33.62 -7.82 26.29
N PHE A 268 -33.92 -7.72 24.99
CA PHE A 268 -35.17 -8.24 24.46
C PHE A 268 -35.26 -9.76 24.67
N MET A 269 -34.18 -10.48 24.33
CA MET A 269 -34.20 -11.93 24.51
C MET A 269 -34.33 -12.30 25.98
N PHE A 270 -33.65 -11.56 26.86
CA PHE A 270 -33.77 -11.84 28.29
C PHE A 270 -35.21 -11.66 28.76
N ALA A 271 -35.87 -10.59 28.31
CA ALA A 271 -37.26 -10.38 28.71
C ALA A 271 -38.16 -11.51 28.21
N VAL A 272 -37.97 -11.92 26.95
CA VAL A 272 -38.80 -13.00 26.40
C VAL A 272 -38.60 -14.28 27.20
N SER A 273 -37.33 -14.61 27.49
CA SER A 273 -37.06 -15.82 28.26
C SER A 273 -37.66 -15.74 29.66
N GLY A 274 -37.58 -14.56 30.28
CA GLY A 274 -38.19 -14.40 31.59
C GLY A 274 -39.70 -14.62 31.56
N ILE A 275 -40.37 -14.08 30.54
CA ILE A 275 -41.81 -14.28 30.43
C ILE A 275 -42.12 -15.77 30.24
N CYS A 276 -41.35 -16.46 29.40
CA CYS A 276 -41.57 -17.88 29.19
C CYS A 276 -41.40 -18.65 30.49
N VAL A 277 -40.36 -18.33 31.26
CA VAL A 277 -40.11 -19.02 32.52
C VAL A 277 -41.26 -18.76 33.49
N VAL A 278 -41.74 -17.51 33.54
CA VAL A 278 -42.84 -17.19 34.44
C VAL A 278 -44.07 -18.00 34.09
N LEU A 279 -44.41 -18.06 32.80
CA LEU A 279 -45.59 -18.81 32.39
C LEU A 279 -45.44 -20.30 32.71
N ASN A 280 -44.26 -20.86 32.45
CA ASN A 280 -44.04 -22.28 32.74
C ASN A 280 -44.16 -22.56 34.23
N LEU A 281 -43.59 -21.69 35.07
CA LEU A 281 -43.70 -21.86 36.51
C LEU A 281 -45.14 -21.76 36.96
N ALA A 282 -45.90 -20.82 36.40
CA ALA A 282 -47.30 -20.68 36.77
C ALA A 282 -48.08 -21.94 36.41
N GLU A 283 -47.85 -22.48 35.21
CA GLU A 283 -48.54 -23.70 34.82
C GLU A 283 -48.17 -24.87 35.72
N LEU A 284 -46.87 -25.00 36.04
CA LEU A 284 -46.43 -26.09 36.90
C LEU A 284 -47.08 -25.98 38.28
N ASN A 285 -47.14 -24.77 38.84
CA ASN A 285 -47.79 -24.57 40.13
C ASN A 285 -49.27 -24.91 40.05
N HIS A 286 -49.92 -24.51 38.96
CA HIS A 286 -51.35 -24.80 38.80
C HIS A 286 -51.59 -26.31 38.78
N LEU A 287 -50.76 -27.04 38.03
CA LEU A 287 -50.93 -28.49 37.98
C LEU A 287 -50.73 -29.13 39.34
N GLY A 288 -49.72 -28.69 40.08
CA GLY A 288 -49.44 -29.22 41.39
C GLY A 288 -49.08 -30.71 41.35
N SER B 4 -38.42 -49.79 28.69
CA SER B 4 -36.98 -49.91 28.74
C SER B 4 -36.40 -50.12 27.34
N THR B 5 -36.54 -51.34 26.82
CA THR B 5 -36.01 -51.63 25.49
C THR B 5 -36.71 -50.80 24.42
N MET B 6 -38.03 -50.63 24.51
CA MET B 6 -38.74 -49.86 23.51
C MET B 6 -38.35 -48.40 23.55
N ILE B 7 -38.05 -47.86 24.73
CA ILE B 7 -37.67 -46.45 24.83
C ILE B 7 -36.36 -46.19 24.11
N GLY B 8 -35.43 -47.15 24.12
CA GLY B 8 -34.13 -46.92 23.55
C GLY B 8 -34.19 -46.51 22.09
N ARG B 9 -35.09 -47.12 21.32
CA ARG B 9 -35.22 -46.76 19.92
C ARG B 9 -35.65 -45.31 19.76
N ILE B 10 -36.61 -44.88 20.56
CA ILE B 10 -37.06 -43.49 20.50
C ILE B 10 -35.93 -42.54 20.87
N LEU B 11 -35.18 -42.87 21.92
CA LEU B 11 -34.06 -42.03 22.33
C LEU B 11 -33.03 -41.93 21.22
N LEU B 12 -32.71 -43.07 20.58
CA LEU B 12 -31.74 -43.05 19.50
C LEU B 12 -32.22 -42.19 18.34
N THR B 13 -33.49 -42.33 17.95
CA THR B 13 -34.01 -41.54 16.84
C THR B 13 -33.97 -40.04 17.17
N VAL B 14 -34.38 -39.69 18.40
CA VAL B 14 -34.38 -38.28 18.79
C VAL B 14 -32.96 -37.73 18.79
N VAL B 15 -32.00 -38.50 19.30
CA VAL B 15 -30.62 -38.05 19.33
C VAL B 15 -30.08 -37.87 17.91
N VAL B 16 -30.42 -38.80 17.02
CA VAL B 16 -29.97 -38.68 15.62
C VAL B 16 -30.51 -37.40 15.01
N ILE B 17 -31.81 -37.15 15.20
CA ILE B 17 -32.40 -35.94 14.64
C ILE B 17 -31.73 -34.70 15.23
N PHE B 18 -31.49 -34.71 16.54
CA PHE B 18 -30.88 -33.55 17.20
C PHE B 18 -29.49 -33.28 16.66
N ARG B 19 -28.66 -34.31 16.55
CA ARG B 19 -27.30 -34.11 16.04
C ARG B 19 -27.33 -33.64 14.59
N ILE B 20 -28.22 -34.21 13.78
CA ILE B 20 -28.32 -33.78 12.39
C ILE B 20 -28.70 -32.30 12.31
N LEU B 21 -29.67 -31.89 13.11
CA LEU B 21 -30.08 -30.49 13.11
C LEU B 21 -28.95 -29.58 13.55
N ILE B 22 -28.22 -29.98 14.60
CA ILE B 22 -27.12 -29.15 15.09
C ILE B 22 -26.07 -28.99 14.00
N VAL B 23 -25.67 -30.10 13.37
CA VAL B 23 -24.63 -30.05 12.35
C VAL B 23 -25.09 -29.21 11.16
N ALA B 24 -26.37 -29.30 10.80
CA ALA B 24 -26.86 -28.57 9.65
C ALA B 24 -27.02 -27.07 9.93
N ILE B 25 -27.31 -26.71 11.18
CA ILE B 25 -27.65 -25.32 11.50
C ILE B 25 -26.41 -24.54 11.93
N VAL B 26 -25.64 -25.07 12.89
CA VAL B 26 -24.53 -24.31 13.46
C VAL B 26 -23.19 -24.88 12.98
N GLY B 27 -23.21 -25.61 11.87
CA GLY B 27 -22.00 -26.22 11.36
C GLY B 27 -21.28 -25.40 10.31
N GLU B 28 -22.00 -25.02 9.26
CA GLU B 28 -21.36 -24.41 8.10
C GLU B 28 -20.75 -23.05 8.42
N THR B 29 -21.55 -22.16 9.02
CA THR B 29 -21.13 -20.77 9.14
C THR B 29 -20.04 -20.56 10.19
N VAL B 30 -19.87 -21.48 11.14
CA VAL B 30 -18.79 -21.35 12.10
C VAL B 30 -17.44 -21.49 11.39
N TYR B 31 -17.37 -22.36 10.39
CA TYR B 31 -16.15 -22.63 9.65
C TYR B 31 -16.10 -21.89 8.31
N ASP B 32 -16.72 -20.72 8.22
CA ASP B 32 -16.77 -20.00 6.95
C ASP B 32 -15.43 -19.37 6.61
N ASP B 33 -14.76 -18.77 7.61
CA ASP B 33 -13.53 -18.01 7.40
C ASP B 33 -12.30 -18.75 7.92
N GLU B 34 -12.26 -20.07 7.75
CA GLU B 34 -11.15 -20.85 8.30
C GLU B 34 -9.83 -20.43 7.66
N GLN B 35 -9.81 -20.24 6.34
CA GLN B 35 -8.58 -19.93 5.63
C GLN B 35 -8.34 -18.44 5.44
N THR B 36 -9.41 -17.64 5.38
CA THR B 36 -9.24 -16.20 5.18
C THR B 36 -8.54 -15.56 6.37
N MET B 37 -8.90 -15.97 7.58
CA MET B 37 -8.35 -15.38 8.80
C MET B 37 -7.13 -16.12 9.33
N PHE B 38 -6.68 -17.17 8.66
CA PHE B 38 -5.48 -17.88 9.06
C PHE B 38 -4.26 -17.11 8.56
N VAL B 39 -3.41 -16.66 9.47
CA VAL B 39 -2.26 -15.84 9.13
C VAL B 39 -1.02 -16.43 9.78
N CYS B 40 0.13 -16.15 9.17
CA CYS B 40 1.42 -16.63 9.65
C CYS B 40 2.41 -15.48 9.68
N ASN B 41 3.44 -15.62 10.51
CA ASN B 41 4.42 -14.56 10.74
C ASN B 41 5.61 -14.79 9.83
N THR B 42 5.45 -14.39 8.56
CA THR B 42 6.52 -14.52 7.58
C THR B 42 6.16 -13.70 6.35
N LEU B 43 7.14 -13.56 5.46
CA LEU B 43 6.95 -12.84 4.21
C LEU B 43 7.08 -13.72 2.97
N GLN B 44 7.47 -14.98 3.13
CA GLN B 44 7.63 -15.87 1.99
C GLN B 44 6.27 -16.15 1.34
N PRO B 45 6.10 -15.87 0.05
CA PRO B 45 4.82 -16.21 -0.60
C PRO B 45 4.58 -17.71 -0.58
N GLY B 46 3.31 -18.09 -0.39
CA GLY B 46 2.92 -19.48 -0.41
C GLY B 46 3.12 -20.21 0.90
N CYS B 47 3.66 -19.57 1.93
CA CYS B 47 3.81 -20.24 3.21
C CYS B 47 2.46 -20.50 3.87
N ASN B 48 1.51 -19.56 3.68
CA ASN B 48 0.20 -19.72 4.30
C ASN B 48 -0.50 -20.98 3.83
N GLN B 49 -0.48 -21.24 2.52
CA GLN B 49 -1.18 -22.40 1.98
C GLN B 49 -0.62 -23.69 2.55
N ALA B 50 0.69 -23.87 2.49
CA ALA B 50 1.30 -25.10 2.98
C ALA B 50 1.08 -25.27 4.47
N CYS B 51 1.26 -24.20 5.25
CA CYS B 51 1.09 -24.30 6.68
C CYS B 51 -0.35 -24.65 7.05
N TYR B 52 -1.32 -24.01 6.40
CA TYR B 52 -2.72 -24.32 6.69
C TYR B 52 -3.05 -25.76 6.30
N ASP B 53 -2.56 -26.20 5.14
CA ASP B 53 -2.83 -27.58 4.71
C ASP B 53 -2.25 -28.58 5.70
N ARG B 54 -1.06 -28.30 6.23
CA ARG B 54 -0.49 -29.18 7.24
C ARG B 54 -1.29 -29.12 8.53
N ALA B 55 -1.84 -27.96 8.87
CA ALA B 55 -2.55 -27.81 10.13
C ALA B 55 -3.87 -28.58 10.13
N PHE B 56 -4.65 -28.44 9.06
CA PHE B 56 -6.00 -29.02 8.97
C PHE B 56 -6.10 -29.84 7.68
N PRO B 57 -5.63 -31.09 7.70
CA PRO B 57 -5.73 -31.90 6.48
C PRO B 57 -7.15 -32.03 5.96
N ILE B 58 -8.07 -32.51 6.80
CA ILE B 58 -9.48 -32.60 6.46
C ILE B 58 -10.27 -31.89 7.55
N SER B 59 -11.03 -30.87 7.17
CA SER B 59 -11.76 -30.07 8.14
C SER B 59 -12.72 -30.95 8.94
N HIS B 60 -13.16 -30.42 10.09
CA HIS B 60 -14.08 -31.17 10.94
C HIS B 60 -15.41 -31.39 10.23
N ILE B 61 -15.92 -30.36 9.54
CA ILE B 61 -17.27 -30.43 9.01
C ILE B 61 -17.38 -31.51 7.94
N ARG B 62 -16.36 -31.64 7.10
CA ARG B 62 -16.39 -32.67 6.06
C ARG B 62 -16.47 -34.05 6.70
N TYR B 63 -15.65 -34.30 7.72
CA TYR B 63 -15.64 -35.60 8.38
C TYR B 63 -17.00 -35.88 9.02
N TRP B 64 -17.57 -34.89 9.70
CA TRP B 64 -18.84 -35.13 10.37
C TRP B 64 -19.98 -35.36 9.38
N VAL B 65 -20.01 -34.59 8.28
CA VAL B 65 -21.04 -34.81 7.27
C VAL B 65 -20.90 -36.19 6.65
N PHE B 66 -19.66 -36.59 6.33
CA PHE B 66 -19.46 -37.91 5.76
C PHE B 66 -19.91 -39.00 6.71
N GLN B 67 -19.58 -38.87 8.00
CA GLN B 67 -20.02 -39.87 8.97
C GLN B 67 -21.54 -39.93 9.04
N ILE B 68 -22.20 -38.77 9.06
CA ILE B 68 -23.65 -38.75 9.16
C ILE B 68 -24.27 -39.44 7.96
N ILE B 69 -23.76 -39.15 6.76
CA ILE B 69 -24.31 -39.77 5.56
C ILE B 69 -24.04 -41.27 5.56
N MET B 70 -22.86 -41.69 6.01
CA MET B 70 -22.50 -43.10 5.97
C MET B 70 -23.33 -43.92 6.94
N VAL B 71 -23.59 -43.39 8.13
CA VAL B 71 -24.32 -44.16 9.15
C VAL B 71 -25.79 -44.36 8.80
N CYS B 72 -26.30 -43.69 7.76
CA CYS B 72 -27.70 -43.80 7.39
C CYS B 72 -27.94 -44.69 6.18
N THR B 73 -26.89 -45.24 5.58
CA THR B 73 -27.07 -46.12 4.43
C THR B 73 -27.91 -47.36 4.75
N PRO B 74 -27.71 -48.04 5.89
CA PRO B 74 -28.53 -49.23 6.16
C PRO B 74 -30.02 -48.96 6.15
N SER B 75 -30.45 -47.81 6.68
CA SER B 75 -31.87 -47.49 6.66
C SER B 75 -32.39 -47.36 5.23
N LEU B 76 -31.62 -46.68 4.37
CA LEU B 76 -32.02 -46.56 2.97
C LEU B 76 -32.10 -47.93 2.30
N CYS B 77 -31.12 -48.80 2.57
CA CYS B 77 -31.14 -50.13 1.98
C CYS B 77 -32.37 -50.91 2.43
N PHE B 78 -32.68 -50.86 3.73
CA PHE B 78 -33.84 -51.57 4.24
C PHE B 78 -35.13 -51.03 3.62
N ILE B 79 -35.25 -49.71 3.54
CA ILE B 79 -36.48 -49.12 3.00
C ILE B 79 -36.66 -49.49 1.53
N THR B 80 -35.58 -49.40 0.73
CA THR B 80 -35.71 -49.73 -0.68
C THR B 80 -35.99 -51.21 -0.88
N TYR B 81 -35.38 -52.08 -0.07
CA TYR B 81 -35.67 -53.50 -0.16
C TYR B 81 -37.13 -53.79 0.17
N SER B 82 -37.65 -53.16 1.23
CA SER B 82 -39.04 -53.37 1.58
C SER B 82 -39.97 -52.87 0.49
N VAL B 83 -39.67 -51.71 -0.09
CA VAL B 83 -40.51 -51.17 -1.16
C VAL B 83 -40.50 -52.10 -2.36
N HIS B 84 -39.32 -52.59 -2.75
CA HIS B 84 -39.22 -53.46 -3.92
C HIS B 84 -39.89 -54.80 -3.67
N GLN B 85 -39.86 -55.30 -2.43
CA GLN B 85 -40.48 -56.59 -2.14
C GLN B 85 -41.97 -56.56 -2.41
N SER B 86 -42.65 -55.49 -2.00
CA SER B 86 -44.08 -55.37 -2.22
C SER B 86 -44.38 -55.05 -3.68
N GLY B 206 -35.79 -64.15 5.23
CA GLY B 206 -34.61 -63.77 5.99
C GLY B 206 -34.66 -62.33 6.45
N ILE B 207 -35.86 -61.86 6.78
CA ILE B 207 -36.01 -60.47 7.24
C ILE B 207 -35.26 -60.27 8.55
N SER B 208 -35.36 -61.24 9.46
CA SER B 208 -34.63 -61.14 10.72
C SER B 208 -33.12 -61.12 10.49
N ARG B 209 -32.64 -61.96 9.57
CA ARG B 209 -31.22 -61.96 9.26
C ARG B 209 -30.78 -60.61 8.70
N PHE B 210 -31.58 -60.03 7.81
CA PHE B 210 -31.24 -58.71 7.27
C PHE B 210 -31.21 -57.65 8.37
N TYR B 211 -32.20 -57.70 9.27
CA TYR B 211 -32.24 -56.75 10.38
C TYR B 211 -30.98 -56.87 11.24
N ILE B 212 -30.62 -58.09 11.62
CA ILE B 212 -29.43 -58.29 12.45
C ILE B 212 -28.19 -57.81 11.74
N ILE B 213 -28.05 -58.15 10.45
CA ILE B 213 -26.86 -57.77 9.70
C ILE B 213 -26.75 -56.25 9.63
N GLN B 214 -27.85 -55.57 9.31
CA GLN B 214 -27.80 -54.13 9.17
C GLN B 214 -27.48 -53.46 10.51
N VAL B 215 -28.06 -53.95 11.60
CA VAL B 215 -27.78 -53.36 12.92
C VAL B 215 -26.31 -53.55 13.28
N VAL B 216 -25.79 -54.76 13.06
CA VAL B 216 -24.39 -55.03 13.40
C VAL B 216 -23.46 -54.16 12.57
N PHE B 217 -23.74 -54.03 11.26
CA PHE B 217 -22.90 -53.21 10.41
C PHE B 217 -22.95 -51.74 10.83
N ARG B 218 -24.14 -51.24 11.17
CA ARG B 218 -24.25 -49.86 11.62
C ARG B 218 -23.42 -49.64 12.88
N ASN B 219 -23.53 -50.55 13.84
CA ASN B 219 -22.79 -50.40 15.08
C ASN B 219 -21.28 -50.42 14.83
N ALA B 220 -20.83 -51.37 14.00
CA ALA B 220 -19.39 -51.46 13.71
C ALA B 220 -18.89 -50.19 13.03
N LEU B 221 -19.64 -49.69 12.05
CA LEU B 221 -19.24 -48.47 11.37
C LEU B 221 -19.18 -47.29 12.33
N GLU B 222 -20.17 -47.17 13.21
CA GLU B 222 -20.16 -46.05 14.15
C GLU B 222 -18.97 -46.13 15.08
N ILE B 223 -18.66 -47.32 15.60
CA ILE B 223 -17.51 -47.46 16.50
C ILE B 223 -16.23 -47.12 15.78
N GLY B 224 -16.06 -47.63 14.56
CA GLY B 224 -14.87 -47.32 13.79
C GLY B 224 -14.71 -45.84 13.53
N PHE B 225 -15.81 -45.17 13.17
CA PHE B 225 -15.75 -43.74 12.90
C PHE B 225 -15.41 -42.95 14.17
N LEU B 226 -15.97 -43.36 15.31
CA LEU B 226 -15.64 -42.67 16.56
C LEU B 226 -14.17 -42.82 16.89
N VAL B 227 -13.62 -44.04 16.74
CA VAL B 227 -12.20 -44.24 17.03
C VAL B 227 -11.35 -43.42 16.07
N GLY B 228 -11.70 -43.39 14.79
CA GLY B 228 -10.97 -42.59 13.84
C GLY B 228 -11.00 -41.11 14.20
N GLN B 229 -12.16 -40.61 14.60
CA GLN B 229 -12.26 -39.20 15.00
C GLN B 229 -11.36 -38.93 16.20
N TYR B 230 -11.39 -39.81 17.20
CA TYR B 230 -10.54 -39.59 18.37
C TYR B 230 -9.07 -39.57 17.99
N PHE B 231 -8.65 -40.47 17.09
CA PHE B 231 -7.24 -40.53 16.72
C PHE B 231 -6.83 -39.42 15.77
N LEU B 232 -7.78 -38.78 15.09
CA LEU B 232 -7.44 -37.72 14.15
C LEU B 232 -7.22 -36.39 14.86
N TYR B 233 -8.27 -35.87 15.50
CA TYR B 233 -8.28 -34.50 16.01
C TYR B 233 -7.95 -34.42 17.50
N GLY B 234 -8.39 -35.38 18.30
CA GLY B 234 -8.13 -35.37 19.72
C GLY B 234 -9.25 -34.65 20.47
N PHE B 235 -8.88 -33.77 21.40
CA PHE B 235 -9.85 -33.05 22.20
C PHE B 235 -9.57 -31.56 22.30
N SER B 236 -8.60 -31.01 21.57
CA SER B 236 -8.26 -29.62 21.68
C SER B 236 -7.83 -29.09 20.32
N VAL B 237 -7.90 -27.76 20.18
CA VAL B 237 -7.47 -27.07 18.97
C VAL B 237 -6.56 -25.92 19.37
N PRO B 238 -5.26 -26.13 19.50
CA PRO B 238 -4.39 -25.07 20.03
C PRO B 238 -4.37 -23.85 19.12
N GLY B 239 -4.18 -22.69 19.74
CA GLY B 239 -4.18 -21.45 18.99
C GLY B 239 -2.92 -21.23 18.17
N LEU B 240 -1.78 -21.68 18.68
CA LEU B 240 -0.49 -21.49 18.02
C LEU B 240 -0.03 -22.81 17.42
N TYR B 241 0.52 -22.76 16.21
CA TYR B 241 1.03 -23.93 15.53
C TYR B 241 2.40 -23.64 14.95
N GLU B 242 3.24 -24.67 14.89
CA GLU B 242 4.59 -24.58 14.35
C GLU B 242 4.62 -25.26 13.00
N CYS B 243 5.00 -24.52 11.96
CA CYS B 243 4.98 -25.00 10.58
C CYS B 243 6.40 -24.95 10.04
N ASN B 244 6.86 -26.09 9.50
CA ASN B 244 8.23 -26.21 9.00
C ASN B 244 8.23 -26.97 7.68
N ARG B 245 7.32 -26.63 6.78
CA ARG B 245 7.23 -27.28 5.48
C ARG B 245 7.63 -26.32 4.37
N TYR B 246 8.11 -26.88 3.28
CA TYR B 246 8.51 -26.08 2.13
C TYR B 246 7.31 -25.28 1.62
N PRO B 247 7.51 -24.02 1.19
CA PRO B 247 8.75 -23.24 1.07
C PRO B 247 9.12 -22.46 2.33
N CYS B 248 8.35 -22.61 3.40
CA CYS B 248 8.62 -21.85 4.61
C CYS B 248 10.03 -22.16 5.12
N ILE B 249 10.79 -21.12 5.41
CA ILE B 249 12.18 -21.27 5.81
C ILE B 249 12.24 -21.60 7.29
N LYS B 250 12.94 -22.69 7.63
CA LYS B 250 13.08 -23.12 9.01
C LYS B 250 11.69 -23.31 9.61
N GLU B 251 11.49 -22.92 10.87
CA GLU B 251 10.20 -23.06 11.54
C GLU B 251 9.55 -21.70 11.70
N VAL B 252 8.24 -21.64 11.48
CA VAL B 252 7.47 -20.42 11.63
C VAL B 252 6.27 -20.71 12.52
N GLU B 253 5.70 -19.65 13.07
CA GLU B 253 4.55 -19.73 13.98
C GLU B 253 3.32 -19.17 13.29
N CYS B 254 2.22 -19.90 13.38
CA CYS B 254 0.96 -19.51 12.76
C CYS B 254 -0.15 -19.51 13.80
N TYR B 255 -1.08 -18.58 13.64
CA TYR B 255 -2.13 -18.32 14.62
C TYR B 255 -3.47 -18.78 14.07
N VAL B 256 -4.15 -19.62 14.83
CA VAL B 256 -5.44 -20.17 14.42
C VAL B 256 -6.54 -19.18 14.78
N SER B 257 -7.71 -19.36 14.18
CA SER B 257 -8.88 -18.51 14.41
C SER B 257 -9.97 -19.31 15.10
N ARG B 258 -10.56 -18.74 16.14
CA ARG B 258 -11.66 -19.36 16.88
C ARG B 258 -11.26 -20.71 17.45
N PRO B 259 -10.33 -20.77 18.40
CA PRO B 259 -9.98 -22.05 19.03
C PRO B 259 -11.02 -22.55 20.01
N THR B 260 -11.56 -21.65 20.84
CA THR B 260 -12.42 -22.06 21.94
C THR B 260 -13.74 -22.65 21.43
N GLU B 261 -14.38 -21.96 20.49
CA GLU B 261 -15.64 -22.47 19.95
C GLU B 261 -15.46 -23.81 19.26
N LYS B 262 -14.37 -23.96 18.50
CA LYS B 262 -14.10 -25.24 17.86
C LYS B 262 -13.88 -26.34 18.88
N THR B 263 -13.16 -26.03 19.97
CA THR B 263 -12.95 -27.04 21.01
C THR B 263 -14.28 -27.45 21.64
N VAL B 264 -15.14 -26.48 21.93
CA VAL B 264 -16.43 -26.80 22.54
C VAL B 264 -17.26 -27.67 21.60
N PHE B 265 -17.28 -27.33 20.32
CA PHE B 265 -18.02 -28.13 19.35
C PHE B 265 -17.45 -29.55 19.25
N LEU B 266 -16.13 -29.69 19.25
CA LEU B 266 -15.52 -31.01 19.24
C LEU B 266 -15.99 -31.84 20.42
N VAL B 267 -15.91 -31.28 21.63
CA VAL B 267 -16.29 -32.04 22.81
C VAL B 267 -17.77 -32.42 22.75
N PHE B 268 -18.61 -31.48 22.30
CA PHE B 268 -20.05 -31.76 22.22
C PHE B 268 -20.33 -32.90 21.25
N MET B 269 -19.72 -32.87 20.06
CA MET B 269 -19.94 -33.93 19.10
C MET B 269 -19.42 -35.26 19.62
N PHE B 270 -18.28 -35.25 20.31
CA PHE B 270 -17.76 -36.50 20.88
C PHE B 270 -18.72 -37.08 21.90
N ALA B 271 -19.29 -36.23 22.76
CA ALA B 271 -20.25 -36.70 23.74
C ALA B 271 -21.48 -37.30 23.08
N VAL B 272 -22.00 -36.63 22.05
CA VAL B 272 -23.18 -37.14 21.36
C VAL B 272 -22.90 -38.50 20.72
N SER B 273 -21.75 -38.61 20.06
CA SER B 273 -21.39 -39.88 19.44
C SER B 273 -21.22 -40.98 20.48
N GLY B 274 -20.63 -40.64 21.63
CA GLY B 274 -20.49 -41.62 22.69
C GLY B 274 -21.84 -42.11 23.21
N ILE B 275 -22.79 -41.19 23.37
CA ILE B 275 -24.12 -41.60 23.82
C ILE B 275 -24.77 -42.50 22.80
N CYS B 276 -24.64 -42.17 21.51
CA CYS B 276 -25.21 -43.02 20.46
C CYS B 276 -24.60 -44.41 20.50
N VAL B 277 -23.28 -44.48 20.65
CA VAL B 277 -22.61 -45.78 20.69
C VAL B 277 -23.08 -46.58 21.89
N VAL B 278 -23.23 -45.92 23.05
CA VAL B 278 -23.68 -46.62 24.25
C VAL B 278 -25.06 -47.19 24.04
N LEU B 279 -25.97 -46.39 23.47
CA LEU B 279 -27.33 -46.87 23.24
C LEU B 279 -27.34 -48.05 22.26
N ASN B 280 -26.56 -47.95 21.19
CA ASN B 280 -26.52 -49.04 20.22
C ASN B 280 -25.97 -50.32 20.85
N LEU B 281 -24.91 -50.20 21.65
CA LEU B 281 -24.36 -51.37 22.32
C LEU B 281 -25.36 -51.97 23.30
N ALA B 282 -26.09 -51.13 24.03
CA ALA B 282 -27.10 -51.64 24.95
C ALA B 282 -28.19 -52.41 24.21
N GLU B 283 -28.66 -51.86 23.09
CA GLU B 283 -29.68 -52.56 22.31
C GLU B 283 -29.16 -53.87 21.77
N LEU B 284 -27.93 -53.87 21.25
CA LEU B 284 -27.36 -55.11 20.72
C LEU B 284 -27.23 -56.17 21.82
N ASN B 285 -26.77 -55.76 23.01
CA ASN B 285 -26.67 -56.70 24.12
C ASN B 285 -28.04 -57.24 24.50
N HIS B 286 -29.05 -56.36 24.54
CA HIS B 286 -30.40 -56.81 24.87
C HIS B 286 -30.88 -57.86 23.88
N LEU B 287 -30.72 -57.59 22.59
CA LEU B 287 -31.17 -58.55 21.58
C LEU B 287 -30.41 -59.87 21.70
N GLY B 288 -29.10 -59.80 21.90
CA GLY B 288 -28.29 -60.99 22.02
C GLY B 288 -28.29 -61.84 20.75
N SER C 4 -29.34 -62.30 -4.78
CA SER C 4 -28.12 -62.05 -5.54
C SER C 4 -28.39 -61.05 -6.67
N THR C 5 -29.06 -61.52 -7.72
CA THR C 5 -29.37 -60.64 -8.85
C THR C 5 -30.27 -59.49 -8.43
N MET C 6 -31.26 -59.76 -7.60
CA MET C 6 -32.16 -58.69 -7.15
C MET C 6 -31.45 -57.69 -6.26
N ILE C 7 -30.50 -58.15 -5.44
CA ILE C 7 -29.81 -57.26 -4.53
C ILE C 7 -28.98 -56.24 -5.30
N GLY C 8 -28.41 -56.64 -6.44
CA GLY C 8 -27.52 -55.75 -7.17
C GLY C 8 -28.20 -54.44 -7.55
N ARG C 9 -29.46 -54.50 -7.95
CA ARG C 9 -30.18 -53.27 -8.30
C ARG C 9 -30.30 -52.34 -7.10
N ILE C 10 -30.62 -52.91 -5.93
CA ILE C 10 -30.73 -52.10 -4.72
C ILE C 10 -29.39 -51.47 -4.38
N LEU C 11 -28.31 -52.24 -4.46
CA LEU C 11 -26.99 -51.70 -4.17
C LEU C 11 -26.65 -50.57 -5.14
N LEU C 12 -26.94 -50.76 -6.42
CA LEU C 12 -26.64 -49.73 -7.40
C LEU C 12 -27.42 -48.45 -7.11
N THR C 13 -28.71 -48.58 -6.81
CA THR C 13 -29.52 -47.40 -6.52
C THR C 13 -29.02 -46.68 -5.28
N VAL C 14 -28.70 -47.43 -4.23
CA VAL C 14 -28.22 -46.81 -2.99
C VAL C 14 -26.90 -46.10 -3.25
N VAL C 15 -26.00 -46.73 -4.01
CA VAL C 15 -24.70 -46.10 -4.29
C VAL C 15 -24.89 -44.83 -5.12
N VAL C 16 -25.82 -44.86 -6.08
CA VAL C 16 -26.08 -43.68 -6.89
C VAL C 16 -26.58 -42.53 -6.02
N ILE C 17 -27.53 -42.83 -5.13
CA ILE C 17 -28.06 -41.79 -4.25
C ILE C 17 -26.94 -41.26 -3.35
N PHE C 18 -26.10 -42.15 -2.82
CA PHE C 18 -25.03 -41.73 -1.92
C PHE C 18 -24.04 -40.81 -2.63
N ARG C 19 -23.61 -41.18 -3.84
CA ARG C 19 -22.66 -40.35 -4.56
C ARG C 19 -23.28 -39.01 -4.93
N ILE C 20 -24.56 -39.01 -5.33
CA ILE C 20 -25.23 -37.76 -5.66
C ILE C 20 -25.27 -36.84 -4.44
N LEU C 21 -25.63 -37.40 -3.28
CA LEU C 21 -25.69 -36.60 -2.07
C LEU C 21 -24.32 -36.05 -1.71
N ILE C 22 -23.27 -36.88 -1.83
CA ILE C 22 -21.93 -36.44 -1.50
C ILE C 22 -21.52 -35.28 -2.41
N VAL C 23 -21.74 -35.43 -3.71
CA VAL C 23 -21.34 -34.39 -4.66
C VAL C 23 -22.13 -33.11 -4.41
N ALA C 24 -23.40 -33.24 -4.02
CA ALA C 24 -24.22 -32.06 -3.81
C ALA C 24 -23.86 -31.33 -2.51
N ILE C 25 -23.46 -32.07 -1.48
CA ILE C 25 -23.26 -31.47 -0.16
C ILE C 25 -21.83 -31.00 0.04
N VAL C 26 -20.84 -31.84 -0.28
CA VAL C 26 -19.44 -31.52 -0.02
C VAL C 26 -18.70 -31.31 -1.33
N GLY C 27 -19.41 -30.83 -2.34
CA GLY C 27 -18.80 -30.62 -3.64
C GLY C 27 -18.43 -29.17 -3.91
N GLU C 28 -19.35 -28.25 -3.60
CA GLU C 28 -19.15 -26.85 -3.98
C GLU C 28 -18.20 -26.13 -3.03
N THR C 29 -18.54 -26.13 -1.74
CA THR C 29 -17.81 -25.30 -0.78
C THR C 29 -16.32 -25.62 -0.72
N VAL C 30 -15.93 -26.85 -1.06
CA VAL C 30 -14.51 -27.19 -1.04
C VAL C 30 -13.77 -26.42 -2.14
N TYR C 31 -14.42 -26.21 -3.29
CA TYR C 31 -13.82 -25.57 -4.44
C TYR C 31 -14.27 -24.11 -4.58
N ASP C 32 -14.64 -23.46 -3.48
CA ASP C 32 -15.12 -22.09 -3.56
C ASP C 32 -14.01 -21.11 -3.89
N ASP C 33 -12.85 -21.28 -3.25
CA ASP C 33 -11.73 -20.33 -3.36
C ASP C 33 -10.59 -20.88 -4.20
N GLU C 34 -10.91 -21.61 -5.29
CA GLU C 34 -9.86 -22.22 -6.09
C GLU C 34 -8.94 -21.17 -6.71
N GLN C 35 -9.51 -20.08 -7.23
CA GLN C 35 -8.73 -19.06 -7.91
C GLN C 35 -8.32 -17.90 -7.02
N THR C 36 -9.10 -17.61 -5.97
CA THR C 36 -8.76 -16.50 -5.09
C THR C 36 -7.46 -16.77 -4.35
N MET C 37 -7.25 -18.00 -3.89
CA MET C 37 -6.09 -18.34 -3.09
C MET C 37 -4.94 -18.90 -3.92
N PHE C 38 -5.09 -19.01 -5.24
CA PHE C 38 -4.00 -19.44 -6.10
C PHE C 38 -3.06 -18.28 -6.34
N VAL C 39 -1.79 -18.45 -5.96
CA VAL C 39 -0.80 -17.38 -6.03
C VAL C 39 0.45 -17.92 -6.72
N CYS C 40 1.19 -17.02 -7.35
CA CYS C 40 2.43 -17.35 -8.04
C CYS C 40 3.52 -16.37 -7.63
N ASN C 41 4.77 -16.81 -7.79
CA ASN C 41 5.93 -16.03 -7.34
C ASN C 41 6.46 -15.22 -8.51
N THR C 42 5.79 -14.11 -8.79
CA THR C 42 6.21 -13.21 -9.86
C THR C 42 5.47 -11.90 -9.71
N LEU C 43 5.93 -10.89 -10.47
CA LEU C 43 5.32 -9.57 -10.49
C LEU C 43 4.66 -9.23 -11.82
N GLN C 44 4.79 -10.08 -12.83
CA GLN C 44 4.22 -9.80 -14.13
C GLN C 44 2.70 -9.82 -14.04
N PRO C 45 1.99 -8.74 -14.40
CA PRO C 45 0.53 -8.81 -14.41
C PRO C 45 0.01 -9.85 -15.39
N GLY C 46 -1.06 -10.53 -14.99
CA GLY C 46 -1.70 -11.51 -15.84
C GLY C 46 -1.08 -12.88 -15.83
N CYS C 47 0.01 -13.09 -15.09
CA CYS C 47 0.61 -14.41 -15.02
C CYS C 47 -0.29 -15.39 -14.26
N ASN C 48 -0.99 -14.90 -13.23
CA ASN C 48 -1.83 -15.77 -12.42
C ASN C 48 -2.91 -16.42 -13.27
N GLN C 49 -3.59 -15.64 -14.13
CA GLN C 49 -4.68 -16.17 -14.92
C GLN C 49 -4.19 -17.28 -15.85
N ALA C 50 -3.14 -17.00 -16.61
CA ALA C 50 -2.64 -18.00 -17.56
C ALA C 50 -2.15 -19.24 -16.85
N CYS C 51 -1.40 -19.07 -15.75
CA CYS C 51 -0.87 -20.23 -15.05
C CYS C 51 -1.98 -21.08 -14.46
N TYR C 52 -2.99 -20.44 -13.86
CA TYR C 52 -4.12 -21.20 -13.31
C TYR C 52 -4.88 -21.93 -14.41
N ASP C 53 -5.12 -21.25 -15.54
CA ASP C 53 -5.83 -21.90 -16.63
C ASP C 53 -5.06 -23.11 -17.14
N ARG C 54 -3.74 -23.01 -17.22
CA ARG C 54 -2.94 -24.17 -17.61
C ARG C 54 -2.99 -25.27 -16.56
N ALA C 55 -3.05 -24.89 -15.28
CA ALA C 55 -3.03 -25.90 -14.22
C ALA C 55 -4.31 -26.71 -14.18
N PHE C 56 -5.47 -26.05 -14.24
CA PHE C 56 -6.78 -26.69 -14.12
C PHE C 56 -7.65 -26.31 -15.30
N PRO C 57 -7.50 -27.00 -16.43
CA PRO C 57 -8.34 -26.66 -17.59
C PRO C 57 -9.82 -26.74 -17.30
N ILE C 58 -10.28 -27.87 -16.77
CA ILE C 58 -11.67 -28.04 -16.36
C ILE C 58 -11.68 -28.58 -14.95
N SER C 59 -12.32 -27.83 -14.04
CA SER C 59 -12.31 -28.21 -12.63
C SER C 59 -12.93 -29.59 -12.44
N HIS C 60 -12.63 -30.20 -11.29
CA HIS C 60 -13.17 -31.53 -11.00
C HIS C 60 -14.68 -31.51 -10.92
N ILE C 61 -15.24 -30.48 -10.27
CA ILE C 61 -16.66 -30.46 -9.97
C ILE C 61 -17.48 -30.42 -11.25
N ARG C 62 -17.04 -29.64 -12.24
CA ARG C 62 -17.77 -29.56 -13.50
C ARG C 62 -17.83 -30.92 -14.17
N TYR C 63 -16.69 -31.61 -14.22
CA TYR C 63 -16.63 -32.92 -14.84
C TYR C 63 -17.55 -33.91 -14.12
N TRP C 64 -17.50 -33.91 -12.78
CA TRP C 64 -18.32 -34.87 -12.04
C TRP C 64 -19.80 -34.58 -12.20
N VAL C 65 -20.20 -33.30 -12.17
CA VAL C 65 -21.61 -32.96 -12.35
C VAL C 65 -22.07 -33.36 -13.74
N PHE C 66 -21.25 -33.09 -14.75
CA PHE C 66 -21.63 -33.46 -16.11
C PHE C 66 -21.78 -34.97 -16.24
N GLN C 67 -20.86 -35.73 -15.65
CA GLN C 67 -20.97 -37.19 -15.70
C GLN C 67 -22.24 -37.66 -15.02
N ILE C 68 -22.56 -37.10 -13.85
CA ILE C 68 -23.75 -37.51 -13.12
C ILE C 68 -25.00 -37.23 -13.94
N ILE C 69 -25.07 -36.05 -14.56
CA ILE C 69 -26.25 -35.72 -15.35
C ILE C 69 -26.34 -36.61 -16.59
N MET C 70 -25.20 -36.93 -17.19
CA MET C 70 -25.21 -37.71 -18.43
C MET C 70 -25.60 -39.16 -18.17
N VAL C 71 -25.16 -39.74 -17.05
CA VAL C 71 -25.46 -41.15 -16.80
C VAL C 71 -26.93 -41.38 -16.49
N CYS C 72 -27.68 -40.33 -16.18
CA CYS C 72 -29.09 -40.47 -15.80
C CYS C 72 -30.05 -40.20 -16.95
N THR C 73 -29.55 -39.87 -18.14
CA THR C 73 -30.44 -39.64 -19.27
C THR C 73 -31.27 -40.87 -19.63
N PRO C 74 -30.72 -42.09 -19.67
CA PRO C 74 -31.55 -43.24 -20.04
C PRO C 74 -32.78 -43.42 -19.15
N SER C 75 -32.64 -43.17 -17.85
CA SER C 75 -33.80 -43.30 -16.97
C SER C 75 -34.88 -42.28 -17.34
N LEU C 76 -34.49 -41.05 -17.63
CA LEU C 76 -35.46 -40.05 -18.06
C LEU C 76 -36.14 -40.46 -19.36
N CYS C 77 -35.36 -40.98 -20.32
CA CYS C 77 -35.96 -41.42 -21.57
C CYS C 77 -36.96 -42.53 -21.34
N PHE C 78 -36.61 -43.52 -20.51
CA PHE C 78 -37.51 -44.62 -20.22
C PHE C 78 -38.79 -44.11 -19.55
N ILE C 79 -38.65 -43.22 -18.57
CA ILE C 79 -39.81 -42.73 -17.86
C ILE C 79 -40.74 -41.95 -18.79
N THR C 80 -40.18 -41.06 -19.61
CA THR C 80 -41.01 -40.27 -20.50
C THR C 80 -41.68 -41.17 -21.55
N TYR C 81 -40.96 -42.17 -22.06
CA TYR C 81 -41.57 -43.08 -23.02
C TYR C 81 -42.73 -43.85 -22.39
N SER C 82 -42.53 -44.34 -21.17
CA SER C 82 -43.60 -45.07 -20.49
C SER C 82 -44.81 -44.17 -20.25
N VAL C 83 -44.56 -42.93 -19.81
CA VAL C 83 -45.67 -42.01 -19.56
C VAL C 83 -46.43 -41.72 -20.84
N HIS C 84 -45.70 -41.46 -21.94
CA HIS C 84 -46.37 -41.16 -23.20
C HIS C 84 -47.11 -42.37 -23.74
N GLN C 85 -46.64 -43.58 -23.43
CA GLN C 85 -47.31 -44.78 -23.94
C GLN C 85 -48.73 -44.88 -23.41
N SER C 86 -48.93 -44.57 -22.13
CA SER C 86 -50.26 -44.62 -21.53
C SER C 86 -51.13 -43.47 -22.02
N GLY C 206 -41.41 -53.86 -27.96
CA GLY C 206 -39.96 -53.80 -27.91
C GLY C 206 -39.45 -53.25 -26.60
N ILE C 207 -40.20 -53.49 -25.52
CA ILE C 207 -39.79 -53.01 -24.21
C ILE C 207 -38.47 -53.65 -23.79
N SER C 208 -38.33 -54.95 -24.02
CA SER C 208 -37.07 -55.64 -23.70
C SER C 208 -35.92 -55.08 -24.51
N ARG C 209 -36.15 -54.80 -25.80
CA ARG C 209 -35.11 -54.20 -26.62
C ARG C 209 -34.67 -52.85 -26.07
N PHE C 210 -35.64 -52.01 -25.69
CA PHE C 210 -35.30 -50.71 -25.11
C PHE C 210 -34.52 -50.86 -23.82
N TYR C 211 -34.94 -51.80 -22.97
CA TYR C 211 -34.24 -52.04 -21.70
C TYR C 211 -32.79 -52.43 -21.95
N ILE C 212 -32.57 -53.40 -22.85
CA ILE C 212 -31.21 -53.85 -23.14
C ILE C 212 -30.39 -52.71 -23.73
N ILE C 213 -30.96 -51.96 -24.66
CA ILE C 213 -30.23 -50.88 -25.31
C ILE C 213 -29.80 -49.84 -24.29
N GLN C 214 -30.72 -49.44 -23.40
CA GLN C 214 -30.38 -48.39 -22.45
C GLN C 214 -29.40 -48.88 -21.41
N VAL C 215 -29.49 -50.14 -20.99
CA VAL C 215 -28.50 -50.68 -20.07
C VAL C 215 -27.12 -50.66 -20.72
N VAL C 216 -27.03 -51.12 -21.97
CA VAL C 216 -25.74 -51.16 -22.64
C VAL C 216 -25.18 -49.76 -22.80
N PHE C 217 -26.03 -48.81 -23.19
CA PHE C 217 -25.56 -47.44 -23.37
C PHE C 217 -25.07 -46.85 -22.06
N ARG C 218 -25.81 -47.08 -20.97
CA ARG C 218 -25.36 -46.57 -19.67
C ARG C 218 -24.01 -47.16 -19.28
N ASN C 219 -23.83 -48.46 -19.47
CA ASN C 219 -22.57 -49.10 -19.10
C ASN C 219 -21.43 -48.53 -19.93
N ALA C 220 -21.64 -48.40 -21.25
CA ALA C 220 -20.59 -47.87 -22.11
C ALA C 220 -20.22 -46.45 -21.73
N LEU C 221 -21.23 -45.61 -21.47
CA LEU C 221 -20.96 -44.23 -21.09
C LEU C 221 -20.18 -44.17 -19.78
N GLU C 222 -20.57 -44.98 -18.81
CA GLU C 222 -19.87 -44.97 -17.52
C GLU C 222 -18.41 -45.39 -17.69
N ILE C 223 -18.16 -46.45 -18.46
CA ILE C 223 -16.79 -46.90 -18.66
C ILE C 223 -15.97 -45.82 -19.35
N GLY C 224 -16.53 -45.23 -20.40
CA GLY C 224 -15.81 -44.16 -21.10
C GLY C 224 -15.50 -42.99 -20.21
N PHE C 225 -16.47 -42.57 -19.38
CA PHE C 225 -16.23 -41.45 -18.49
C PHE C 225 -15.18 -41.78 -17.44
N LEU C 226 -15.20 -43.01 -16.91
CA LEU C 226 -14.17 -43.39 -15.94
C LEU C 226 -12.79 -43.36 -16.57
N VAL C 227 -12.65 -43.88 -17.79
CA VAL C 227 -11.34 -43.87 -18.45
C VAL C 227 -10.90 -42.44 -18.70
N GLY C 228 -11.82 -41.59 -19.16
CA GLY C 228 -11.47 -40.19 -19.38
C GLY C 228 -11.02 -39.51 -18.11
N GLN C 229 -11.71 -39.76 -17.00
CA GLN C 229 -11.32 -39.18 -15.72
C GLN C 229 -9.92 -39.63 -15.33
N TYR C 230 -9.64 -40.93 -15.48
CA TYR C 230 -8.33 -41.43 -15.12
C TYR C 230 -7.24 -40.77 -15.97
N PHE C 231 -7.50 -40.60 -17.26
CA PHE C 231 -6.49 -40.02 -18.14
C PHE C 231 -6.36 -38.51 -17.99
N LEU C 232 -7.38 -37.85 -17.42
CA LEU C 232 -7.32 -36.39 -17.27
C LEU C 232 -6.52 -35.99 -16.03
N TYR C 233 -7.00 -36.39 -14.85
CA TYR C 233 -6.47 -35.88 -13.59
C TYR C 233 -5.47 -36.81 -12.93
N GLY C 234 -5.64 -38.12 -13.07
CA GLY C 234 -4.72 -39.06 -12.44
C GLY C 234 -5.18 -39.42 -11.04
N PHE C 235 -4.24 -39.41 -10.09
CA PHE C 235 -4.55 -39.76 -8.72
C PHE C 235 -3.95 -38.81 -7.68
N SER C 236 -3.40 -37.66 -8.10
CA SER C 236 -2.77 -36.76 -7.16
C SER C 236 -2.94 -35.33 -7.64
N VAL C 237 -2.80 -34.39 -6.71
CA VAL C 237 -2.86 -32.96 -7.00
C VAL C 237 -1.65 -32.29 -6.37
N PRO C 238 -0.50 -32.25 -7.05
CA PRO C 238 0.72 -31.75 -6.41
C PRO C 238 0.57 -30.30 -5.96
N GLY C 239 1.22 -29.98 -4.85
CA GLY C 239 1.15 -28.63 -4.31
C GLY C 239 1.83 -27.60 -5.18
N LEU C 240 3.00 -27.93 -5.72
CA LEU C 240 3.79 -27.01 -6.52
C LEU C 240 3.62 -27.31 -8.00
N TYR C 241 3.53 -26.27 -8.81
CA TYR C 241 3.40 -26.41 -10.25
C TYR C 241 4.37 -25.47 -10.95
N GLU C 242 4.83 -25.87 -12.14
CA GLU C 242 5.73 -25.08 -12.95
C GLU C 242 4.98 -24.55 -14.16
N CYS C 243 4.96 -23.23 -14.29
CA CYS C 243 4.20 -22.54 -15.34
C CYS C 243 5.17 -21.77 -16.23
N ASN C 244 5.08 -22.01 -17.54
CA ASN C 244 5.98 -21.39 -18.51
C ASN C 244 5.21 -20.93 -19.74
N ARG C 245 4.08 -20.27 -19.52
CA ARG C 245 3.23 -19.77 -20.59
C ARG C 245 3.26 -18.24 -20.61
N TYR C 246 2.98 -17.68 -21.77
CA TYR C 246 2.94 -16.24 -21.93
C TYR C 246 1.87 -15.65 -21.01
N PRO C 247 2.11 -14.48 -20.40
CA PRO C 247 3.28 -13.59 -20.50
C PRO C 247 4.38 -13.86 -19.48
N CYS C 248 4.21 -14.88 -18.65
CA CYS C 248 5.23 -15.17 -17.64
C CYS C 248 6.57 -15.44 -18.30
N ILE C 249 7.61 -14.79 -17.78
CA ILE C 249 8.94 -14.87 -18.38
C ILE C 249 9.62 -16.15 -17.88
N LYS C 250 10.17 -16.92 -18.81
CA LYS C 250 10.83 -18.17 -18.47
C LYS C 250 9.87 -19.07 -17.71
N GLU C 251 10.33 -19.72 -16.65
CA GLU C 251 9.51 -20.61 -15.85
C GLU C 251 9.31 -20.04 -14.45
N VAL C 252 8.09 -20.18 -13.92
CA VAL C 252 7.76 -19.70 -12.59
C VAL C 252 7.11 -20.84 -11.81
N GLU C 253 7.10 -20.69 -10.50
CA GLU C 253 6.53 -21.68 -9.59
C GLU C 253 5.27 -21.14 -8.95
N CYS C 254 4.22 -21.96 -8.94
CA CYS C 254 2.93 -21.57 -8.39
C CYS C 254 2.49 -22.58 -7.35
N TYR C 255 1.78 -22.10 -6.33
CA TYR C 255 1.40 -22.90 -5.18
C TYR C 255 -0.10 -23.13 -5.17
N VAL C 256 -0.50 -24.40 -5.09
CA VAL C 256 -1.91 -24.78 -5.11
C VAL C 256 -2.47 -24.68 -3.69
N SER C 257 -3.80 -24.63 -3.60
CA SER C 257 -4.51 -24.55 -2.33
C SER C 257 -5.27 -25.84 -2.08
N ARG C 258 -5.15 -26.39 -0.86
CA ARG C 258 -5.86 -27.59 -0.46
C ARG C 258 -5.53 -28.77 -1.35
N PRO C 259 -4.28 -29.25 -1.34
CA PRO C 259 -3.95 -30.44 -2.13
C PRO C 259 -4.46 -31.75 -1.53
N THR C 260 -4.33 -31.89 -0.20
CA THR C 260 -4.63 -33.17 0.43
C THR C 260 -6.12 -33.50 0.35
N GLU C 261 -6.98 -32.53 0.66
CA GLU C 261 -8.42 -32.79 0.61
C GLU C 261 -8.86 -33.11 -0.81
N LYS C 262 -8.33 -32.39 -1.79
CA LYS C 262 -8.66 -32.67 -3.19
C LYS C 262 -8.21 -34.08 -3.59
N THR C 263 -7.02 -34.49 -3.15
CA THR C 263 -6.55 -35.84 -3.45
C THR C 263 -7.47 -36.89 -2.84
N VAL C 264 -7.87 -36.69 -1.58
CA VAL C 264 -8.74 -37.65 -0.93
C VAL C 264 -10.07 -37.75 -1.66
N PHE C 265 -10.64 -36.60 -2.04
CA PHE C 265 -11.89 -36.61 -2.77
C PHE C 265 -11.75 -37.31 -4.12
N LEU C 266 -10.64 -37.07 -4.82
CA LEU C 266 -10.40 -37.75 -6.08
C LEU C 266 -10.41 -39.27 -5.89
N VAL C 267 -9.66 -39.75 -4.90
CA VAL C 267 -9.57 -41.20 -4.69
C VAL C 267 -10.94 -41.76 -4.33
N PHE C 268 -11.67 -41.05 -3.48
CA PHE C 268 -13.00 -41.53 -3.07
C PHE C 268 -13.95 -41.64 -4.26
N MET C 269 -13.98 -40.60 -5.11
CA MET C 269 -14.85 -40.65 -6.27
C MET C 269 -14.43 -41.76 -7.23
N PHE C 270 -13.12 -41.96 -7.40
CA PHE C 270 -12.66 -43.04 -8.28
C PHE C 270 -13.12 -44.39 -7.75
N ALA C 271 -13.02 -44.60 -6.43
CA ALA C 271 -13.46 -45.87 -5.86
C ALA C 271 -14.96 -46.07 -6.05
N VAL C 272 -15.76 -45.03 -5.84
CA VAL C 272 -17.21 -45.14 -6.01
C VAL C 272 -17.54 -45.50 -7.46
N SER C 273 -16.90 -44.81 -8.41
CA SER C 273 -17.15 -45.08 -9.81
C SER C 273 -16.73 -46.51 -10.17
N GLY C 274 -15.61 -46.98 -9.63
CA GLY C 274 -15.19 -48.34 -9.87
C GLY C 274 -16.20 -49.35 -9.36
N ILE C 275 -16.74 -49.12 -8.16
CA ILE C 275 -17.74 -50.03 -7.62
C ILE C 275 -18.99 -50.04 -8.51
N CYS C 276 -19.42 -48.86 -8.96
CA CYS C 276 -20.59 -48.79 -9.84
C CYS C 276 -20.34 -49.56 -11.13
N VAL C 277 -19.16 -49.39 -11.72
CA VAL C 277 -18.84 -50.08 -12.96
C VAL C 277 -18.84 -51.59 -12.74
N VAL C 278 -18.26 -52.04 -11.61
CA VAL C 278 -18.22 -53.46 -11.32
C VAL C 278 -19.63 -54.02 -11.20
N LEU C 279 -20.50 -53.32 -10.48
CA LEU C 279 -21.87 -53.81 -10.32
C LEU C 279 -22.60 -53.85 -11.67
N ASN C 280 -22.43 -52.82 -12.49
CA ASN C 280 -23.08 -52.81 -13.80
C ASN C 280 -22.58 -53.95 -14.67
N LEU C 281 -21.28 -54.19 -14.67
CA LEU C 281 -20.72 -55.30 -15.45
C LEU C 281 -21.26 -56.63 -14.96
N ALA C 282 -21.35 -56.80 -13.64
CA ALA C 282 -21.87 -58.05 -13.09
C ALA C 282 -23.31 -58.27 -13.52
N GLU C 283 -24.13 -57.22 -13.45
CA GLU C 283 -25.53 -57.35 -13.87
C GLU C 283 -25.62 -57.68 -15.35
N LEU C 284 -24.82 -57.00 -16.18
CA LEU C 284 -24.85 -57.28 -17.62
C LEU C 284 -24.46 -58.71 -17.90
N ASN C 285 -23.41 -59.21 -17.24
CA ASN C 285 -23.01 -60.59 -17.43
C ASN C 285 -24.10 -61.55 -16.98
N HIS C 286 -24.76 -61.26 -15.86
CA HIS C 286 -25.83 -62.11 -15.38
C HIS C 286 -26.96 -62.18 -16.39
N LEU C 287 -27.35 -61.03 -16.95
CA LEU C 287 -28.43 -61.03 -17.94
C LEU C 287 -28.04 -61.83 -19.17
N GLY C 288 -26.81 -61.67 -19.64
CA GLY C 288 -26.34 -62.38 -20.82
C GLY C 288 -27.11 -62.00 -22.08
N SER D 4 -40.17 -43.93 -34.93
CA SER D 4 -39.44 -42.92 -35.69
C SER D 4 -40.00 -41.53 -35.42
N THR D 5 -41.18 -41.25 -35.99
CA THR D 5 -41.80 -39.95 -35.80
C THR D 5 -42.13 -39.69 -34.34
N MET D 6 -42.64 -40.71 -33.64
CA MET D 6 -43.00 -40.55 -32.24
C MET D 6 -41.75 -40.41 -31.36
N ILE D 7 -40.65 -41.06 -31.73
CA ILE D 7 -39.44 -40.98 -30.93
C ILE D 7 -38.88 -39.57 -30.93
N GLY D 8 -39.02 -38.85 -32.04
CA GLY D 8 -38.42 -37.52 -32.14
C GLY D 8 -38.90 -36.58 -31.05
N ARG D 9 -40.19 -36.65 -30.72
CA ARG D 9 -40.72 -35.78 -29.66
C ARG D 9 -40.06 -36.09 -28.32
N ILE D 10 -39.91 -37.37 -28.01
CA ILE D 10 -39.27 -37.75 -26.75
C ILE D 10 -37.83 -37.28 -26.72
N LEU D 11 -37.10 -37.47 -27.84
CA LEU D 11 -35.72 -37.02 -27.89
C LEU D 11 -35.63 -35.51 -27.69
N LEU D 12 -36.52 -34.75 -28.34
CA LEU D 12 -36.51 -33.30 -28.21
C LEU D 12 -36.77 -32.88 -26.77
N THR D 13 -37.77 -33.51 -26.12
CA THR D 13 -38.08 -33.15 -24.75
C THR D 13 -36.90 -33.47 -23.82
N VAL D 14 -36.29 -34.65 -24.00
CA VAL D 14 -35.15 -35.02 -23.16
C VAL D 14 -34.00 -34.05 -23.35
N VAL D 15 -33.73 -33.68 -24.60
CA VAL D 15 -32.63 -32.75 -24.87
C VAL D 15 -32.92 -31.39 -24.25
N VAL D 16 -34.16 -30.93 -24.34
CA VAL D 16 -34.53 -29.65 -23.76
C VAL D 16 -34.30 -29.69 -22.25
N ILE D 17 -34.76 -30.75 -21.59
CA ILE D 17 -34.58 -30.86 -20.15
C ILE D 17 -33.09 -30.88 -19.81
N PHE D 18 -32.30 -31.63 -20.59
CA PHE D 18 -30.87 -31.76 -20.32
C PHE D 18 -30.18 -30.41 -20.44
N ARG D 19 -30.45 -29.67 -21.52
CA ARG D 19 -29.80 -28.37 -21.69
C ARG D 19 -30.24 -27.39 -20.60
N ILE D 20 -31.51 -27.42 -20.23
CA ILE D 20 -31.99 -26.53 -19.16
C ILE D 20 -31.26 -26.84 -17.86
N LEU D 21 -31.13 -28.13 -17.53
CA LEU D 21 -30.44 -28.51 -16.31
C LEU D 21 -28.98 -28.08 -16.34
N ILE D 22 -28.32 -28.28 -17.49
CA ILE D 22 -26.91 -27.90 -17.60
C ILE D 22 -26.76 -26.40 -17.38
N VAL D 23 -27.58 -25.60 -18.06
CA VAL D 23 -27.47 -24.14 -17.95
C VAL D 23 -27.77 -23.69 -16.53
N ALA D 24 -28.72 -24.35 -15.86
CA ALA D 24 -29.08 -23.93 -14.51
C ALA D 24 -28.03 -24.34 -13.49
N ILE D 25 -27.35 -25.46 -13.69
CA ILE D 25 -26.45 -25.99 -12.68
C ILE D 25 -25.03 -25.48 -12.86
N VAL D 26 -24.47 -25.59 -14.07
CA VAL D 26 -23.07 -25.25 -14.31
C VAL D 26 -22.94 -23.93 -15.06
N GLY D 27 -23.99 -23.10 -15.07
CA GLY D 27 -23.94 -21.86 -15.80
C GLY D 27 -23.53 -20.67 -14.96
N GLU D 28 -24.22 -20.45 -13.84
CA GLU D 28 -24.02 -19.22 -13.07
C GLU D 28 -22.63 -19.17 -12.44
N THR D 29 -22.23 -20.26 -11.77
CA THR D 29 -21.03 -20.21 -10.94
C THR D 29 -19.76 -20.07 -11.78
N VAL D 30 -19.78 -20.53 -13.03
CA VAL D 30 -18.59 -20.42 -13.87
C VAL D 30 -18.28 -18.96 -14.18
N TYR D 31 -19.32 -18.14 -14.37
CA TYR D 31 -19.18 -16.74 -14.72
C TYR D 31 -19.34 -15.81 -13.52
N ASP D 32 -18.95 -16.26 -12.33
CA ASP D 32 -19.13 -15.45 -11.13
C ASP D 32 -18.12 -14.30 -11.08
N ASP D 33 -16.87 -14.58 -11.44
CA ASP D 33 -15.76 -13.63 -11.30
C ASP D 33 -15.32 -13.07 -12.65
N GLU D 34 -16.26 -12.83 -13.57
CA GLU D 34 -15.88 -12.37 -14.90
C GLU D 34 -15.18 -11.02 -14.85
N GLN D 35 -15.68 -10.09 -14.05
CA GLN D 35 -15.14 -8.74 -14.00
C GLN D 35 -14.12 -8.55 -12.88
N THR D 36 -14.23 -9.31 -11.78
CA THR D 36 -13.29 -9.14 -10.68
C THR D 36 -11.87 -9.53 -11.10
N MET D 37 -11.73 -10.61 -11.86
CA MET D 37 -10.42 -11.13 -12.26
C MET D 37 -9.96 -10.60 -13.60
N PHE D 38 -10.73 -9.73 -14.26
CA PHE D 38 -10.31 -9.12 -15.52
C PHE D 38 -9.36 -7.96 -15.20
N VAL D 39 -8.13 -8.04 -15.71
CA VAL D 39 -7.10 -7.06 -15.43
C VAL D 39 -6.48 -6.60 -16.73
N CYS D 40 -5.96 -5.37 -16.71
CA CYS D 40 -5.31 -4.78 -17.86
C CYS D 40 -3.97 -4.18 -17.44
N ASN D 41 -3.07 -4.03 -18.40
CA ASN D 41 -1.70 -3.58 -18.15
C ASN D 41 -1.63 -2.08 -18.38
N THR D 42 -2.13 -1.33 -17.39
CA THR D 42 -2.09 0.12 -17.46
C THR D 42 -2.38 0.69 -16.08
N LEU D 43 -2.17 2.01 -15.95
CA LEU D 43 -2.43 2.72 -14.71
C LEU D 43 -3.55 3.74 -14.81
N GLN D 44 -4.09 3.97 -16.01
CA GLN D 44 -5.15 4.94 -16.18
C GLN D 44 -6.41 4.49 -15.46
N PRO D 45 -6.97 5.27 -14.53
CA PRO D 45 -8.23 4.86 -13.91
C PRO D 45 -9.35 4.77 -14.94
N GLY D 46 -10.22 3.78 -14.76
CA GLY D 46 -11.37 3.59 -15.62
C GLY D 46 -11.09 2.86 -16.91
N CYS D 47 -9.83 2.48 -17.17
CA CYS D 47 -9.52 1.74 -18.39
C CYS D 47 -10.13 0.34 -18.34
N ASN D 48 -10.15 -0.27 -17.15
CA ASN D 48 -10.65 -1.63 -17.01
C ASN D 48 -12.12 -1.71 -17.41
N GLN D 49 -12.94 -0.76 -16.94
CA GLN D 49 -14.37 -0.81 -17.23
C GLN D 49 -14.63 -0.73 -18.73
N ALA D 50 -14.04 0.25 -19.40
CA ALA D 50 -14.27 0.41 -20.83
C ALA D 50 -13.77 -0.80 -21.60
N CYS D 51 -12.57 -1.29 -21.26
CA CYS D 51 -12.02 -2.43 -21.98
C CYS D 51 -12.89 -3.66 -21.81
N TYR D 52 -13.35 -3.93 -20.58
CA TYR D 52 -14.19 -5.09 -20.35
C TYR D 52 -15.52 -4.95 -21.09
N ASP D 53 -16.12 -3.75 -21.05
CA ASP D 53 -17.38 -3.55 -21.75
C ASP D 53 -17.22 -3.78 -23.25
N ARG D 54 -16.11 -3.34 -23.82
CA ARG D 54 -15.85 -3.59 -25.23
C ARG D 54 -15.62 -5.08 -25.49
N ALA D 55 -15.00 -5.79 -24.54
CA ALA D 55 -14.68 -7.19 -24.75
C ALA D 55 -15.93 -8.06 -24.76
N PHE D 56 -16.82 -7.87 -23.78
CA PHE D 56 -18.01 -8.71 -23.59
C PHE D 56 -19.24 -7.82 -23.52
N PRO D 57 -19.79 -7.43 -24.67
CA PRO D 57 -21.00 -6.57 -24.63
C PRO D 57 -22.14 -7.21 -23.87
N ILE D 58 -22.51 -8.44 -24.20
CA ILE D 58 -23.53 -9.20 -23.50
C ILE D 58 -22.97 -10.56 -23.16
N SER D 59 -22.94 -10.90 -21.87
CA SER D 59 -22.34 -12.16 -21.46
C SER D 59 -23.05 -13.34 -22.11
N HIS D 60 -22.38 -14.49 -22.11
CA HIS D 60 -22.96 -15.70 -22.69
C HIS D 60 -24.22 -16.12 -21.93
N ILE D 61 -24.17 -16.06 -20.60
CA ILE D 61 -25.26 -16.60 -19.79
C ILE D 61 -26.55 -15.84 -20.05
N ARG D 62 -26.46 -14.51 -20.19
CA ARG D 62 -27.65 -13.72 -20.48
C ARG D 62 -28.29 -14.17 -21.78
N TYR D 63 -27.48 -14.30 -22.84
CA TYR D 63 -28.02 -14.70 -24.14
C TYR D 63 -28.66 -16.08 -24.06
N TRP D 64 -27.99 -17.03 -23.40
CA TRP D 64 -28.52 -18.38 -23.34
C TRP D 64 -29.81 -18.45 -22.53
N VAL D 65 -29.86 -17.75 -21.40
CA VAL D 65 -31.08 -17.75 -20.59
C VAL D 65 -32.23 -17.11 -21.37
N PHE D 66 -31.95 -16.00 -22.06
CA PHE D 66 -33.00 -15.35 -22.83
C PHE D 66 -33.51 -16.27 -23.94
N GLN D 67 -32.60 -16.96 -24.63
CA GLN D 67 -33.02 -17.89 -25.67
C GLN D 67 -33.88 -19.00 -25.08
N ILE D 68 -33.47 -19.56 -23.94
CA ILE D 68 -34.23 -20.64 -23.33
C ILE D 68 -35.64 -20.18 -22.98
N ILE D 69 -35.74 -18.99 -22.39
CA ILE D 69 -37.06 -18.50 -21.99
C ILE D 69 -37.90 -18.19 -23.22
N MET D 70 -37.28 -17.69 -24.29
CA MET D 70 -38.04 -17.29 -25.48
C MET D 70 -38.57 -18.51 -26.23
N VAL D 71 -37.78 -19.58 -26.29
CA VAL D 71 -38.21 -20.74 -27.07
C VAL D 71 -39.36 -21.49 -26.42
N CYS D 72 -39.68 -21.19 -25.17
CA CYS D 72 -40.73 -21.90 -24.44
C CYS D 72 -42.05 -21.12 -24.39
N THR D 73 -42.11 -19.93 -24.98
CA THR D 73 -43.35 -19.18 -24.99
C THR D 73 -44.48 -19.93 -25.70
N PRO D 74 -44.27 -20.55 -26.86
CA PRO D 74 -45.40 -21.25 -27.51
C PRO D 74 -46.06 -22.29 -26.64
N SER D 75 -45.29 -23.04 -25.85
CA SER D 75 -45.90 -24.02 -24.96
C SER D 75 -46.80 -23.36 -23.94
N LEU D 76 -46.35 -22.25 -23.36
CA LEU D 76 -47.18 -21.53 -22.41
C LEU D 76 -48.46 -21.03 -23.06
N CYS D 77 -48.35 -20.49 -24.28
CA CYS D 77 -49.53 -20.01 -24.98
C CYS D 77 -50.52 -21.14 -25.23
N PHE D 78 -50.01 -22.30 -25.68
CA PHE D 78 -50.89 -23.43 -25.95
C PHE D 78 -51.57 -23.90 -24.66
N ILE D 79 -50.81 -24.00 -23.57
CA ILE D 79 -51.38 -24.48 -22.31
C ILE D 79 -52.45 -23.54 -21.80
N THR D 80 -52.17 -22.23 -21.83
CA THR D 80 -53.15 -21.28 -21.32
C THR D 80 -54.40 -21.25 -22.21
N TYR D 81 -54.22 -21.36 -23.53
CA TYR D 81 -55.37 -21.41 -24.42
C TYR D 81 -56.22 -22.63 -24.13
N SER D 82 -55.59 -23.79 -23.96
CA SER D 82 -56.34 -25.01 -23.66
C SER D 82 -57.08 -24.89 -22.33
N VAL D 83 -56.42 -24.32 -21.31
CA VAL D 83 -57.05 -24.18 -20.01
C VAL D 83 -58.25 -23.25 -20.11
N HIS D 84 -58.10 -22.13 -20.80
CA HIS D 84 -59.19 -21.17 -20.93
C HIS D 84 -60.34 -21.73 -21.76
N GLN D 85 -60.04 -22.60 -22.73
CA GLN D 85 -61.09 -23.15 -23.57
C GLN D 85 -62.09 -23.97 -22.76
N SER D 86 -61.59 -24.77 -21.82
CA SER D 86 -62.45 -25.58 -20.97
C SER D 86 -63.18 -24.72 -19.94
N GLY D 206 -59.81 -24.59 -34.99
CA GLY D 206 -58.52 -24.22 -35.55
C GLY D 206 -57.36 -24.71 -34.71
N ILE D 207 -57.57 -25.83 -34.00
CA ILE D 207 -56.51 -26.37 -33.16
C ILE D 207 -55.31 -26.78 -34.01
N SER D 208 -55.57 -27.41 -35.16
CA SER D 208 -54.47 -27.78 -36.05
C SER D 208 -53.73 -26.55 -36.56
N ARG D 209 -54.47 -25.49 -36.91
CA ARG D 209 -53.83 -24.27 -37.34
C ARG D 209 -52.94 -23.69 -36.25
N PHE D 210 -53.42 -23.68 -35.01
CA PHE D 210 -52.61 -23.18 -33.91
C PHE D 210 -51.35 -24.04 -33.72
N TYR D 211 -51.51 -25.36 -33.81
CA TYR D 211 -50.35 -26.25 -33.66
C TYR D 211 -49.31 -25.96 -34.74
N ILE D 212 -49.74 -25.86 -35.99
CA ILE D 212 -48.80 -25.60 -37.08
C ILE D 212 -48.13 -24.25 -36.88
N ILE D 213 -48.90 -23.23 -36.53
CA ILE D 213 -48.34 -21.89 -36.36
C ILE D 213 -47.29 -21.88 -35.26
N GLN D 214 -47.63 -22.50 -34.11
CA GLN D 214 -46.69 -22.49 -33.00
C GLN D 214 -45.41 -23.26 -33.33
N VAL D 215 -45.54 -24.40 -34.02
CA VAL D 215 -44.36 -25.18 -34.38
C VAL D 215 -43.47 -24.38 -35.33
N VAL D 216 -44.08 -23.76 -36.34
CA VAL D 216 -43.31 -22.99 -37.31
C VAL D 216 -42.61 -21.82 -36.63
N PHE D 217 -43.32 -21.12 -35.75
CA PHE D 217 -42.72 -19.98 -35.06
C PHE D 217 -41.57 -20.43 -34.17
N ARG D 218 -41.73 -21.55 -33.46
CA ARG D 218 -40.65 -22.05 -32.61
C ARG D 218 -39.43 -22.39 -33.46
N ASN D 219 -39.63 -23.05 -34.59
CA ASN D 219 -38.49 -23.42 -35.44
C ASN D 219 -37.79 -22.17 -35.96
N ALA D 220 -38.55 -21.19 -36.43
CA ALA D 220 -37.95 -19.97 -36.96
C ALA D 220 -37.17 -19.24 -35.89
N LEU D 221 -37.75 -19.12 -34.68
CA LEU D 221 -37.05 -18.44 -33.60
C LEU D 221 -35.76 -19.16 -33.24
N GLU D 222 -35.80 -20.50 -33.17
CA GLU D 222 -34.58 -21.24 -32.83
C GLU D 222 -33.50 -21.04 -33.88
N ILE D 223 -33.86 -21.10 -35.16
CA ILE D 223 -32.87 -20.93 -36.21
C ILE D 223 -32.27 -19.53 -36.15
N GLY D 224 -33.12 -18.51 -35.97
CA GLY D 224 -32.63 -17.15 -35.87
C GLY D 224 -31.69 -16.97 -34.70
N PHE D 225 -32.04 -17.54 -33.54
CA PHE D 225 -31.19 -17.41 -32.36
C PHE D 225 -29.87 -18.12 -32.56
N LEU D 226 -29.88 -19.29 -33.20
CA LEU D 226 -28.62 -19.99 -33.46
C LEU D 226 -27.73 -19.17 -34.37
N VAL D 227 -28.29 -18.59 -35.44
CA VAL D 227 -27.48 -17.78 -36.35
C VAL D 227 -26.92 -16.56 -35.62
N GLY D 228 -27.75 -15.91 -34.80
CA GLY D 228 -27.27 -14.78 -34.03
C GLY D 228 -26.14 -15.16 -33.10
N GLN D 229 -26.26 -16.30 -32.43
CA GLN D 229 -25.19 -16.75 -31.54
C GLN D 229 -23.91 -16.98 -32.32
N TYR D 230 -24.01 -17.64 -33.48
CA TYR D 230 -22.81 -17.89 -34.27
C TYR D 230 -22.15 -16.58 -34.68
N PHE D 231 -22.95 -15.59 -35.09
CA PHE D 231 -22.39 -14.33 -35.56
C PHE D 231 -21.91 -13.44 -34.42
N LEU D 232 -22.35 -13.69 -33.18
CA LEU D 232 -21.94 -12.85 -32.06
C LEU D 232 -20.59 -13.29 -31.51
N TYR D 233 -20.50 -14.53 -31.00
CA TYR D 233 -19.35 -14.97 -30.23
C TYR D 233 -18.37 -15.81 -31.03
N GLY D 234 -18.84 -16.55 -32.03
CA GLY D 234 -17.96 -17.39 -32.82
C GLY D 234 -17.75 -18.74 -32.17
N PHE D 235 -16.51 -19.19 -32.11
CA PHE D 235 -16.18 -20.48 -31.53
C PHE D 235 -15.00 -20.47 -30.59
N SER D 236 -14.49 -19.30 -30.20
CA SER D 236 -13.32 -19.24 -29.34
C SER D 236 -13.39 -18.00 -28.47
N VAL D 237 -12.63 -18.02 -27.38
CA VAL D 237 -12.52 -16.90 -26.45
C VAL D 237 -11.05 -16.62 -26.21
N PRO D 238 -10.38 -15.82 -27.03
CA PRO D 238 -8.93 -15.67 -26.90
C PRO D 238 -8.55 -15.09 -25.54
N GLY D 239 -7.39 -15.53 -25.04
CA GLY D 239 -6.92 -15.05 -23.75
C GLY D 239 -6.57 -13.57 -23.74
N LEU D 240 -5.89 -13.10 -24.78
CA LEU D 240 -5.41 -11.73 -24.86
C LEU D 240 -6.34 -10.91 -25.74
N TYR D 241 -6.59 -9.67 -25.33
CA TYR D 241 -7.42 -8.75 -26.10
C TYR D 241 -6.73 -7.39 -26.19
N GLU D 242 -6.97 -6.70 -27.30
CA GLU D 242 -6.42 -5.37 -27.55
C GLU D 242 -7.55 -4.35 -27.39
N CYS D 243 -7.35 -3.39 -26.49
CA CYS D 243 -8.36 -2.40 -26.15
C CYS D 243 -7.81 -1.01 -26.46
N ASN D 244 -8.57 -0.25 -27.24
CA ASN D 244 -8.15 1.09 -27.69
C ASN D 244 -9.32 2.06 -27.62
N ARG D 245 -10.07 2.05 -26.51
CA ARG D 245 -11.20 2.93 -26.33
C ARG D 245 -10.90 3.95 -25.23
N TYR D 246 -11.56 5.10 -25.33
CA TYR D 246 -11.37 6.14 -24.33
C TYR D 246 -11.77 5.63 -22.95
N PRO D 247 -11.04 6.00 -21.88
CA PRO D 247 -9.87 6.88 -21.81
C PRO D 247 -8.53 6.18 -22.01
N CYS D 248 -8.56 4.89 -22.31
CA CYS D 248 -7.33 4.11 -22.42
C CYS D 248 -6.44 4.75 -23.49
N ILE D 249 -5.19 5.01 -23.13
CA ILE D 249 -4.28 5.73 -24.02
C ILE D 249 -3.71 4.76 -25.05
N LYS D 250 -3.83 5.12 -26.33
CA LYS D 250 -3.34 4.27 -27.41
C LYS D 250 -3.97 2.90 -27.30
N GLU D 251 -3.20 1.84 -27.52
CA GLU D 251 -3.69 0.47 -27.43
C GLU D 251 -3.07 -0.21 -26.22
N VAL D 252 -3.88 -0.98 -25.49
CA VAL D 252 -3.43 -1.70 -24.32
C VAL D 252 -3.85 -3.16 -24.46
N GLU D 253 -3.18 -4.02 -23.69
CA GLU D 253 -3.44 -5.45 -23.71
C GLU D 253 -4.10 -5.88 -22.40
N CYS D 254 -5.17 -6.64 -22.52
CA CYS D 254 -5.93 -7.11 -21.37
C CYS D 254 -6.03 -8.63 -21.40
N TYR D 255 -6.02 -9.23 -20.22
CA TYR D 255 -5.95 -10.68 -20.07
C TYR D 255 -7.29 -11.20 -19.56
N VAL D 256 -7.84 -12.18 -20.27
CA VAL D 256 -9.13 -12.76 -19.92
C VAL D 256 -8.92 -13.87 -18.88
N SER D 257 -10.00 -14.23 -18.19
CA SER D 257 -9.98 -15.27 -17.18
C SER D 257 -10.77 -16.47 -17.66
N ARG D 258 -10.20 -17.67 -17.49
CA ARG D 258 -10.86 -18.92 -17.86
C ARG D 258 -11.25 -18.96 -19.33
N PRO D 259 -10.28 -18.97 -20.24
CA PRO D 259 -10.62 -19.08 -21.66
C PRO D 259 -11.04 -20.48 -22.09
N THR D 260 -10.34 -21.51 -21.59
CA THR D 260 -10.55 -22.87 -22.08
C THR D 260 -11.93 -23.39 -21.68
N GLU D 261 -12.33 -23.21 -20.43
CA GLU D 261 -13.62 -23.69 -19.98
C GLU D 261 -14.75 -22.99 -20.73
N LYS D 262 -14.61 -21.67 -20.93
CA LYS D 262 -15.62 -20.94 -21.68
C LYS D 262 -15.71 -21.44 -23.13
N THR D 263 -14.56 -21.73 -23.74
CA THR D 263 -14.58 -22.26 -25.11
C THR D 263 -15.28 -23.61 -25.17
N VAL D 264 -14.99 -24.49 -24.20
CA VAL D 264 -15.62 -25.80 -24.19
C VAL D 264 -17.13 -25.66 -24.02
N PHE D 265 -17.56 -24.78 -23.10
CA PHE D 265 -18.99 -24.58 -22.91
C PHE D 265 -19.65 -24.02 -24.16
N LEU D 266 -19.00 -23.08 -24.84
CA LEU D 266 -19.52 -22.55 -26.09
C LEU D 266 -19.74 -23.66 -27.11
N VAL D 267 -18.72 -24.49 -27.32
CA VAL D 267 -18.85 -25.55 -28.32
C VAL D 267 -19.96 -26.52 -27.93
N PHE D 268 -20.05 -26.87 -26.65
CA PHE D 268 -21.08 -27.80 -26.19
C PHE D 268 -22.48 -27.25 -26.44
N MET D 269 -22.70 -25.97 -26.08
CA MET D 269 -24.01 -25.38 -26.30
C MET D 269 -24.33 -25.30 -27.79
N PHE D 270 -23.33 -24.97 -28.61
CA PHE D 270 -23.58 -24.92 -30.05
C PHE D 270 -24.00 -26.28 -30.58
N ALA D 271 -23.33 -27.35 -30.13
CA ALA D 271 -23.69 -28.69 -30.58
C ALA D 271 -25.11 -29.05 -30.15
N VAL D 272 -25.48 -28.73 -28.91
CA VAL D 272 -26.82 -29.05 -28.43
C VAL D 272 -27.86 -28.31 -29.25
N SER D 273 -27.63 -27.02 -29.50
CA SER D 273 -28.57 -26.23 -30.29
C SER D 273 -28.67 -26.78 -31.72
N GLY D 274 -27.56 -27.19 -32.29
CA GLY D 274 -27.59 -27.78 -33.62
C GLY D 274 -28.43 -29.05 -33.67
N ILE D 275 -28.26 -29.91 -32.65
CA ILE D 275 -29.06 -31.14 -32.61
C ILE D 275 -30.55 -30.80 -32.49
N CYS D 276 -30.88 -29.83 -31.64
CA CYS D 276 -32.28 -29.43 -31.51
C CYS D 276 -32.84 -28.93 -32.83
N VAL D 277 -32.07 -28.09 -33.53
CA VAL D 277 -32.53 -27.56 -34.81
C VAL D 277 -32.73 -28.68 -35.81
N VAL D 278 -31.80 -29.64 -35.84
CA VAL D 278 -31.92 -30.76 -36.77
C VAL D 278 -33.19 -31.55 -36.49
N LEU D 279 -33.45 -31.85 -35.23
CA LEU D 279 -34.65 -32.61 -34.88
C LEU D 279 -35.92 -31.83 -35.26
N ASN D 280 -35.95 -30.53 -34.98
CA ASN D 280 -37.13 -29.74 -35.32
C ASN D 280 -37.34 -29.70 -36.82
N LEU D 281 -36.27 -29.53 -37.60
CA LEU D 281 -36.40 -29.53 -39.05
C LEU D 281 -36.89 -30.87 -39.56
N ALA D 282 -36.38 -31.97 -39.00
CA ALA D 282 -36.84 -33.29 -39.41
C ALA D 282 -38.32 -33.46 -39.14
N GLU D 283 -38.79 -33.05 -37.95
CA GLU D 283 -40.21 -33.17 -37.64
C GLU D 283 -41.05 -32.31 -38.58
N LEU D 284 -40.61 -31.09 -38.83
CA LEU D 284 -41.36 -30.21 -39.73
C LEU D 284 -41.45 -30.81 -41.13
N ASN D 285 -40.34 -31.36 -41.63
CA ASN D 285 -40.36 -32.00 -42.94
C ASN D 285 -41.29 -33.20 -42.95
N HIS D 286 -41.28 -34.00 -41.87
CA HIS D 286 -42.17 -35.15 -41.80
C HIS D 286 -43.63 -34.72 -41.85
N LEU D 287 -43.99 -33.68 -41.10
CA LEU D 287 -45.37 -33.22 -41.10
C LEU D 287 -45.78 -32.72 -42.49
N GLY D 288 -44.91 -31.97 -43.15
CA GLY D 288 -45.22 -31.45 -44.47
C GLY D 288 -46.40 -30.50 -44.47
N SER E 4 -60.08 -12.98 -32.10
CA SER E 4 -59.53 -11.62 -32.16
C SER E 4 -59.41 -11.03 -30.77
N THR E 5 -60.55 -10.54 -30.24
CA THR E 5 -60.53 -9.94 -28.90
C THR E 5 -60.16 -10.96 -27.83
N MET E 6 -60.64 -12.21 -27.97
CA MET E 6 -60.40 -13.22 -26.95
C MET E 6 -58.91 -13.55 -26.84
N ILE E 7 -58.20 -13.62 -27.96
CA ILE E 7 -56.77 -13.95 -27.92
C ILE E 7 -56.00 -12.89 -27.15
N GLY E 8 -56.50 -11.65 -27.13
CA GLY E 8 -55.78 -10.57 -26.48
C GLY E 8 -55.49 -10.86 -25.02
N ARG E 9 -56.46 -11.45 -24.32
CA ARG E 9 -56.27 -11.77 -22.91
C ARG E 9 -55.12 -12.77 -22.73
N ILE E 10 -55.09 -13.80 -23.58
CA ILE E 10 -54.02 -14.79 -23.51
C ILE E 10 -52.67 -14.14 -23.79
N LEU E 11 -52.62 -13.28 -24.81
CA LEU E 11 -51.36 -12.60 -25.12
C LEU E 11 -50.90 -11.75 -23.95
N LEU E 12 -51.83 -11.02 -23.33
CA LEU E 12 -51.47 -10.17 -22.19
C LEU E 12 -50.94 -11.01 -21.04
N THR E 13 -51.61 -12.12 -20.72
CA THR E 13 -51.16 -12.96 -19.62
C THR E 13 -49.78 -13.55 -19.90
N VAL E 14 -49.57 -14.03 -21.13
CA VAL E 14 -48.26 -14.60 -21.47
C VAL E 14 -47.18 -13.54 -21.38
N VAL E 15 -47.46 -12.33 -21.87
CA VAL E 15 -46.46 -11.27 -21.82
C VAL E 15 -46.15 -10.90 -20.37
N VAL E 16 -47.17 -10.85 -19.52
CA VAL E 16 -46.95 -10.53 -18.11
C VAL E 16 -46.05 -11.59 -17.47
N ILE E 17 -46.36 -12.86 -17.72
CA ILE E 17 -45.53 -13.92 -17.15
C ILE E 17 -44.10 -13.82 -17.66
N PHE E 18 -43.93 -13.54 -18.95
CA PHE E 18 -42.60 -13.46 -19.55
C PHE E 18 -41.79 -12.32 -18.93
N ARG E 19 -42.40 -11.14 -18.81
CA ARG E 19 -41.68 -10.01 -18.23
C ARG E 19 -41.34 -10.26 -16.77
N ILE E 20 -42.27 -10.87 -16.01
CA ILE E 20 -41.97 -11.17 -14.62
C ILE E 20 -40.80 -12.14 -14.52
N LEU E 21 -40.80 -13.18 -15.35
CA LEU E 21 -39.70 -14.15 -15.33
C LEU E 21 -38.38 -13.49 -15.68
N ILE E 22 -38.37 -12.63 -16.70
CA ILE E 22 -37.15 -11.97 -17.11
C ILE E 22 -36.61 -11.10 -15.98
N VAL E 23 -37.49 -10.30 -15.38
CA VAL E 23 -37.04 -9.39 -14.32
C VAL E 23 -36.54 -10.18 -13.12
N ALA E 24 -37.19 -11.29 -12.80
CA ALA E 24 -36.78 -12.08 -11.64
C ALA E 24 -35.51 -12.88 -11.89
N ILE E 25 -35.22 -13.24 -13.13
CA ILE E 25 -34.10 -14.14 -13.42
C ILE E 25 -32.84 -13.36 -13.78
N VAL E 26 -32.93 -12.43 -14.73
CA VAL E 26 -31.74 -11.76 -15.25
C VAL E 26 -31.66 -10.33 -14.75
N GLY E 27 -32.36 -10.04 -13.65
CA GLY E 27 -32.38 -8.69 -13.12
C GLY E 27 -31.43 -8.46 -11.95
N GLU E 28 -31.45 -9.36 -10.97
CA GLU E 28 -30.75 -9.10 -9.72
C GLU E 28 -29.24 -9.08 -9.90
N THR E 29 -28.68 -10.11 -10.54
CA THR E 29 -27.23 -10.26 -10.56
C THR E 29 -26.55 -9.33 -11.56
N VAL E 30 -27.29 -8.76 -12.51
CA VAL E 30 -26.69 -7.80 -13.43
C VAL E 30 -26.27 -6.55 -12.66
N TYR E 31 -27.09 -6.10 -11.72
CA TYR E 31 -26.82 -4.91 -10.93
C TYR E 31 -26.21 -5.23 -9.57
N ASP E 32 -25.41 -6.29 -9.50
CA ASP E 32 -24.84 -6.69 -8.21
C ASP E 32 -23.72 -5.75 -7.78
N ASP E 33 -22.87 -5.34 -8.71
CA ASP E 33 -21.68 -4.54 -8.41
C ASP E 33 -21.81 -3.11 -8.92
N GLU E 34 -22.99 -2.50 -8.81
CA GLU E 34 -23.19 -1.16 -9.33
C GLU E 34 -22.29 -0.15 -8.62
N GLN E 35 -22.18 -0.25 -7.30
CA GLN E 35 -21.42 0.72 -6.52
C GLN E 35 -19.98 0.30 -6.30
N THR E 36 -19.69 -1.00 -6.25
CA THR E 36 -18.33 -1.46 -6.00
C THR E 36 -17.40 -1.05 -7.14
N MET E 37 -17.87 -1.16 -8.39
CA MET E 37 -17.05 -0.89 -9.56
C MET E 37 -17.17 0.55 -10.05
N PHE E 38 -18.00 1.37 -9.40
CA PHE E 38 -18.11 2.78 -9.77
C PHE E 38 -16.92 3.53 -9.18
N VAL E 39 -16.11 4.14 -10.04
CA VAL E 39 -14.90 4.82 -9.63
C VAL E 39 -14.89 6.22 -10.23
N CYS E 40 -14.21 7.14 -9.56
CA CYS E 40 -14.08 8.52 -10.00
C CYS E 40 -12.62 8.94 -9.94
N ASN E 41 -12.27 9.93 -10.76
CA ASN E 41 -10.90 10.38 -10.92
C ASN E 41 -10.64 11.54 -9.96
N THR E 42 -10.42 11.19 -8.69
CA THR E 42 -10.13 12.19 -7.66
C THR E 42 -9.59 11.49 -6.43
N LEU E 43 -9.09 12.29 -5.49
CA LEU E 43 -8.57 11.80 -4.23
C LEU E 43 -9.37 12.24 -3.01
N GLN E 44 -10.36 13.11 -3.19
CA GLN E 44 -11.13 13.61 -2.07
C GLN E 44 -11.97 12.47 -1.48
N PRO E 45 -11.85 12.15 -0.21
CA PRO E 45 -12.72 11.12 0.38
C PRO E 45 -14.18 11.53 0.31
N GLY E 46 -15.05 10.55 0.05
CA GLY E 46 -16.47 10.78 0.01
C GLY E 46 -17.00 11.29 -1.31
N CYS E 47 -16.14 11.55 -2.29
CA CYS E 47 -16.63 12.00 -3.59
C CYS E 47 -17.39 10.89 -4.30
N ASN E 48 -16.95 9.64 -4.13
CA ASN E 48 -17.61 8.53 -4.81
C ASN E 48 -19.08 8.42 -4.40
N GLN E 49 -19.35 8.52 -3.10
CA GLN E 49 -20.72 8.35 -2.62
C GLN E 49 -21.64 9.41 -3.20
N ALA E 50 -21.25 10.68 -3.09
CA ALA E 50 -22.10 11.75 -3.58
C ALA E 50 -22.29 11.66 -5.09
N CYS E 51 -21.20 11.40 -5.82
CA CYS E 51 -21.31 11.34 -7.27
C CYS E 51 -22.20 10.19 -7.71
N TYR E 52 -22.05 9.01 -7.09
CA TYR E 52 -22.91 7.89 -7.44
C TYR E 52 -24.36 8.18 -7.11
N ASP E 53 -24.62 8.78 -5.94
CA ASP E 53 -25.99 9.08 -5.57
C ASP E 53 -26.62 10.05 -6.56
N ARG E 54 -25.86 11.05 -7.01
CA ARG E 54 -26.37 11.96 -8.02
C ARG E 54 -26.58 11.26 -9.36
N ALA E 55 -25.75 10.27 -9.67
CA ALA E 55 -25.85 9.61 -10.97
C ALA E 55 -27.08 8.71 -11.05
N PHE E 56 -27.35 7.93 -10.00
CA PHE E 56 -28.43 6.95 -9.99
C PHE E 56 -29.28 7.16 -8.74
N PRO E 57 -30.22 8.10 -8.77
CA PRO E 57 -31.06 8.33 -7.58
C PRO E 57 -31.79 7.08 -7.12
N ILE E 58 -32.57 6.46 -8.01
CA ILE E 58 -33.25 5.19 -7.74
C ILE E 58 -32.87 4.22 -8.84
N SER E 59 -32.29 3.09 -8.45
CA SER E 59 -31.81 2.13 -9.43
C SER E 59 -32.97 1.64 -10.29
N HIS E 60 -32.62 1.04 -11.44
CA HIS E 60 -33.65 0.53 -12.35
C HIS E 60 -34.44 -0.60 -11.71
N ILE E 61 -33.76 -1.52 -11.03
CA ILE E 61 -34.40 -2.74 -10.58
C ILE E 61 -35.46 -2.44 -9.52
N ARG E 62 -35.18 -1.50 -8.62
CA ARG E 62 -36.18 -1.14 -7.62
C ARG E 62 -37.44 -0.60 -8.30
N TYR E 63 -37.27 0.29 -9.27
CA TYR E 63 -38.40 0.87 -9.96
C TYR E 63 -39.21 -0.20 -10.68
N TRP E 64 -38.53 -1.13 -11.37
CA TRP E 64 -39.24 -2.15 -12.12
C TRP E 64 -39.98 -3.11 -11.19
N VAL E 65 -39.35 -3.50 -10.08
CA VAL E 65 -40.02 -4.39 -9.13
C VAL E 65 -41.24 -3.69 -8.54
N PHE E 66 -41.10 -2.42 -8.18
CA PHE E 66 -42.24 -1.70 -7.62
C PHE E 66 -43.38 -1.61 -8.64
N GLN E 67 -43.05 -1.32 -9.90
CA GLN E 67 -44.09 -1.27 -10.93
C GLN E 67 -44.78 -2.62 -11.07
N ILE E 68 -44.01 -3.70 -11.09
CA ILE E 68 -44.59 -5.03 -11.26
C ILE E 68 -45.54 -5.34 -10.11
N ILE E 69 -45.12 -5.03 -8.88
CA ILE E 69 -45.99 -5.30 -7.73
C ILE E 69 -47.24 -4.44 -7.79
N MET E 70 -47.09 -3.17 -8.17
CA MET E 70 -48.22 -2.26 -8.15
C MET E 70 -49.26 -2.63 -9.20
N VAL E 71 -48.82 -3.07 -10.38
CA VAL E 71 -49.76 -3.36 -11.46
C VAL E 71 -50.57 -4.64 -11.22
N CYS E 72 -50.28 -5.38 -10.15
CA CYS E 72 -50.99 -6.62 -9.86
C CYS E 72 -51.96 -6.49 -8.69
N THR E 73 -52.04 -5.33 -8.05
CA THR E 73 -52.97 -5.17 -6.93
C THR E 73 -54.42 -5.38 -7.35
N PRO E 74 -54.90 -4.85 -8.49
CA PRO E 74 -56.32 -5.07 -8.84
C PRO E 74 -56.71 -6.52 -8.90
N SER E 75 -55.84 -7.39 -9.42
CA SER E 75 -56.18 -8.82 -9.47
C SER E 75 -56.34 -9.39 -8.07
N LEU E 76 -55.45 -9.03 -7.15
CA LEU E 76 -55.57 -9.49 -5.77
C LEU E 76 -56.87 -9.00 -5.15
N CYS E 77 -57.20 -7.73 -5.38
CA CYS E 77 -58.44 -7.19 -4.83
C CYS E 77 -59.66 -7.94 -5.36
N PHE E 78 -59.68 -8.19 -6.68
CA PHE E 78 -60.81 -8.90 -7.27
C PHE E 78 -60.91 -10.31 -6.71
N ILE E 79 -59.78 -11.01 -6.60
CA ILE E 79 -59.80 -12.39 -6.11
C ILE E 79 -60.29 -12.44 -4.67
N THR E 80 -59.77 -11.55 -3.82
CA THR E 80 -60.19 -11.58 -2.42
C THR E 80 -61.65 -11.19 -2.27
N TYR E 81 -62.12 -10.23 -3.06
CA TYR E 81 -63.54 -9.87 -3.00
C TYR E 81 -64.42 -11.04 -3.42
N SER E 82 -64.02 -11.74 -4.50
CA SER E 82 -64.81 -12.89 -4.94
C SER E 82 -64.81 -13.99 -3.89
N VAL E 83 -63.66 -14.25 -3.26
CA VAL E 83 -63.59 -15.28 -2.25
C VAL E 83 -64.48 -14.92 -1.05
N HIS E 84 -64.41 -13.66 -0.61
CA HIS E 84 -65.21 -13.24 0.54
C HIS E 84 -66.69 -13.30 0.22
N GLN E 85 -67.08 -12.91 -0.99
CA GLN E 85 -68.50 -12.93 -1.36
C GLN E 85 -69.06 -14.34 -1.31
N SER E 86 -68.32 -15.31 -1.83
CA SER E 86 -68.77 -16.70 -1.83
C SER E 86 -68.57 -17.33 -0.45
N GLY E 206 -72.69 -4.91 -8.29
CA GLY E 206 -72.12 -4.32 -9.49
C GLY E 206 -70.82 -4.99 -9.92
N ILE E 207 -70.91 -6.28 -10.24
CA ILE E 207 -69.72 -7.01 -10.67
C ILE E 207 -69.15 -6.40 -11.94
N SER E 208 -70.02 -6.07 -12.90
CA SER E 208 -69.55 -5.44 -14.12
C SER E 208 -68.89 -4.09 -13.84
N ARG E 209 -69.50 -3.30 -12.96
CA ARG E 209 -68.91 -2.01 -12.60
C ARG E 209 -67.55 -2.20 -11.95
N PHE E 210 -67.43 -3.19 -11.05
CA PHE E 210 -66.14 -3.47 -10.42
C PHE E 210 -65.11 -3.87 -11.45
N TYR E 211 -65.48 -4.72 -12.41
CA TYR E 211 -64.56 -5.15 -13.45
C TYR E 211 -64.08 -3.95 -14.27
N ILE E 212 -65.02 -3.09 -14.69
CA ILE E 212 -64.65 -1.91 -15.48
C ILE E 212 -63.72 -1.01 -14.68
N ILE E 213 -64.06 -0.77 -13.41
CA ILE E 213 -63.25 0.13 -12.59
C ILE E 213 -61.83 -0.42 -12.44
N GLN E 214 -61.71 -1.72 -12.14
CA GLN E 214 -60.39 -2.29 -11.94
C GLN E 214 -59.58 -2.25 -13.23
N VAL E 215 -60.20 -2.54 -14.37
CA VAL E 215 -59.47 -2.51 -15.64
C VAL E 215 -58.99 -1.08 -15.94
N VAL E 216 -59.88 -0.10 -15.74
CA VAL E 216 -59.52 1.28 -16.02
C VAL E 216 -58.38 1.73 -15.12
N PHE E 217 -58.46 1.38 -13.83
CA PHE E 217 -57.40 1.78 -12.90
C PHE E 217 -56.08 1.12 -13.27
N ARG E 218 -56.11 -0.15 -13.65
CA ARG E 218 -54.87 -0.82 -14.05
C ARG E 218 -54.26 -0.14 -15.26
N ASN E 219 -55.09 0.18 -16.26
CA ASN E 219 -54.56 0.82 -17.46
C ASN E 219 -53.97 2.19 -17.14
N ALA E 220 -54.68 2.98 -16.33
CA ALA E 220 -54.17 4.31 -15.97
C ALA E 220 -52.85 4.21 -15.23
N LEU E 221 -52.77 3.29 -14.27
CA LEU E 221 -51.52 3.13 -13.52
C LEU E 221 -50.38 2.72 -14.44
N GLU E 222 -50.63 1.79 -15.37
CA GLU E 222 -49.58 1.36 -16.27
C GLU E 222 -49.10 2.51 -17.15
N ILE E 223 -50.03 3.30 -17.69
CA ILE E 223 -49.64 4.42 -18.55
C ILE E 223 -48.82 5.42 -17.76
N GLY E 224 -49.28 5.74 -16.54
CA GLY E 224 -48.53 6.68 -15.72
C GLY E 224 -47.14 6.20 -15.41
N PHE E 225 -47.00 4.90 -15.07
CA PHE E 225 -45.69 4.35 -14.77
C PHE E 225 -44.79 4.37 -15.98
N LEU E 226 -45.34 4.07 -17.17
CA LEU E 226 -44.52 4.12 -18.38
C LEU E 226 -44.02 5.53 -18.65
N VAL E 227 -44.90 6.53 -18.51
CA VAL E 227 -44.48 7.91 -18.74
C VAL E 227 -43.42 8.32 -17.73
N GLY E 228 -43.61 7.94 -16.46
CA GLY E 228 -42.60 8.25 -15.46
C GLY E 228 -41.26 7.61 -15.77
N GLN E 229 -41.28 6.36 -16.21
CA GLN E 229 -40.03 5.69 -16.58
C GLN E 229 -39.35 6.42 -17.73
N TYR E 230 -40.12 6.80 -18.75
CA TYR E 230 -39.52 7.50 -19.88
C TYR E 230 -38.90 8.83 -19.43
N PHE E 231 -39.58 9.55 -18.55
CA PHE E 231 -39.06 10.84 -18.11
C PHE E 231 -37.92 10.72 -17.10
N LEU E 232 -37.78 9.57 -16.46
CA LEU E 232 -36.71 9.41 -15.47
C LEU E 232 -35.37 9.07 -16.14
N TYR E 233 -35.31 7.92 -16.82
CA TYR E 233 -34.06 7.36 -17.31
C TYR E 233 -33.79 7.67 -18.78
N GLY E 234 -34.81 7.67 -19.61
CA GLY E 234 -34.62 7.92 -21.03
C GLY E 234 -34.39 6.64 -21.79
N PHE E 235 -33.40 6.64 -22.69
CA PHE E 235 -33.11 5.48 -23.50
C PHE E 235 -31.63 5.12 -23.55
N SER E 236 -30.77 5.80 -22.80
CA SER E 236 -29.34 5.55 -22.84
C SER E 236 -28.75 5.66 -21.44
N VAL E 237 -27.59 5.03 -21.28
CA VAL E 237 -26.84 5.06 -20.02
C VAL E 237 -25.40 5.42 -20.34
N PRO E 238 -25.05 6.70 -20.42
CA PRO E 238 -23.70 7.06 -20.87
C PRO E 238 -22.63 6.54 -19.93
N GLY E 239 -21.47 6.24 -20.50
CA GLY E 239 -20.37 5.71 -19.70
C GLY E 239 -19.68 6.73 -18.83
N LEU E 240 -19.61 7.98 -19.29
CA LEU E 240 -18.93 9.05 -18.57
C LEU E 240 -19.96 10.02 -17.98
N TYR E 241 -19.71 10.45 -16.75
CA TYR E 241 -20.60 11.39 -16.08
C TYR E 241 -19.78 12.51 -15.44
N GLU E 242 -20.36 13.70 -15.39
CA GLU E 242 -19.74 14.87 -14.79
C GLU E 242 -20.41 15.15 -13.45
N CYS E 243 -19.63 15.09 -12.38
CA CYS E 243 -20.13 15.25 -11.02
C CYS E 243 -19.53 16.51 -10.42
N ASN E 244 -20.39 17.40 -9.92
CA ASN E 244 -19.97 18.68 -9.36
C ASN E 244 -20.71 18.97 -8.07
N ARG E 245 -20.79 17.98 -7.18
CA ARG E 245 -21.48 18.13 -5.90
C ARG E 245 -20.48 18.06 -4.76
N TYR E 246 -20.85 18.69 -3.65
CA TYR E 246 -20.00 18.69 -2.47
C TYR E 246 -19.80 17.25 -1.99
N PRO E 247 -18.60 16.89 -1.51
CA PRO E 247 -17.39 17.70 -1.32
C PRO E 247 -16.46 17.74 -2.53
N CYS E 248 -16.87 17.12 -3.64
CA CYS E 248 -16.02 17.10 -4.82
C CYS E 248 -15.70 18.52 -5.27
N ILE E 249 -14.42 18.79 -5.48
CA ILE E 249 -13.98 20.14 -5.83
C ILE E 249 -14.20 20.37 -7.31
N LYS E 250 -14.88 21.46 -7.65
CA LYS E 250 -15.17 21.79 -9.04
C LYS E 250 -15.88 20.61 -9.70
N GLU E 251 -15.56 20.31 -10.95
CA GLU E 251 -16.19 19.22 -11.68
C GLU E 251 -15.21 18.06 -11.85
N VAL E 252 -15.70 16.85 -11.68
CA VAL E 252 -14.90 15.63 -11.83
C VAL E 252 -15.62 14.69 -12.78
N GLU E 253 -14.86 13.75 -13.33
CA GLU E 253 -15.38 12.77 -14.28
C GLU E 253 -15.41 11.40 -13.63
N CYS E 254 -16.54 10.71 -13.78
CA CYS E 254 -16.73 9.39 -13.20
C CYS E 254 -17.15 8.42 -14.30
N TYR E 255 -16.70 7.17 -14.16
CA TYR E 255 -16.86 6.14 -15.17
C TYR E 255 -17.86 5.09 -14.69
N VAL E 256 -18.86 4.82 -15.52
CA VAL E 256 -19.92 3.88 -15.18
C VAL E 256 -19.48 2.47 -15.58
N SER E 257 -20.14 1.47 -15.00
CA SER E 257 -19.85 0.07 -15.27
C SER E 257 -21.02 -0.56 -16.04
N ARG E 258 -20.68 -1.30 -17.09
CA ARG E 258 -21.68 -2.01 -17.90
C ARG E 258 -22.72 -1.06 -18.48
N PRO E 259 -22.34 -0.17 -19.38
CA PRO E 259 -23.34 0.70 -20.03
C PRO E 259 -24.18 -0.01 -21.08
N THR E 260 -23.54 -0.85 -21.90
CA THR E 260 -24.24 -1.43 -23.05
C THR E 260 -25.34 -2.39 -22.61
N GLU E 261 -25.04 -3.28 -21.68
CA GLU E 261 -26.04 -4.24 -21.22
C GLU E 261 -27.21 -3.53 -20.56
N LYS E 262 -26.93 -2.50 -19.75
CA LYS E 262 -27.99 -1.74 -19.12
C LYS E 262 -28.85 -1.05 -20.18
N THR E 263 -28.24 -0.49 -21.21
CA THR E 263 -29.01 0.14 -22.28
C THR E 263 -29.92 -0.87 -22.97
N VAL E 264 -29.39 -2.05 -23.28
CA VAL E 264 -30.19 -3.07 -23.94
C VAL E 264 -31.37 -3.47 -23.06
N PHE E 265 -31.12 -3.66 -21.77
CA PHE E 265 -32.20 -4.03 -20.86
C PHE E 265 -33.26 -2.93 -20.79
N LEU E 266 -32.82 -1.67 -20.74
CA LEU E 266 -33.77 -0.56 -20.74
C LEU E 266 -34.67 -0.60 -21.97
N VAL E 267 -34.07 -0.74 -23.15
CA VAL E 267 -34.86 -0.74 -24.38
C VAL E 267 -35.83 -1.92 -24.38
N PHE E 268 -35.36 -3.08 -23.95
CA PHE E 268 -36.21 -4.27 -23.94
C PHE E 268 -37.42 -4.09 -23.02
N MET E 269 -37.17 -3.57 -21.81
CA MET E 269 -38.29 -3.35 -20.88
C MET E 269 -39.26 -2.31 -21.43
N PHE E 270 -38.72 -1.25 -22.06
CA PHE E 270 -39.60 -0.25 -22.64
C PHE E 270 -40.48 -0.86 -23.72
N ALA E 271 -39.92 -1.70 -24.57
CA ALA E 271 -40.70 -2.33 -25.62
C ALA E 271 -41.79 -3.22 -25.03
N VAL E 272 -41.45 -4.01 -24.00
CA VAL E 272 -42.44 -4.88 -23.39
C VAL E 272 -43.58 -4.08 -22.78
N SER E 273 -43.24 -3.00 -22.07
CA SER E 273 -44.27 -2.16 -21.47
C SER E 273 -45.15 -1.52 -22.54
N GLY E 274 -44.53 -1.09 -23.64
CA GLY E 274 -45.31 -0.52 -24.73
C GLY E 274 -46.29 -1.52 -25.32
N ILE E 275 -45.85 -2.76 -25.50
CA ILE E 275 -46.75 -3.80 -26.03
C ILE E 275 -47.90 -4.03 -25.06
N CYS E 276 -47.61 -4.09 -23.76
CA CYS E 276 -48.67 -4.28 -22.77
C CYS E 276 -49.67 -3.14 -22.83
N VAL E 277 -49.18 -1.90 -22.91
CA VAL E 277 -50.07 -0.75 -22.97
C VAL E 277 -50.93 -0.80 -24.21
N VAL E 278 -50.34 -1.18 -25.35
CA VAL E 278 -51.09 -1.26 -26.60
C VAL E 278 -52.21 -2.29 -26.47
N LEU E 279 -51.90 -3.46 -25.91
CA LEU E 279 -52.92 -4.49 -25.77
C LEU E 279 -54.04 -4.03 -24.83
N ASN E 280 -53.68 -3.39 -23.72
CA ASN E 280 -54.70 -2.91 -22.80
C ASN E 280 -55.59 -1.86 -23.46
N LEU E 281 -54.99 -0.93 -24.20
CA LEU E 281 -55.77 0.09 -24.89
C LEU E 281 -56.69 -0.54 -25.93
N ALA E 282 -56.20 -1.53 -26.66
CA ALA E 282 -57.04 -2.21 -27.64
C ALA E 282 -58.22 -2.88 -26.97
N GLU E 283 -57.99 -3.57 -25.86
CA GLU E 283 -59.10 -4.22 -25.16
C GLU E 283 -60.10 -3.19 -24.65
N LEU E 284 -59.61 -2.09 -24.08
CA LEU E 284 -60.52 -1.06 -23.58
C LEU E 284 -61.35 -0.48 -24.71
N ASN E 285 -60.73 -0.21 -25.86
CA ASN E 285 -61.46 0.31 -27.00
C ASN E 285 -62.52 -0.70 -27.48
N HIS E 286 -62.16 -1.98 -27.51
CA HIS E 286 -63.10 -3.00 -27.93
C HIS E 286 -64.31 -3.03 -27.00
N LEU E 287 -64.08 -2.97 -25.69
CA LEU E 287 -65.18 -2.98 -24.74
C LEU E 287 -65.95 -1.66 -24.78
N GLY E 288 -65.27 -0.56 -24.51
CA GLY E 288 -65.89 0.75 -24.52
C GLY E 288 -67.00 0.87 -23.47
N SER F 4 -69.19 -0.25 1.58
CA SER F 4 -68.49 0.77 2.35
C SER F 4 -67.65 0.12 3.46
N THR F 5 -68.30 -0.27 4.55
CA THR F 5 -67.58 -0.88 5.66
C THR F 5 -66.95 -2.21 5.24
N MET F 6 -67.66 -3.01 4.43
CA MET F 6 -67.12 -4.30 4.01
C MET F 6 -65.85 -4.16 3.18
N ILE F 7 -65.81 -3.18 2.28
CA ILE F 7 -64.64 -3.00 1.43
C ILE F 7 -63.40 -2.68 2.27
N GLY F 8 -63.59 -2.04 3.43
CA GLY F 8 -62.44 -1.64 4.23
C GLY F 8 -61.56 -2.82 4.63
N ARG F 9 -62.19 -3.95 4.97
CA ARG F 9 -61.40 -5.12 5.35
C ARG F 9 -60.54 -5.61 4.18
N ILE F 10 -61.13 -5.64 2.99
CA ILE F 10 -60.37 -6.06 1.81
C ILE F 10 -59.21 -5.11 1.55
N LEU F 11 -59.47 -3.80 1.64
CA LEU F 11 -58.40 -2.83 1.43
C LEU F 11 -57.28 -3.03 2.45
N LEU F 12 -57.65 -3.23 3.72
CA LEU F 12 -56.64 -3.42 4.76
C LEU F 12 -55.81 -4.67 4.49
N THR F 13 -56.46 -5.77 4.13
CA THR F 13 -55.71 -7.01 3.87
C THR F 13 -54.77 -6.83 2.68
N VAL F 14 -55.27 -6.21 1.60
CA VAL F 14 -54.43 -6.01 0.42
C VAL F 14 -53.24 -5.12 0.76
N VAL F 15 -53.47 -4.06 1.52
CA VAL F 15 -52.37 -3.16 1.88
C VAL F 15 -51.35 -3.88 2.75
N VAL F 16 -51.82 -4.72 3.68
CA VAL F 16 -50.90 -5.48 4.53
C VAL F 16 -50.04 -6.39 3.68
N ILE F 17 -50.66 -7.11 2.74
CA ILE F 17 -49.90 -8.02 1.88
C ILE F 17 -48.89 -7.23 1.05
N PHE F 18 -49.32 -6.08 0.52
CA PHE F 18 -48.44 -5.27 -0.32
C PHE F 18 -47.23 -4.78 0.45
N ARG F 19 -47.45 -4.25 1.67
CA ARG F 19 -46.33 -3.75 2.45
C ARG F 19 -45.40 -4.89 2.85
N ILE F 20 -45.95 -6.05 3.21
CA ILE F 20 -45.11 -7.19 3.56
C ILE F 20 -44.24 -7.59 2.38
N LEU F 21 -44.84 -7.67 1.18
CA LEU F 21 -44.08 -8.04 0.00
C LEU F 21 -42.99 -7.01 -0.30
N ILE F 22 -43.31 -5.73 -0.17
CA ILE F 22 -42.32 -4.69 -0.45
C ILE F 22 -41.14 -4.83 0.51
N VAL F 23 -41.43 -4.97 1.81
CA VAL F 23 -40.38 -5.05 2.81
C VAL F 23 -39.53 -6.30 2.60
N ALA F 24 -40.17 -7.39 2.17
CA ALA F 24 -39.42 -8.64 1.98
C ALA F 24 -38.58 -8.61 0.72
N ILE F 25 -39.03 -7.92 -0.32
CA ILE F 25 -38.34 -7.97 -1.62
C ILE F 25 -37.30 -6.88 -1.75
N VAL F 26 -37.65 -5.63 -1.48
CA VAL F 26 -36.75 -4.51 -1.70
C VAL F 26 -36.23 -3.97 -0.37
N GLY F 27 -36.20 -4.82 0.64
CA GLY F 27 -35.73 -4.41 1.95
C GLY F 27 -34.26 -4.69 2.20
N GLU F 28 -33.85 -5.95 2.00
CA GLU F 28 -32.49 -6.33 2.33
C GLU F 28 -31.48 -5.77 1.34
N THR F 29 -31.82 -5.74 0.05
CA THR F 29 -30.85 -5.37 -0.97
C THR F 29 -30.34 -3.94 -0.79
N VAL F 30 -31.21 -3.00 -0.42
CA VAL F 30 -30.79 -1.61 -0.31
C VAL F 30 -29.80 -1.44 0.83
N TYR F 31 -30.00 -2.17 1.93
CA TYR F 31 -29.19 -2.00 3.13
C TYR F 31 -28.12 -3.07 3.26
N ASP F 32 -27.59 -3.57 2.14
CA ASP F 32 -26.57 -4.62 2.20
C ASP F 32 -25.22 -4.06 2.64
N ASP F 33 -24.84 -2.90 2.12
CA ASP F 33 -23.51 -2.31 2.33
C ASP F 33 -23.57 -1.06 3.19
N GLU F 34 -24.40 -1.06 4.23
CA GLU F 34 -24.55 0.15 5.05
C GLU F 34 -23.24 0.52 5.73
N GLN F 35 -22.52 -0.46 6.28
CA GLN F 35 -21.29 -0.19 7.02
C GLN F 35 -20.03 -0.28 6.17
N THR F 36 -20.04 -1.08 5.11
CA THR F 36 -18.85 -1.22 4.28
C THR F 36 -18.51 0.10 3.58
N MET F 37 -19.52 0.81 3.09
CA MET F 37 -19.31 2.05 2.34
C MET F 37 -19.38 3.30 3.19
N PHE F 38 -19.59 3.16 4.51
CA PHE F 38 -19.58 4.31 5.40
C PHE F 38 -18.13 4.68 5.71
N VAL F 39 -17.74 5.91 5.37
CA VAL F 39 -16.37 6.36 5.54
C VAL F 39 -16.37 7.70 6.25
N CYS F 40 -15.27 7.98 6.95
CA CYS F 40 -15.09 9.22 7.69
C CYS F 40 -13.73 9.80 7.36
N ASN F 41 -13.61 11.12 7.54
CA ASN F 41 -12.40 11.86 7.17
C ASN F 41 -11.50 11.98 8.39
N THR F 42 -10.76 10.89 8.65
CA THR F 42 -9.83 10.88 9.78
C THR F 42 -8.92 9.66 9.63
N LEU F 43 -7.88 9.63 10.47
CA LEU F 43 -6.93 8.53 10.49
C LEU F 43 -6.95 7.75 11.80
N GLN F 44 -7.69 8.19 12.80
CA GLN F 44 -7.72 7.50 14.09
C GLN F 44 -8.39 6.14 13.93
N PRO F 45 -7.73 5.03 14.27
CA PRO F 45 -8.39 3.74 14.19
C PRO F 45 -9.61 3.67 15.13
N GLY F 46 -10.65 3.00 14.66
CA GLY F 46 -11.84 2.81 15.45
C GLY F 46 -12.84 3.95 15.44
N CYS F 47 -12.53 5.05 14.73
CA CYS F 47 -13.48 6.15 14.66
C CYS F 47 -14.70 5.76 13.84
N ASN F 48 -14.50 4.95 12.79
CA ASN F 48 -15.61 4.58 11.92
C ASN F 48 -16.69 3.84 12.71
N GLN F 49 -16.29 2.88 13.55
CA GLN F 49 -17.28 2.09 14.28
C GLN F 49 -18.12 2.96 15.20
N ALA F 50 -17.46 3.79 16.01
CA ALA F 50 -18.21 4.63 16.95
C ALA F 50 -19.10 5.62 16.22
N CYS F 51 -18.57 6.25 15.16
CA CYS F 51 -19.37 7.24 14.45
C CYS F 51 -20.58 6.60 13.79
N TYR F 52 -20.40 5.43 13.17
CA TYR F 52 -21.54 4.75 12.55
C TYR F 52 -22.56 4.33 13.59
N ASP F 53 -22.10 3.79 14.73
CA ASP F 53 -23.02 3.39 15.78
C ASP F 53 -23.83 4.57 16.28
N ARG F 54 -23.19 5.74 16.41
CA ARG F 54 -23.92 6.93 16.81
C ARG F 54 -24.89 7.38 15.73
N ALA F 55 -24.53 7.19 14.46
CA ALA F 55 -25.38 7.66 13.38
C ALA F 55 -26.66 6.85 13.26
N PHE F 56 -26.54 5.52 13.29
CA PHE F 56 -27.66 4.61 13.09
C PHE F 56 -27.73 3.62 14.25
N PRO F 57 -28.35 4.02 15.37
CA PRO F 57 -28.44 3.09 16.50
C PRO F 57 -29.12 1.77 16.15
N ILE F 58 -30.31 1.84 15.56
CA ILE F 58 -31.02 0.65 15.09
C ILE F 58 -31.45 0.91 13.65
N SER F 59 -31.00 0.05 12.74
CA SER F 59 -31.28 0.26 11.33
C SER F 59 -32.77 0.28 11.07
N HIS F 60 -33.16 0.82 9.91
CA HIS F 60 -34.57 0.91 9.57
C HIS F 60 -35.18 -0.48 9.41
N ILE F 61 -34.45 -1.40 8.77
CA ILE F 61 -35.03 -2.69 8.41
C ILE F 61 -35.39 -3.50 9.65
N ARG F 62 -34.53 -3.44 10.68
CA ARG F 62 -34.83 -4.17 11.91
C ARG F 62 -36.12 -3.67 12.52
N TYR F 63 -36.27 -2.34 12.61
CA TYR F 63 -37.47 -1.77 13.20
C TYR F 63 -38.71 -2.15 12.41
N TRP F 64 -38.63 -2.08 11.08
CA TRP F 64 -39.81 -2.39 10.27
C TRP F 64 -40.17 -3.86 10.37
N VAL F 65 -39.18 -4.76 10.35
CA VAL F 65 -39.47 -6.19 10.49
C VAL F 65 -40.10 -6.46 11.85
N PHE F 66 -39.55 -5.86 12.91
CA PHE F 66 -40.12 -6.09 14.24
C PHE F 66 -41.56 -5.59 14.31
N GLN F 67 -41.83 -4.41 13.73
CA GLN F 67 -43.20 -3.90 13.73
C GLN F 67 -44.12 -4.85 12.97
N ILE F 68 -43.69 -5.34 11.81
CA ILE F 68 -44.52 -6.23 11.02
C ILE F 68 -44.85 -7.49 11.81
N ILE F 69 -43.84 -8.07 12.46
CA ILE F 69 -44.08 -9.30 13.21
C ILE F 69 -44.99 -9.03 14.41
N MET F 70 -44.81 -7.88 15.06
CA MET F 70 -45.58 -7.59 16.27
C MET F 70 -47.06 -7.34 15.95
N VAL F 71 -47.33 -6.66 14.84
CA VAL F 71 -48.72 -6.30 14.53
C VAL F 71 -49.55 -7.52 14.15
N CYS F 72 -48.92 -8.65 13.82
CA CYS F 72 -49.64 -9.84 13.38
C CYS F 72 -49.85 -10.86 14.49
N THR F 73 -49.40 -10.59 15.71
CA THR F 73 -49.62 -11.52 16.80
C THR F 73 -51.10 -11.74 17.10
N PRO F 74 -51.95 -10.71 17.14
CA PRO F 74 -53.38 -10.97 17.45
C PRO F 74 -54.03 -11.95 16.51
N SER F 75 -53.70 -11.91 15.21
CA SER F 75 -54.29 -12.86 14.28
C SER F 75 -53.87 -14.28 14.62
N LEU F 76 -52.59 -14.48 14.93
CA LEU F 76 -52.13 -15.81 15.32
C LEU F 76 -52.84 -16.29 16.58
N CYS F 77 -52.99 -15.40 17.57
CA CYS F 77 -53.67 -15.80 18.80
C CYS F 77 -55.11 -16.19 18.52
N PHE F 78 -55.82 -15.41 17.70
CA PHE F 78 -57.20 -15.72 17.37
C PHE F 78 -57.29 -17.06 16.65
N ILE F 79 -56.41 -17.30 15.67
CA ILE F 79 -56.46 -18.53 14.90
C ILE F 79 -56.19 -19.73 15.80
N THR F 80 -55.17 -19.65 16.65
CA THR F 80 -54.85 -20.79 17.50
C THR F 80 -55.96 -21.04 18.52
N TYR F 81 -56.55 -19.98 19.07
CA TYR F 81 -57.67 -20.16 19.99
C TYR F 81 -58.85 -20.82 19.31
N SER F 82 -59.18 -20.37 18.08
CA SER F 82 -60.29 -20.98 17.35
C SER F 82 -60.00 -22.45 17.06
N VAL F 83 -58.78 -22.77 16.65
CA VAL F 83 -58.44 -24.16 16.34
C VAL F 83 -58.55 -25.02 17.60
N HIS F 84 -58.03 -24.51 18.73
CA HIS F 84 -58.10 -25.28 19.97
C HIS F 84 -59.54 -25.45 20.45
N GLN F 85 -60.39 -24.46 20.21
CA GLN F 85 -61.79 -24.57 20.66
C GLN F 85 -62.49 -25.74 19.97
N SER F 86 -62.28 -25.91 18.68
CA SER F 86 -62.91 -26.99 17.94
C SER F 86 -62.24 -28.33 18.26
N GLY F 206 -67.51 -15.52 24.68
CA GLY F 206 -67.03 -14.15 24.56
C GLY F 206 -66.26 -13.90 23.28
N ILE F 207 -66.75 -14.48 22.18
CA ILE F 207 -66.08 -14.31 20.90
C ILE F 207 -66.08 -12.84 20.49
N SER F 208 -67.21 -12.16 20.68
CA SER F 208 -67.27 -10.73 20.35
C SER F 208 -66.30 -9.93 21.21
N ARG F 209 -66.23 -10.25 22.51
CA ARG F 209 -65.30 -9.54 23.38
C ARG F 209 -63.86 -9.78 22.95
N PHE F 210 -63.51 -11.01 22.59
CA PHE F 210 -62.16 -11.28 22.11
C PHE F 210 -61.86 -10.52 20.83
N TYR F 211 -62.82 -10.48 19.90
CA TYR F 211 -62.62 -9.74 18.65
C TYR F 211 -62.37 -8.27 18.93
N ILE F 212 -63.20 -7.66 19.79
CA ILE F 212 -63.05 -6.26 20.11
C ILE F 212 -61.70 -6.00 20.78
N ILE F 213 -61.33 -6.87 21.73
CA ILE F 213 -60.08 -6.67 22.46
C ILE F 213 -58.89 -6.73 21.53
N GLN F 214 -58.87 -7.71 20.62
CA GLN F 214 -57.72 -7.85 19.74
C GLN F 214 -57.68 -6.73 18.72
N VAL F 215 -58.83 -6.27 18.22
CA VAL F 215 -58.83 -5.12 17.33
C VAL F 215 -58.26 -3.90 18.03
N VAL F 216 -58.72 -3.65 19.27
CA VAL F 216 -58.24 -2.47 20.01
C VAL F 216 -56.74 -2.56 20.24
N PHE F 217 -56.26 -3.75 20.61
CA PHE F 217 -54.83 -3.91 20.88
C PHE F 217 -54.02 -3.70 19.61
N ARG F 218 -54.48 -4.25 18.48
CA ARG F 218 -53.77 -4.05 17.22
C ARG F 218 -53.68 -2.58 16.87
N ASN F 219 -54.81 -1.87 17.00
CA ASN F 219 -54.81 -0.44 16.66
C ASN F 219 -53.87 0.34 17.57
N ALA F 220 -53.91 0.06 18.87
CA ALA F 220 -53.05 0.76 19.81
C ALA F 220 -51.58 0.50 19.51
N LEU F 221 -51.22 -0.76 19.26
CA LEU F 221 -49.84 -1.09 18.94
C LEU F 221 -49.39 -0.38 17.67
N GLU F 222 -50.25 -0.36 16.63
CA GLU F 222 -49.86 0.29 15.39
C GLU F 222 -49.64 1.78 15.60
N ILE F 223 -50.53 2.43 16.35
CA ILE F 223 -50.38 3.87 16.58
C ILE F 223 -49.10 4.15 17.36
N GLY F 224 -48.83 3.35 18.40
CA GLY F 224 -47.61 3.54 19.16
C GLY F 224 -46.37 3.35 18.33
N PHE F 225 -46.37 2.33 17.47
CA PHE F 225 -45.20 2.08 16.63
C PHE F 225 -45.01 3.21 15.61
N LEU F 226 -46.10 3.73 15.05
CA LEU F 226 -45.98 4.84 14.12
C LEU F 226 -45.39 6.07 14.80
N VAL F 227 -45.88 6.39 16.01
CA VAL F 227 -45.35 7.54 16.73
C VAL F 227 -43.87 7.34 17.04
N GLY F 228 -43.50 6.13 17.50
CA GLY F 228 -42.11 5.85 17.76
C GLY F 228 -41.23 6.01 16.53
N GLN F 229 -41.72 5.52 15.38
CA GLN F 229 -40.96 5.67 14.14
C GLN F 229 -40.77 7.14 13.80
N TYR F 230 -41.84 7.93 13.92
CA TYR F 230 -41.72 9.35 13.62
C TYR F 230 -40.70 10.03 14.53
N PHE F 231 -40.72 9.69 15.82
CA PHE F 231 -39.81 10.34 16.76
C PHE F 231 -38.39 9.81 16.65
N LEU F 232 -38.18 8.64 16.05
CA LEU F 232 -36.83 8.08 15.93
C LEU F 232 -36.08 8.67 14.75
N TYR F 233 -36.60 8.45 13.54
CA TYR F 233 -35.86 8.76 12.31
C TYR F 233 -36.26 10.07 11.66
N GLY F 234 -37.53 10.44 11.74
CA GLY F 234 -37.99 11.68 11.13
C GLY F 234 -38.43 11.46 9.69
N PHE F 235 -37.98 12.34 8.80
CA PHE F 235 -38.37 12.25 7.40
C PHE F 235 -37.20 12.41 6.43
N SER F 236 -35.96 12.44 6.90
CA SER F 236 -34.82 12.66 6.02
C SER F 236 -33.61 11.90 6.55
N VAL F 237 -32.66 11.66 5.64
CA VAL F 237 -31.41 10.99 5.98
C VAL F 237 -30.27 11.83 5.42
N PRO F 238 -29.78 12.83 6.14
CA PRO F 238 -28.79 13.74 5.56
C PRO F 238 -27.51 13.01 5.16
N GLY F 239 -26.90 13.49 4.08
CA GLY F 239 -25.68 12.88 3.59
C GLY F 239 -24.49 13.05 4.51
N LEU F 240 -24.33 14.23 5.10
CA LEU F 240 -23.20 14.55 5.95
C LEU F 240 -23.62 14.47 7.42
N TYR F 241 -22.75 13.93 8.26
CA TYR F 241 -22.99 13.84 9.68
C TYR F 241 -21.76 14.30 10.45
N GLU F 242 -21.99 14.87 11.62
CA GLU F 242 -20.92 15.33 12.51
C GLU F 242 -20.81 14.39 13.69
N CYS F 243 -19.63 13.79 13.86
CA CYS F 243 -19.38 12.79 14.89
C CYS F 243 -18.32 13.32 15.83
N ASN F 244 -18.63 13.31 17.13
CA ASN F 244 -17.73 13.84 18.15
C ASN F 244 -17.67 12.91 19.36
N ARG F 245 -17.53 11.61 19.12
CA ARG F 245 -17.48 10.62 20.17
C ARG F 245 -16.08 9.99 20.23
N TYR F 246 -15.75 9.48 21.41
CA TYR F 246 -14.46 8.84 21.60
C TYR F 246 -14.32 7.64 20.65
N PRO F 247 -13.13 7.38 20.10
CA PRO F 247 -11.85 8.06 20.27
C PRO F 247 -11.58 9.19 19.29
N CYS F 248 -12.55 9.51 18.43
CA CYS F 248 -12.35 10.57 17.45
C CYS F 248 -12.05 11.89 18.16
N ILE F 249 -11.01 12.56 17.70
CA ILE F 249 -10.54 13.79 18.36
C ILE F 249 -11.36 14.97 17.84
N LYS F 250 -11.87 15.77 18.77
CA LYS F 250 -12.68 16.95 18.42
C LYS F 250 -13.87 16.46 17.61
N GLU F 251 -14.25 17.16 16.53
CA GLU F 251 -15.38 16.79 15.70
C GLU F 251 -14.89 16.41 14.32
N VAL F 252 -15.52 15.38 13.74
CA VAL F 252 -15.17 14.90 12.41
C VAL F 252 -16.44 14.81 11.58
N GLU F 253 -16.26 14.76 10.26
CA GLU F 253 -17.35 14.70 9.31
C GLU F 253 -17.36 13.34 8.62
N CYS F 254 -18.55 12.74 8.52
CA CYS F 254 -18.71 11.42 7.94
C CYS F 254 -19.78 11.48 6.85
N TYR F 255 -19.58 10.67 5.81
CA TYR F 255 -20.42 10.70 4.62
C TYR F 255 -21.25 9.43 4.54
N VAL F 256 -22.57 9.59 4.40
CA VAL F 256 -23.49 8.48 4.35
C VAL F 256 -23.57 7.95 2.93
N SER F 257 -24.08 6.73 2.77
CA SER F 257 -24.24 6.08 1.47
C SER F 257 -25.73 5.94 1.16
N ARG F 258 -26.11 6.32 -0.07
CA ARG F 258 -27.48 6.18 -0.55
C ARG F 258 -28.46 6.96 0.32
N PRO F 259 -28.37 8.28 0.37
CA PRO F 259 -29.35 9.06 1.14
C PRO F 259 -30.71 9.17 0.48
N THR F 260 -30.74 9.39 -0.84
CA THR F 260 -32.00 9.67 -1.53
C THR F 260 -32.93 8.46 -1.51
N GLU F 261 -32.40 7.28 -1.84
CA GLU F 261 -33.24 6.09 -1.86
C GLU F 261 -33.78 5.78 -0.48
N LYS F 262 -32.94 5.93 0.55
CA LYS F 262 -33.40 5.70 1.91
C LYS F 262 -34.50 6.69 2.29
N THR F 263 -34.35 7.95 1.90
CA THR F 263 -35.39 8.94 2.19
C THR F 263 -36.70 8.56 1.52
N VAL F 264 -36.63 8.16 0.25
CA VAL F 264 -37.85 7.79 -0.48
C VAL F 264 -38.51 6.60 0.20
N PHE F 265 -37.73 5.60 0.58
CA PHE F 265 -38.30 4.42 1.25
C PHE F 265 -38.94 4.81 2.57
N LEU F 266 -38.29 5.70 3.33
CA LEU F 266 -38.87 6.17 4.59
C LEU F 266 -40.23 6.81 4.35
N VAL F 267 -40.31 7.72 3.39
CA VAL F 267 -41.57 8.42 3.16
C VAL F 267 -42.64 7.43 2.71
N PHE F 268 -42.27 6.48 1.85
CA PHE F 268 -43.24 5.49 1.36
C PHE F 268 -43.79 4.65 2.52
N MET F 269 -42.91 4.16 3.38
CA MET F 269 -43.37 3.36 4.52
C MET F 269 -44.24 4.17 5.45
N PHE F 270 -43.87 5.44 5.68
CA PHE F 270 -44.70 6.29 6.54
C PHE F 270 -46.09 6.46 5.95
N ALA F 271 -46.18 6.68 4.64
CA ALA F 271 -47.48 6.84 4.01
C ALA F 271 -48.31 5.56 4.13
N VAL F 272 -47.69 4.40 3.91
CA VAL F 272 -48.42 3.14 4.01
C VAL F 272 -48.95 2.94 5.43
N SER F 273 -48.10 3.21 6.43
CA SER F 273 -48.53 3.05 7.82
C SER F 273 -49.66 4.03 8.14
N GLY F 274 -49.57 5.25 7.64
CA GLY F 274 -50.65 6.21 7.86
C GLY F 274 -51.96 5.75 7.28
N ILE F 275 -51.92 5.19 6.05
CA ILE F 275 -53.15 4.69 5.45
C ILE F 275 -53.73 3.55 6.27
N CYS F 276 -52.86 2.64 6.73
CA CYS F 276 -53.34 1.53 7.56
C CYS F 276 -54.00 2.05 8.84
N VAL F 277 -53.36 3.03 9.50
CA VAL F 277 -53.92 3.58 10.72
C VAL F 277 -55.26 4.24 10.45
N VAL F 278 -55.37 4.98 9.33
CA VAL F 278 -56.62 5.64 9.00
C VAL F 278 -57.73 4.61 8.80
N LEU F 279 -57.43 3.54 8.06
CA LEU F 279 -58.45 2.51 7.84
C LEU F 279 -58.87 1.85 9.14
N ASN F 280 -57.90 1.54 10.01
CA ASN F 280 -58.24 0.91 11.28
C ASN F 280 -59.11 1.83 12.13
N LEU F 281 -58.75 3.12 12.18
CA LEU F 281 -59.55 4.07 12.95
C LEU F 281 -60.96 4.19 12.38
N ALA F 282 -61.08 4.21 11.05
CA ALA F 282 -62.41 4.29 10.44
C ALA F 282 -63.24 3.07 10.79
N GLU F 283 -62.65 1.87 10.73
CA GLU F 283 -63.40 0.67 11.08
C GLU F 283 -63.82 0.70 12.54
N LEU F 284 -62.90 1.09 13.43
CA LEU F 284 -63.23 1.16 14.86
C LEU F 284 -64.37 2.14 15.10
N ASN F 285 -64.32 3.30 14.46
CA ASN F 285 -65.41 4.28 14.62
C ASN F 285 -66.72 3.72 14.10
N HIS F 286 -66.68 3.04 12.95
CA HIS F 286 -67.91 2.46 12.40
C HIS F 286 -68.52 1.44 13.36
N LEU F 287 -67.68 0.56 13.91
CA LEU F 287 -68.20 -0.42 14.86
C LEU F 287 -68.75 0.24 16.12
N GLY F 288 -68.05 1.26 16.62
CA GLY F 288 -68.49 1.95 17.82
C GLY F 288 -68.45 1.09 19.06
N SER G 4 40.28 46.82 -30.68
CA SER G 4 39.55 45.89 -31.55
C SER G 4 40.11 44.48 -31.42
N THR G 5 41.29 44.27 -32.01
CA THR G 5 41.92 42.95 -31.95
C THR G 5 42.25 42.55 -30.52
N MET G 6 42.76 43.49 -29.71
CA MET G 6 43.09 43.19 -28.34
C MET G 6 41.85 42.95 -27.48
N ILE G 7 40.75 43.64 -27.78
CA ILE G 7 39.54 43.48 -27.00
C ILE G 7 38.98 42.07 -27.13
N GLY G 8 39.12 41.46 -28.30
CA GLY G 8 38.53 40.15 -28.52
C GLY G 8 39.01 39.11 -27.52
N ARG G 9 40.30 39.14 -27.19
CA ARG G 9 40.83 38.19 -26.21
C ARG G 9 40.17 38.38 -24.86
N ILE G 10 40.01 39.64 -24.43
CA ILE G 10 39.36 39.92 -23.15
C ILE G 10 37.92 39.41 -23.17
N LEU G 11 37.19 39.68 -24.25
CA LEU G 11 35.81 39.22 -24.35
C LEU G 11 35.75 37.71 -24.28
N LEU G 12 36.65 37.03 -25.00
CA LEU G 12 36.65 35.57 -24.98
C LEU G 12 36.91 35.04 -23.58
N THR G 13 37.90 35.60 -22.88
CA THR G 13 38.20 35.13 -21.53
C THR G 13 37.03 35.36 -20.59
N VAL G 14 36.41 36.54 -20.67
CA VAL G 14 35.28 36.85 -19.80
C VAL G 14 34.12 35.89 -20.08
N VAL G 15 33.86 35.63 -21.35
CA VAL G 15 32.76 34.72 -21.71
C VAL G 15 33.05 33.31 -21.22
N VAL G 16 34.31 32.87 -21.34
CA VAL G 16 34.67 31.54 -20.85
C VAL G 16 34.44 31.44 -19.36
N ILE G 17 34.89 32.45 -18.61
CA ILE G 17 34.69 32.44 -17.16
C ILE G 17 33.21 32.43 -16.83
N PHE G 18 32.43 33.24 -17.55
CA PHE G 18 30.99 33.33 -17.28
C PHE G 18 30.29 31.99 -17.52
N ARG G 19 30.59 31.34 -18.66
CA ARG G 19 29.95 30.06 -18.94
C ARG G 19 30.38 28.99 -17.95
N ILE G 20 31.66 29.00 -17.55
CA ILE G 20 32.13 28.02 -16.57
C ILE G 20 31.39 28.21 -15.25
N LEU G 21 31.26 29.48 -14.81
CA LEU G 21 30.55 29.74 -13.56
C LEU G 21 29.09 29.31 -13.65
N ILE G 22 28.43 29.60 -14.78
CA ILE G 22 27.03 29.22 -14.94
C ILE G 22 26.88 27.70 -14.85
N VAL G 23 27.73 26.98 -15.58
CA VAL G 23 27.63 25.52 -15.60
C VAL G 23 27.91 24.95 -14.22
N ALA G 24 28.85 25.56 -13.48
CA ALA G 24 29.19 25.03 -12.17
C ALA G 24 28.13 25.34 -11.12
N ILE G 25 27.43 26.46 -11.26
CA ILE G 25 26.50 26.91 -10.21
C ILE G 25 25.08 26.39 -10.46
N VAL G 26 24.57 26.54 -11.69
CA VAL G 26 23.19 26.17 -11.98
C VAL G 26 23.15 24.97 -12.90
N GLY G 27 24.15 24.10 -12.79
CA GLY G 27 24.22 22.93 -13.65
C GLY G 27 23.71 21.66 -13.02
N GLU G 28 24.15 21.37 -11.80
CA GLU G 28 23.88 20.07 -11.19
C GLU G 28 22.48 20.00 -10.61
N THR G 29 22.16 20.89 -9.66
CA THR G 29 20.93 20.76 -8.90
C THR G 29 19.70 20.80 -9.79
N VAL G 30 19.79 21.44 -10.95
CA VAL G 30 18.65 21.44 -11.88
C VAL G 30 18.36 20.02 -12.35
N TYR G 31 19.40 19.25 -12.64
CA TYR G 31 19.27 17.88 -13.13
C TYR G 31 19.43 16.85 -12.01
N ASP G 32 19.04 17.20 -10.78
CA ASP G 32 19.23 16.27 -9.66
C ASP G 32 18.22 15.14 -9.70
N ASP G 33 16.97 15.43 -10.03
CA ASP G 33 15.87 14.46 -9.97
C ASP G 33 15.42 14.04 -11.36
N GLU G 34 16.35 13.89 -12.31
CA GLU G 34 15.96 13.55 -13.67
C GLU G 34 15.27 12.19 -13.73
N GLN G 35 15.81 11.19 -13.02
CA GLN G 35 15.26 9.84 -13.09
C GLN G 35 14.23 9.56 -12.01
N THR G 36 14.32 10.23 -10.86
CA THR G 36 13.37 9.98 -9.78
C THR G 36 11.96 10.40 -10.17
N MET G 37 11.83 11.54 -10.85
CA MET G 37 10.53 12.09 -11.21
C MET G 37 10.07 11.68 -12.60
N PHE G 38 10.85 10.88 -13.32
CA PHE G 38 10.44 10.37 -14.62
C PHE G 38 9.49 9.19 -14.42
N VAL G 39 8.27 9.31 -14.93
CA VAL G 39 7.24 8.31 -14.74
C VAL G 39 6.62 7.95 -16.09
N CYS G 40 6.09 6.74 -16.16
CA CYS G 40 5.45 6.24 -17.38
C CYS G 40 4.11 5.61 -17.01
N ASN G 41 3.22 5.55 -17.99
CA ASN G 41 1.85 5.07 -17.78
C ASN G 41 1.78 3.59 -18.13
N THR G 42 2.27 2.76 -17.22
CA THR G 42 2.25 1.31 -17.41
C THR G 42 2.52 0.63 -16.07
N LEU G 43 2.34 -0.69 -16.07
CA LEU G 43 2.58 -1.51 -14.89
C LEU G 43 3.71 -2.52 -15.06
N GLN G 44 4.25 -2.66 -16.27
CA GLN G 44 5.32 -3.63 -16.50
C GLN G 44 6.57 -3.21 -15.75
N PRO G 45 7.13 -4.05 -14.87
CA PRO G 45 8.38 -3.69 -14.21
C PRO G 45 9.51 -3.50 -15.21
N GLY G 46 10.37 -2.53 -14.95
CA GLY G 46 11.52 -2.27 -15.79
C GLY G 46 11.26 -1.42 -17.01
N CYS G 47 10.01 -1.03 -17.26
CA CYS G 47 9.73 -0.16 -18.40
C CYS G 47 10.33 1.22 -18.21
N ASN G 48 10.35 1.71 -16.97
CA ASN G 48 10.86 3.04 -16.71
C ASN G 48 12.33 3.15 -17.10
N GLN G 49 13.13 2.16 -16.72
CA GLN G 49 14.57 2.21 -17.00
C GLN G 49 14.83 2.27 -18.50
N ALA G 50 14.24 1.34 -19.26
CA ALA G 50 14.48 1.32 -20.69
C ALA G 50 13.97 2.59 -21.36
N CYS G 51 12.78 3.04 -20.99
CA CYS G 51 12.23 4.23 -21.63
C CYS G 51 13.08 5.46 -21.33
N TYR G 52 13.52 5.62 -20.08
CA TYR G 52 14.37 6.76 -19.75
C TYR G 52 15.71 6.68 -20.49
N ASP G 53 16.31 5.49 -20.56
CA ASP G 53 17.58 5.36 -21.26
C ASP G 53 17.42 5.71 -22.74
N ARG G 54 16.31 5.30 -23.35
CA ARG G 54 16.07 5.69 -24.74
C ARG G 54 15.84 7.19 -24.86
N ALA G 55 15.20 7.81 -23.86
CA ALA G 55 14.88 9.23 -23.96
C ALA G 55 16.13 10.10 -23.88
N PHE G 56 17.00 9.82 -22.91
CA PHE G 56 18.19 10.64 -22.64
C PHE G 56 19.43 9.75 -22.64
N PRO G 57 19.98 9.45 -23.81
CA PRO G 57 21.19 8.60 -23.83
C PRO G 57 22.33 9.17 -23.00
N ILE G 58 22.74 10.41 -23.28
CA ILE G 58 23.77 11.09 -22.49
C ILE G 58 23.18 12.43 -22.06
N SER G 59 23.15 12.66 -20.75
CA SER G 59 22.53 13.87 -20.23
C SER G 59 23.24 15.11 -20.75
N HIS G 60 22.56 16.26 -20.64
CA HIS G 60 23.14 17.51 -21.11
C HIS G 60 24.39 17.87 -20.31
N ILE G 61 24.34 17.68 -18.99
CA ILE G 61 25.41 18.16 -18.14
C ILE G 61 26.72 17.43 -18.45
N ARG G 62 26.64 16.12 -18.72
CA ARG G 62 27.85 15.37 -19.04
C ARG G 62 28.50 15.92 -20.31
N TYR G 63 27.68 16.14 -21.34
CA TYR G 63 28.22 16.65 -22.60
C TYR G 63 28.85 18.02 -22.41
N TRP G 64 28.18 18.91 -21.67
CA TRP G 64 28.71 20.26 -21.50
C TRP G 64 29.99 20.26 -20.67
N VAL G 65 30.05 19.45 -19.60
CA VAL G 65 31.26 19.39 -18.80
C VAL G 65 32.41 18.83 -19.62
N PHE G 66 32.14 17.77 -20.41
CA PHE G 66 33.20 17.20 -21.24
C PHE G 66 33.71 18.21 -22.26
N GLN G 67 32.79 18.96 -22.89
CA GLN G 67 33.21 19.98 -23.83
C GLN G 67 34.07 21.03 -23.14
N ILE G 68 33.66 21.49 -21.97
CA ILE G 68 34.40 22.53 -21.26
C ILE G 68 35.81 22.04 -20.93
N ILE G 69 35.92 20.80 -20.46
CA ILE G 69 37.24 20.27 -20.10
C ILE G 69 38.09 20.08 -21.36
N MET G 70 37.48 19.66 -22.46
CA MET G 70 38.25 19.38 -23.67
C MET G 70 38.77 20.66 -24.31
N VAL G 71 37.97 21.74 -24.28
CA VAL G 71 38.39 22.96 -24.96
C VAL G 71 39.53 23.66 -24.22
N CYS G 72 39.85 23.24 -23.01
CA CYS G 72 40.90 23.89 -22.22
C CYS G 72 42.22 23.14 -22.23
N THR G 73 42.30 22.00 -22.92
CA THR G 73 43.56 21.27 -22.99
C THR G 73 44.68 22.07 -23.63
N PRO G 74 44.46 22.79 -24.73
CA PRO G 74 45.57 23.55 -25.34
C PRO G 74 46.23 24.53 -24.38
N SER G 75 45.44 25.21 -23.53
CA SER G 75 46.03 26.13 -22.57
C SER G 75 46.93 25.40 -21.59
N LEU G 76 46.50 24.24 -21.10
CA LEU G 76 47.33 23.45 -20.19
C LEU G 76 48.61 23.02 -20.88
N CYS G 77 48.51 22.57 -22.13
CA CYS G 77 49.71 22.16 -22.86
C CYS G 77 50.68 23.32 -23.02
N PHE G 78 50.17 24.49 -23.40
CA PHE G 78 51.03 25.66 -23.56
C PHE G 78 51.70 26.03 -22.24
N ILE G 79 50.94 26.04 -21.16
CA ILE G 79 51.49 26.43 -19.87
C ILE G 79 52.58 25.46 -19.42
N THR G 80 52.32 24.16 -19.55
CA THR G 80 53.31 23.18 -19.12
C THR G 80 54.55 23.24 -19.99
N TYR G 81 54.38 23.44 -21.30
CA TYR G 81 55.54 23.57 -22.17
C TYR G 81 56.37 24.79 -21.81
N SER G 82 55.72 25.92 -21.54
CA SER G 82 56.46 27.12 -21.16
C SER G 82 57.19 26.90 -19.84
N VAL G 83 56.53 26.27 -18.87
CA VAL G 83 57.17 26.02 -17.58
C VAL G 83 58.40 25.12 -17.75
N HIS G 84 58.25 24.05 -18.54
CA HIS G 84 59.35 23.12 -18.73
C HIS G 84 60.50 23.76 -19.51
N GLN G 85 60.19 24.70 -20.42
CA GLN G 85 61.24 25.32 -21.21
C GLN G 85 62.21 26.10 -20.32
N SER G 86 61.68 26.82 -19.32
CA SER G 86 62.53 27.59 -18.41
C SER G 86 63.27 26.66 -17.45
N GLY G 206 59.99 27.60 -32.43
CA GLY G 206 58.71 27.37 -33.05
C GLY G 206 57.54 27.77 -32.17
N ILE G 207 57.75 28.82 -31.36
CA ILE G 207 56.68 29.29 -30.48
C ILE G 207 55.49 29.76 -31.28
N SER G 208 55.74 30.50 -32.37
CA SER G 208 54.64 30.96 -33.21
C SER G 208 53.90 29.78 -33.84
N ARG G 209 54.65 28.76 -34.29
CA ARG G 209 54.00 27.58 -34.85
C ARG G 209 53.12 26.90 -33.81
N PHE G 210 53.62 26.76 -32.58
CA PHE G 210 52.81 26.16 -31.52
C PHE G 210 51.56 26.97 -31.24
N TYR G 211 51.69 28.30 -31.21
CA TYR G 211 50.53 29.15 -30.97
C TYR G 211 49.49 28.97 -32.07
N ILE G 212 49.92 29.00 -33.33
CA ILE G 212 48.98 28.83 -34.44
C ILE G 212 48.31 27.46 -34.37
N ILE G 213 49.10 26.42 -34.11
CA ILE G 213 48.55 25.07 -34.09
C ILE G 213 47.51 24.94 -32.98
N GLN G 214 47.84 25.45 -31.78
CA GLN G 214 46.90 25.31 -30.67
C GLN G 214 45.63 26.10 -30.93
N VAL G 215 45.74 27.31 -31.50
CA VAL G 215 44.54 28.10 -31.78
C VAL G 215 43.67 27.39 -32.81
N VAL G 216 44.29 26.88 -33.88
CA VAL G 216 43.52 26.19 -34.92
C VAL G 216 42.83 24.96 -34.35
N PHE G 217 43.55 24.18 -33.54
CA PHE G 217 42.96 22.98 -32.97
C PHE G 217 41.80 23.33 -32.05
N ARG G 218 41.96 24.37 -31.22
CA ARG G 218 40.87 24.78 -30.35
C ARG G 218 39.65 25.18 -31.14
N ASN G 219 39.84 25.97 -32.20
CA ASN G 219 38.70 26.40 -33.01
C ASN G 219 38.01 25.21 -33.66
N ALA G 220 38.79 24.29 -34.23
CA ALA G 220 38.20 23.12 -34.87
C ALA G 220 37.42 22.28 -33.87
N LEU G 221 37.98 22.05 -32.69
CA LEU G 221 37.29 21.26 -31.67
C LEU G 221 36.00 21.94 -31.26
N GLU G 222 36.03 23.26 -31.06
CA GLU G 222 34.81 23.96 -30.64
C GLU G 222 33.73 23.86 -31.71
N ILE G 223 34.10 24.04 -32.99
CA ILE G 223 33.11 23.96 -34.05
C ILE G 223 32.51 22.55 -34.13
N GLY G 224 33.38 21.54 -34.04
CA GLY G 224 32.88 20.17 -34.07
C GLY G 224 31.94 19.87 -32.92
N PHE G 225 32.29 20.34 -31.72
CA PHE G 225 31.44 20.09 -30.56
C PHE G 225 30.10 20.81 -30.70
N LEU G 226 30.11 22.04 -31.22
CA LEU G 226 28.86 22.75 -31.44
C LEU G 226 27.96 22.01 -32.42
N VAL G 227 28.54 21.54 -33.53
CA VAL G 227 27.74 20.80 -34.51
C VAL G 227 27.19 19.52 -33.90
N GLY G 228 28.02 18.81 -33.14
CA GLY G 228 27.54 17.61 -32.47
C GLY G 228 26.39 17.89 -31.52
N GLN G 229 26.51 18.97 -30.74
CA GLN G 229 25.43 19.35 -29.83
C GLN G 229 24.15 19.64 -30.59
N TYR G 230 24.26 20.39 -31.69
CA TYR G 230 23.06 20.70 -32.46
C TYR G 230 22.41 19.44 -33.01
N PHE G 231 23.23 18.49 -33.48
CA PHE G 231 22.67 17.28 -34.07
C PHE G 231 22.17 16.30 -33.02
N LEU G 232 22.61 16.43 -31.76
CA LEU G 232 22.19 15.50 -30.73
C LEU G 232 20.83 15.88 -30.14
N TYR G 233 20.75 17.06 -29.52
CA TYR G 233 19.60 17.44 -28.73
C TYR G 233 18.62 18.34 -29.46
N GLY G 234 19.09 19.20 -30.35
CA GLY G 234 18.20 20.10 -31.07
C GLY G 234 17.99 21.39 -30.32
N PHE G 235 16.74 21.85 -30.24
CA PHE G 235 16.42 23.10 -29.57
C PHE G 235 15.23 23.00 -28.64
N SER G 236 14.72 21.79 -28.37
CA SER G 236 13.52 21.65 -27.55
C SER G 236 13.61 20.35 -26.76
N VAL G 237 12.83 20.29 -25.69
CA VAL G 237 12.74 19.10 -24.85
C VAL G 237 11.25 18.80 -24.63
N PRO G 238 10.61 18.02 -25.50
CA PRO G 238 9.16 17.84 -25.39
C PRO G 238 8.77 17.18 -24.08
N GLY G 239 7.57 17.52 -23.59
CA GLY G 239 7.11 16.99 -22.33
C GLY G 239 6.64 15.54 -22.41
N LEU G 240 6.13 15.13 -23.56
CA LEU G 240 5.62 13.78 -23.76
C LEU G 240 6.54 13.01 -24.70
N TYR G 241 6.78 11.74 -24.39
CA TYR G 241 7.62 10.88 -25.22
C TYR G 241 6.92 9.54 -25.43
N GLU G 242 7.17 8.95 -26.59
CA GLU G 242 6.63 7.64 -26.95
C GLU G 242 7.74 6.61 -26.89
N CYS G 243 7.56 5.60 -26.03
CA CYS G 243 8.56 4.58 -25.78
C CYS G 243 8.01 3.23 -26.22
N ASN G 244 8.77 2.53 -27.07
CA ASN G 244 8.34 1.24 -27.62
C ASN G 244 9.49 0.24 -27.62
N ARG G 245 10.23 0.17 -26.51
CA ARG G 245 11.36 -0.73 -26.38
C ARG G 245 11.03 -1.83 -25.37
N TYR G 246 11.69 -2.96 -25.55
CA TYR G 246 11.50 -4.09 -24.64
C TYR G 246 11.89 -3.67 -23.22
N PRO G 247 11.16 -4.12 -22.19
CA PRO G 247 10.02 -5.03 -22.17
C PRO G 247 8.66 -4.35 -22.32
N CYS G 248 8.65 -3.04 -22.51
CA CYS G 248 7.39 -2.31 -22.62
C CYS G 248 6.57 -2.86 -23.77
N ILE G 249 5.31 -3.19 -23.50
CA ILE G 249 4.44 -3.81 -24.49
C ILE G 249 3.90 -2.74 -25.42
N LYS G 250 4.05 -2.96 -26.73
CA LYS G 250 3.58 -2.01 -27.72
C LYS G 250 4.19 -0.64 -27.45
N GLU G 251 3.41 0.43 -27.56
CA GLU G 251 3.91 1.79 -27.34
C GLU G 251 3.27 2.36 -26.09
N VAL G 252 4.08 3.07 -25.30
CA VAL G 252 3.61 3.71 -24.07
C VAL G 252 4.03 5.17 -24.08
N GLU G 253 3.37 5.96 -23.25
CA GLU G 253 3.62 7.39 -23.15
C GLU G 253 4.27 7.71 -21.80
N CYS G 254 5.33 8.50 -21.84
CA CYS G 254 6.08 8.87 -20.65
C CYS G 254 6.19 10.38 -20.57
N TYR G 255 6.17 10.90 -19.34
CA TYR G 255 6.13 12.32 -19.07
C TYR G 255 7.45 12.79 -18.48
N VAL G 256 8.03 13.84 -19.08
CA VAL G 256 9.31 14.38 -18.65
C VAL G 256 9.07 15.37 -17.51
N SER G 257 10.15 15.72 -16.82
CA SER G 257 10.12 16.66 -15.71
C SER G 257 10.92 17.91 -16.08
N ARG G 258 10.34 19.08 -15.83
CA ARG G 258 11.00 20.36 -16.07
C ARG G 258 11.39 20.51 -17.54
N PRO G 259 10.42 20.58 -18.46
CA PRO G 259 10.79 20.81 -19.86
C PRO G 259 11.19 22.26 -20.16
N THR G 260 10.49 23.24 -19.59
CA THR G 260 10.71 24.63 -19.97
C THR G 260 12.08 25.12 -19.52
N GLU G 261 12.46 24.83 -18.28
CA GLU G 261 13.75 25.27 -17.78
C GLU G 261 14.89 24.63 -18.57
N LYS G 262 14.75 23.34 -18.89
CA LYS G 262 15.77 22.67 -19.69
C LYS G 262 15.87 23.30 -21.08
N THR G 263 14.74 23.63 -21.69
CA THR G 263 14.76 24.27 -23.00
C THR G 263 15.47 25.63 -22.93
N VAL G 264 15.16 26.42 -21.91
CA VAL G 264 15.78 27.73 -21.78
C VAL G 264 17.29 27.58 -21.61
N PHE G 265 17.71 26.64 -20.78
CA PHE G 265 19.14 26.40 -20.57
C PHE G 265 19.82 25.96 -21.87
N LEU G 266 19.16 25.07 -22.63
CA LEU G 266 19.71 24.65 -23.92
C LEU G 266 19.94 25.85 -24.83
N VAL G 267 18.92 26.70 -24.97
CA VAL G 267 19.05 27.84 -25.88
C VAL G 267 20.15 28.78 -25.40
N PHE G 268 20.23 29.01 -24.09
CA PHE G 268 21.26 29.90 -23.56
C PHE G 268 22.65 29.37 -23.84
N MET G 269 22.88 28.08 -23.59
CA MET G 269 24.18 27.50 -23.85
C MET G 269 24.53 27.55 -25.33
N PHE G 270 23.54 27.30 -26.19
CA PHE G 270 23.79 27.38 -27.63
C PHE G 270 24.20 28.78 -28.03
N ALA G 271 23.53 29.79 -27.49
CA ALA G 271 23.89 31.17 -27.82
C ALA G 271 25.31 31.50 -27.35
N VAL G 272 25.66 31.07 -26.13
CA VAL G 272 27.00 31.34 -25.63
C VAL G 272 28.06 30.68 -26.51
N SER G 273 27.82 29.42 -26.88
CA SER G 273 28.77 28.72 -27.73
C SER G 273 28.89 29.40 -29.09
N GLY G 274 27.76 29.86 -29.64
CA GLY G 274 27.80 30.57 -30.91
C GLY G 274 28.63 31.84 -30.82
N ILE G 275 28.46 32.60 -29.74
CA ILE G 275 29.25 33.82 -29.57
C ILE G 275 30.74 33.49 -29.47
N CYS G 276 31.08 32.44 -28.73
CA CYS G 276 32.47 32.03 -28.62
C CYS G 276 33.04 31.66 -29.98
N VAL G 277 32.28 30.89 -30.77
CA VAL G 277 32.74 30.48 -32.09
C VAL G 277 32.94 31.70 -32.98
N VAL G 278 32.01 32.65 -32.92
CA VAL G 278 32.12 33.85 -33.74
C VAL G 278 33.38 34.63 -33.38
N LEU G 279 33.64 34.79 -32.08
CA LEU G 279 34.83 35.52 -31.66
C LEU G 279 36.11 34.80 -32.11
N ASN G 280 36.14 33.48 -31.96
CA ASN G 280 37.32 32.73 -32.37
C ASN G 280 37.55 32.85 -33.87
N LEU G 281 36.48 32.74 -34.66
CA LEU G 281 36.61 32.89 -36.11
C LEU G 281 37.10 34.28 -36.48
N ALA G 282 36.57 35.31 -35.81
CA ALA G 282 37.02 36.66 -36.09
C ALA G 282 38.50 36.83 -35.80
N GLU G 283 38.95 36.30 -34.66
CA GLU G 283 40.37 36.40 -34.32
C GLU G 283 41.23 35.65 -35.33
N LEU G 284 40.80 34.45 -35.72
CA LEU G 284 41.57 33.69 -36.70
C LEU G 284 41.66 34.43 -38.03
N ASN G 285 40.55 35.01 -38.48
CA ASN G 285 40.57 35.78 -39.72
C ASN G 285 41.49 36.99 -39.58
N HIS G 286 41.46 37.67 -38.44
CA HIS G 286 42.32 38.83 -38.24
C HIS G 286 43.79 38.45 -38.32
N LEU G 287 44.16 37.34 -37.67
CA LEU G 287 45.54 36.88 -37.71
C LEU G 287 45.95 36.51 -39.13
N GLY G 288 45.08 35.83 -39.86
CA GLY G 288 45.38 35.42 -41.22
C GLY G 288 46.55 34.46 -41.30
N SER H 4 60.16 16.06 -29.78
CA SER H 4 59.68 14.69 -29.92
C SER H 4 59.74 13.96 -28.59
N THR H 5 60.95 13.60 -28.16
CA THR H 5 61.10 12.90 -26.89
C THR H 5 60.64 13.75 -25.72
N MET H 6 60.96 15.04 -25.74
CA MET H 6 60.55 15.92 -24.65
C MET H 6 59.03 16.13 -24.65
N ILE H 7 58.40 16.19 -25.83
CA ILE H 7 56.97 16.41 -25.90
C ILE H 7 56.21 15.27 -25.25
N GLY H 8 56.75 14.05 -25.31
CA GLY H 8 56.03 12.90 -24.77
C GLY H 8 55.69 13.06 -23.30
N ARG H 9 56.64 13.59 -22.51
CA ARG H 9 56.38 13.80 -21.09
C ARG H 9 55.24 14.78 -20.88
N ILE H 10 55.22 15.87 -21.65
CA ILE H 10 54.15 16.85 -21.52
C ILE H 10 52.81 16.22 -21.87
N LEU H 11 52.76 15.45 -22.96
CA LEU H 11 51.52 14.80 -23.33
C LEU H 11 51.06 13.84 -22.24
N LEU H 12 51.98 13.07 -21.68
CA LEU H 12 51.62 12.12 -20.63
C LEU H 12 51.05 12.85 -19.42
N THR H 13 51.70 13.93 -19.01
CA THR H 13 51.22 14.68 -17.84
C THR H 13 49.85 15.29 -18.10
N VAL H 14 49.65 15.86 -19.29
CA VAL H 14 48.36 16.46 -19.62
C VAL H 14 47.27 15.39 -19.63
N VAL H 15 47.56 14.22 -20.21
CA VAL H 15 46.57 13.16 -20.26
C VAL H 15 46.24 12.67 -18.86
N VAL H 16 47.24 12.55 -18.00
CA VAL H 16 47.01 12.11 -16.62
C VAL H 16 46.09 13.10 -15.91
N ILE H 17 46.39 14.40 -16.04
CA ILE H 17 45.55 15.41 -15.39
C ILE H 17 44.14 15.34 -15.94
N PHE H 18 43.99 15.18 -17.26
CA PHE H 18 42.68 15.15 -17.88
C PHE H 18 41.85 13.97 -17.37
N ARG H 19 42.46 12.77 -17.34
CA ARG H 19 41.72 11.60 -16.86
C ARG H 19 41.38 11.74 -15.38
N ILE H 20 42.28 12.29 -14.58
CA ILE H 20 41.99 12.47 -13.16
C ILE H 20 40.81 13.42 -12.99
N LEU H 21 40.81 14.53 -13.74
CA LEU H 21 39.70 15.48 -13.64
C LEU H 21 38.39 14.84 -14.07
N ILE H 22 38.42 14.07 -15.17
CA ILE H 22 37.20 13.42 -15.65
C ILE H 22 36.65 12.48 -14.58
N VAL H 23 37.52 11.63 -14.02
CA VAL H 23 37.07 10.65 -13.03
C VAL H 23 36.54 11.36 -11.79
N ALA H 24 37.16 12.48 -11.42
CA ALA H 24 36.73 13.18 -10.21
C ALA H 24 35.43 13.93 -10.41
N ILE H 25 35.17 14.43 -11.61
CA ILE H 25 34.02 15.30 -11.84
C ILE H 25 32.80 14.50 -12.28
N VAL H 26 32.93 13.66 -13.30
CA VAL H 26 31.77 12.98 -13.88
C VAL H 26 31.75 11.52 -13.47
N GLY H 27 32.46 11.19 -12.39
CA GLY H 27 32.53 9.81 -11.94
C GLY H 27 31.52 9.44 -10.87
N GLU H 28 31.48 10.21 -9.78
CA GLU H 28 30.72 9.80 -8.61
C GLU H 28 29.22 9.80 -8.88
N THR H 29 28.69 10.91 -9.42
CA THR H 29 27.24 11.08 -9.48
C THR H 29 26.59 10.22 -10.56
N VAL H 30 27.35 9.75 -11.55
CA VAL H 30 26.76 8.86 -12.55
C VAL H 30 26.36 7.54 -11.92
N TYR H 31 27.13 7.07 -10.93
CA TYR H 31 26.90 5.80 -10.27
C TYR H 31 26.25 5.98 -8.89
N ASP H 32 25.50 7.07 -8.70
CA ASP H 32 24.90 7.33 -7.40
C ASP H 32 23.78 6.34 -7.08
N ASP H 33 22.93 6.06 -8.07
CA ASP H 33 21.73 5.23 -7.88
C ASP H 33 21.88 3.84 -8.48
N GLU H 34 23.07 3.24 -8.39
CA GLU H 34 23.29 1.95 -9.00
C GLU H 34 22.39 0.88 -8.40
N GLN H 35 22.25 0.87 -7.07
CA GLN H 35 21.47 -0.16 -6.40
C GLN H 35 20.02 0.25 -6.12
N THR H 36 19.75 1.54 -5.98
CA THR H 36 18.38 1.97 -5.71
C THR H 36 17.46 1.67 -6.88
N MET H 37 17.93 1.88 -8.10
CA MET H 37 17.12 1.71 -9.31
C MET H 37 17.27 0.32 -9.93
N PHE H 38 18.06 -0.56 -9.34
CA PHE H 38 18.18 -1.93 -9.83
C PHE H 38 17.00 -2.74 -9.32
N VAL H 39 16.22 -3.29 -10.23
CA VAL H 39 15.00 -4.02 -9.90
C VAL H 39 15.00 -5.36 -10.62
N CYS H 40 14.27 -6.32 -10.04
CA CYS H 40 14.15 -7.66 -10.59
C CYS H 40 12.69 -8.07 -10.58
N ASN H 41 12.36 -9.01 -11.46
CA ASN H 41 10.98 -9.45 -11.66
C ASN H 41 10.71 -10.68 -10.81
N THR H 42 10.47 -10.43 -9.52
CA THR H 42 10.18 -11.51 -8.58
C THR H 42 9.64 -10.92 -7.30
N LEU H 43 9.12 -11.79 -6.44
CA LEU H 43 8.58 -11.40 -5.14
C LEU H 43 9.38 -11.95 -3.97
N GLN H 44 10.36 -12.80 -4.22
CA GLN H 44 11.14 -13.39 -3.15
C GLN H 44 11.98 -12.31 -2.46
N PRO H 45 11.85 -12.11 -1.16
CA PRO H 45 12.72 -11.14 -0.48
C PRO H 45 14.18 -11.55 -0.57
N GLY H 46 15.04 -10.55 -0.73
CA GLY H 46 16.47 -10.76 -0.79
C GLY H 46 17.01 -11.17 -2.14
N CYS H 47 16.16 -11.35 -3.15
CA CYS H 47 16.65 -11.70 -4.47
C CYS H 47 17.42 -10.54 -5.09
N ASN H 48 16.99 -9.30 -4.82
CA ASN H 48 17.64 -8.14 -5.40
C ASN H 48 19.10 -8.05 -4.97
N GLN H 49 19.37 -8.25 -3.67
CA GLN H 49 20.73 -8.11 -3.17
C GLN H 49 21.66 -9.13 -3.83
N ALA H 50 21.27 -10.40 -3.83
CA ALA H 50 22.12 -11.44 -4.40
C ALA H 50 22.32 -11.21 -5.89
N CYS H 51 21.24 -10.89 -6.61
CA CYS H 51 21.36 -10.69 -8.05
C CYS H 51 22.27 -9.51 -8.38
N TYR H 52 22.12 -8.40 -7.65
CA TYR H 52 22.98 -7.25 -7.90
C TYR H 52 24.43 -7.57 -7.58
N ASP H 53 24.68 -8.26 -6.47
CA ASP H 53 26.04 -8.61 -6.11
C ASP H 53 26.67 -9.50 -7.17
N ARG H 54 25.90 -10.43 -7.73
CA ARG H 54 26.41 -11.25 -8.81
C ARG H 54 26.66 -10.43 -10.07
N ALA H 55 25.82 -9.42 -10.32
CA ALA H 55 25.95 -8.65 -11.55
C ALA H 55 27.20 -7.77 -11.54
N PHE H 56 27.44 -7.07 -10.44
CA PHE H 56 28.54 -6.09 -10.33
C PHE H 56 29.37 -6.41 -9.09
N PRO H 57 30.31 -7.36 -9.19
CA PRO H 57 31.12 -7.66 -8.01
C PRO H 57 31.87 -6.47 -7.47
N ILE H 58 32.59 -5.74 -8.33
CA ILE H 58 33.27 -4.52 -7.95
C ILE H 58 32.92 -3.43 -8.96
N SER H 59 32.34 -2.33 -8.48
CA SER H 59 31.90 -1.28 -9.39
C SER H 59 33.07 -0.73 -10.19
N HIS H 60 32.74 -0.07 -11.30
CA HIS H 60 33.77 0.49 -12.16
C HIS H 60 34.57 1.58 -11.43
N ILE H 61 33.87 2.42 -10.67
CA ILE H 61 34.52 3.58 -10.07
C ILE H 61 35.57 3.14 -9.07
N ARG H 62 35.29 2.09 -8.30
CA ARG H 62 36.27 1.59 -7.35
C ARG H 62 37.55 1.15 -8.06
N TYR H 63 37.41 0.37 -9.13
CA TYR H 63 38.57 -0.11 -9.85
C TYR H 63 39.35 1.04 -10.44
N TRP H 64 38.67 2.02 -11.03
CA TRP H 64 39.39 3.12 -11.66
C TRP H 64 40.10 3.99 -10.63
N VAL H 65 39.45 4.28 -9.50
CA VAL H 65 40.10 5.07 -8.47
C VAL H 65 41.31 4.34 -7.91
N PHE H 66 41.18 3.03 -7.68
CA PHE H 66 42.31 2.26 -7.17
C PHE H 66 43.46 2.27 -8.16
N GLN H 67 43.17 2.11 -9.45
CA GLN H 67 44.23 2.15 -10.45
C GLN H 67 44.91 3.51 -10.46
N ILE H 68 44.13 4.59 -10.40
CA ILE H 68 44.70 5.94 -10.43
C ILE H 68 45.63 6.14 -9.24
N ILE H 69 45.18 5.72 -8.06
CA ILE H 69 46.01 5.91 -6.87
C ILE H 69 47.26 5.04 -6.94
N MET H 70 47.14 3.83 -7.49
CA MET H 70 48.28 2.92 -7.51
C MET H 70 49.34 3.37 -8.51
N VAL H 71 48.93 3.92 -9.65
CA VAL H 71 49.90 4.30 -10.67
C VAL H 71 50.73 5.52 -10.25
N CYS H 72 50.32 6.22 -9.20
CA CYS H 72 51.02 7.44 -8.76
C CYS H 72 51.95 7.20 -7.59
N THR H 73 52.05 5.98 -7.08
CA THR H 73 52.97 5.72 -5.98
C THR H 73 54.43 6.00 -6.34
N PRO H 74 54.93 5.62 -7.51
CA PRO H 74 56.35 5.90 -7.82
C PRO H 74 56.71 7.36 -7.71
N SER H 75 55.83 8.26 -8.15
CA SER H 75 56.12 9.70 -8.05
C SER H 75 56.26 10.12 -6.59
N LEU H 76 55.36 9.62 -5.73
CA LEU H 76 55.46 9.95 -4.32
C LEU H 76 56.76 9.42 -3.72
N CYS H 77 57.14 8.19 -4.08
CA CYS H 77 58.38 7.63 -3.57
C CYS H 77 59.57 8.47 -4.02
N PHE H 78 59.61 8.86 -5.30
CA PHE H 78 60.71 9.67 -5.79
C PHE H 78 60.77 11.02 -5.08
N ILE H 79 59.62 11.66 -4.90
CA ILE H 79 59.60 12.98 -4.27
C ILE H 79 60.07 12.88 -2.82
N THR H 80 59.58 11.89 -2.08
CA THR H 80 59.98 11.77 -0.68
C THR H 80 61.45 11.41 -0.56
N TYR H 81 61.96 10.55 -1.45
CA TYR H 81 63.39 10.23 -1.42
C TYR H 81 64.23 11.47 -1.70
N SER H 82 63.84 12.27 -2.69
CA SER H 82 64.58 13.49 -2.99
C SER H 82 64.56 14.45 -1.82
N VAL H 83 63.39 14.61 -1.19
CA VAL H 83 63.28 15.52 -0.05
C VAL H 83 64.17 15.04 1.10
N HIS H 84 64.14 13.74 1.39
CA HIS H 84 64.94 13.21 2.49
C HIS H 84 66.43 13.28 2.19
N GLN H 85 66.81 13.19 0.92
CA GLN H 85 68.23 13.23 0.58
C GLN H 85 68.85 14.57 0.97
N SER H 86 68.14 15.67 0.72
CA SER H 86 68.65 16.99 1.07
C SER H 86 68.60 17.21 2.58
N GLY H 206 72.88 6.33 -7.44
CA GLY H 206 72.00 5.44 -8.18
C GLY H 206 70.69 6.11 -8.57
N ILE H 207 70.74 7.42 -8.80
CA ILE H 207 69.54 8.15 -9.19
C ILE H 207 69.01 7.64 -10.52
N SER H 208 69.91 7.38 -11.48
CA SER H 208 69.47 6.84 -12.76
C SER H 208 68.86 5.46 -12.59
N ARG H 209 69.45 4.63 -11.73
CA ARG H 209 68.88 3.30 -11.47
C ARG H 209 67.48 3.43 -10.89
N PHE H 210 67.29 4.33 -9.93
CA PHE H 210 65.96 4.53 -9.36
C PHE H 210 64.97 5.01 -10.42
N TYR H 211 65.40 5.94 -11.28
CA TYR H 211 64.52 6.43 -12.33
C TYR H 211 64.09 5.29 -13.25
N ILE H 212 65.05 4.49 -13.71
CA ILE H 212 64.71 3.38 -14.61
C ILE H 212 63.79 2.39 -13.92
N ILE H 213 64.09 2.05 -12.67
CA ILE H 213 63.29 1.06 -11.95
C ILE H 213 61.85 1.55 -11.80
N GLN H 214 61.68 2.81 -11.41
CA GLN H 214 60.32 3.30 -11.19
C GLN H 214 59.56 3.44 -12.49
N VAL H 215 60.23 3.84 -13.58
CA VAL H 215 59.56 3.88 -14.88
C VAL H 215 59.10 2.48 -15.28
N VAL H 216 59.98 1.48 -15.14
CA VAL H 216 59.63 0.12 -15.53
C VAL H 216 58.47 -0.38 -14.69
N PHE H 217 58.50 -0.13 -13.38
CA PHE H 217 57.43 -0.59 -12.51
C PHE H 217 56.11 0.07 -12.86
N ARG H 218 56.13 1.38 -13.14
CA ARG H 218 54.90 2.07 -13.52
C ARG H 218 54.32 1.48 -14.80
N ASN H 219 55.18 1.24 -15.80
CA ASN H 219 54.70 0.68 -17.05
C ASN H 219 54.11 -0.71 -16.84
N ALA H 220 54.80 -1.56 -16.08
CA ALA H 220 54.29 -2.90 -15.85
C ALA H 220 52.96 -2.87 -15.11
N LEU H 221 52.85 -2.03 -14.08
CA LEU H 221 51.59 -1.93 -13.35
C LEU H 221 50.46 -1.46 -14.26
N GLU H 222 50.73 -0.46 -15.10
CA GLU H 222 49.68 0.04 -15.98
C GLU H 222 49.22 -1.03 -16.96
N ILE H 223 50.17 -1.78 -17.55
CA ILE H 223 49.79 -2.83 -18.49
C ILE H 223 48.97 -3.89 -17.79
N GLY H 224 49.40 -4.32 -16.61
CA GLY H 224 48.66 -5.32 -15.87
C GLY H 224 47.26 -4.87 -15.53
N PHE H 225 47.12 -3.61 -15.10
CA PHE H 225 45.80 -3.09 -14.76
C PHE H 225 44.90 -3.01 -15.99
N LEU H 226 45.46 -2.60 -17.13
CA LEU H 226 44.66 -2.55 -18.35
C LEU H 226 44.17 -3.94 -18.74
N VAL H 227 45.06 -4.94 -18.67
CA VAL H 227 44.64 -6.30 -19.02
C VAL H 227 43.56 -6.79 -18.05
N GLY H 228 43.75 -6.53 -16.76
CA GLY H 228 42.74 -6.91 -15.79
C GLY H 228 41.39 -6.26 -16.07
N GLN H 229 41.40 -4.97 -16.39
CA GLN H 229 40.15 -4.28 -16.72
C GLN H 229 39.49 -4.91 -17.93
N TYR H 230 40.27 -5.20 -18.97
CA TYR H 230 39.68 -5.82 -20.16
C TYR H 230 39.06 -7.17 -19.83
N PHE H 231 39.73 -7.97 -19.00
CA PHE H 231 39.22 -9.29 -18.68
C PHE H 231 38.07 -9.25 -17.68
N LEU H 232 37.91 -8.16 -16.93
CA LEU H 232 36.84 -8.08 -15.94
C LEU H 232 35.51 -7.68 -16.58
N TYR H 233 35.46 -6.49 -17.17
CA TYR H 233 34.19 -5.89 -17.59
C TYR H 233 33.92 -6.04 -19.08
N GLY H 234 34.95 -6.07 -19.92
CA GLY H 234 34.76 -6.20 -21.35
C GLY H 234 34.55 -4.86 -22.00
N PHE H 235 33.54 -4.77 -22.88
CA PHE H 235 33.27 -3.53 -23.60
C PHE H 235 31.79 -3.15 -23.63
N SER H 236 30.94 -3.81 -22.86
CA SER H 236 29.51 -3.53 -22.90
C SER H 236 28.89 -3.80 -21.54
N VAL H 237 27.73 -3.20 -21.33
CA VAL H 237 26.96 -3.38 -20.09
C VAL H 237 25.52 -3.73 -20.47
N PRO H 238 25.20 -4.99 -20.72
CA PRO H 238 23.86 -5.31 -21.24
C PRO H 238 22.76 -4.88 -20.27
N GLY H 239 21.63 -4.48 -20.85
CA GLY H 239 20.51 -4.03 -20.04
C GLY H 239 19.89 -5.14 -19.22
N LEU H 240 19.71 -6.31 -19.82
CA LEU H 240 19.05 -7.44 -19.16
C LEU H 240 20.10 -8.43 -18.64
N TYR H 241 19.85 -8.97 -17.46
CA TYR H 241 20.73 -9.96 -16.86
C TYR H 241 19.91 -11.13 -16.33
N GLU H 242 20.51 -12.31 -16.34
CA GLU H 242 19.87 -13.54 -15.85
C GLU H 242 20.55 -13.93 -14.54
N CYS H 243 19.76 -14.03 -13.48
CA CYS H 243 20.24 -14.29 -12.14
C CYS H 243 19.63 -15.58 -11.63
N ASN H 244 20.48 -16.51 -11.18
CA ASN H 244 20.04 -17.83 -10.73
C ASN H 244 20.80 -18.24 -9.47
N ARG H 245 20.90 -17.32 -8.52
CA ARG H 245 21.59 -17.57 -7.26
C ARG H 245 20.59 -17.61 -6.11
N TYR H 246 20.94 -18.34 -5.07
CA TYR H 246 20.09 -18.45 -3.90
C TYR H 246 19.88 -17.07 -3.29
N PRO H 247 18.67 -16.74 -2.79
CA PRO H 247 17.46 -17.56 -2.69
C PRO H 247 16.55 -17.49 -3.91
N CYS H 248 16.98 -16.80 -4.96
CA CYS H 248 16.15 -16.63 -6.13
C CYS H 248 15.79 -17.99 -6.71
N ILE H 249 14.50 -18.21 -6.94
CA ILE H 249 14.02 -19.52 -7.40
C ILE H 249 14.24 -19.64 -8.90
N LYS H 250 14.89 -20.72 -9.32
CA LYS H 250 15.17 -20.94 -10.73
C LYS H 250 15.94 -19.76 -11.28
N GLU H 251 15.60 -19.31 -12.50
CA GLU H 251 16.28 -18.18 -13.12
C GLU H 251 15.31 -17.01 -13.23
N VAL H 252 15.81 -15.81 -12.95
CA VAL H 252 15.01 -14.59 -13.01
C VAL H 252 15.74 -13.57 -13.86
N GLU H 253 14.98 -12.59 -14.35
CA GLU H 253 15.51 -11.54 -15.21
C GLU H 253 15.53 -10.21 -14.45
N CYS H 254 16.65 -9.51 -14.53
CA CYS H 254 16.84 -8.24 -13.84
C CYS H 254 17.27 -7.18 -14.84
N TYR H 255 16.84 -5.94 -14.59
CA TYR H 255 17.01 -4.83 -15.50
C TYR H 255 18.00 -3.83 -14.93
N VAL H 256 19.03 -3.50 -15.72
CA VAL H 256 20.06 -2.58 -15.29
C VAL H 256 19.62 -1.15 -15.56
N SER H 257 20.27 -0.20 -14.90
CA SER H 257 19.98 1.22 -15.06
C SER H 257 21.14 1.91 -15.76
N ARG H 258 20.83 2.75 -16.74
CA ARG H 258 21.83 3.52 -17.48
C ARG H 258 22.87 2.62 -18.13
N PRO H 259 22.49 1.80 -19.11
CA PRO H 259 23.49 0.99 -19.82
C PRO H 259 24.35 1.78 -20.81
N THR H 260 23.71 2.69 -21.56
CA THR H 260 24.41 3.36 -22.65
C THR H 260 25.51 4.29 -22.13
N GLU H 261 25.19 5.09 -21.12
CA GLU H 261 26.19 6.01 -20.57
C GLU H 261 27.36 5.25 -19.97
N LYS H 262 27.07 4.15 -19.25
CA LYS H 262 28.14 3.34 -18.69
C LYS H 262 29.01 2.74 -19.79
N THR H 263 28.40 2.28 -20.88
CA THR H 263 29.19 1.73 -21.98
C THR H 263 30.09 2.80 -22.58
N VAL H 264 29.55 4.00 -22.79
CA VAL H 264 30.35 5.08 -23.38
C VAL H 264 31.52 5.41 -22.46
N PHE H 265 31.27 5.51 -21.15
CA PHE H 265 32.34 5.80 -20.21
C PHE H 265 33.40 4.70 -20.21
N LEU H 266 32.97 3.44 -20.27
CA LEU H 266 33.92 2.33 -20.36
C LEU H 266 34.83 2.48 -21.56
N VAL H 267 34.25 2.71 -22.73
CA VAL H 267 35.05 2.82 -23.94
C VAL H 267 36.00 3.99 -23.85
N PHE H 268 35.53 5.12 -23.32
CA PHE H 268 36.38 6.31 -23.21
C PHE H 268 37.57 6.04 -22.30
N MET H 269 37.32 5.43 -21.13
CA MET H 269 38.42 5.13 -20.22
C MET H 269 39.40 4.15 -20.84
N PHE H 270 38.89 3.15 -21.56
CA PHE H 270 39.78 2.21 -22.22
C PHE H 270 40.68 2.90 -23.24
N ALA H 271 40.10 3.82 -24.02
CA ALA H 271 40.90 4.54 -25.00
C ALA H 271 41.97 5.40 -24.32
N VAL H 272 41.61 6.07 -23.23
CA VAL H 272 42.59 6.91 -22.52
C VAL H 272 43.72 6.04 -21.99
N SER H 273 43.39 4.90 -21.38
CA SER H 273 44.41 4.02 -20.86
C SER H 273 45.31 3.48 -21.97
N GLY H 274 44.72 3.15 -23.11
CA GLY H 274 45.52 2.70 -24.24
C GLY H 274 46.49 3.76 -24.71
N ILE H 275 46.04 5.00 -24.80
CA ILE H 275 46.94 6.09 -25.20
C ILE H 275 48.07 6.24 -24.20
N CYS H 276 47.76 6.18 -22.90
CA CYS H 276 48.80 6.28 -21.89
C CYS H 276 49.82 5.16 -22.04
N VAL H 277 49.35 3.93 -22.24
CA VAL H 277 50.25 2.79 -22.39
C VAL H 277 51.13 2.98 -23.62
N VAL H 278 50.54 3.45 -24.72
CA VAL H 278 51.32 3.66 -25.94
C VAL H 278 52.42 4.68 -25.70
N LEU H 279 52.08 5.79 -25.03
CA LEU H 279 53.09 6.82 -24.78
C LEU H 279 54.19 6.29 -23.87
N ASN H 280 53.83 5.53 -22.83
CA ASN H 280 54.83 4.99 -21.93
C ASN H 280 55.75 4.02 -22.66
N LEU H 281 55.18 3.15 -23.50
CA LEU H 281 55.99 2.22 -24.26
C LEU H 281 56.93 2.96 -25.22
N ALA H 282 56.43 4.01 -25.87
CA ALA H 282 57.28 4.78 -26.77
C ALA H 282 58.44 5.41 -26.02
N GLU H 283 58.16 6.00 -24.85
CA GLU H 283 59.25 6.60 -24.06
C GLU H 283 60.27 5.55 -23.62
N LEU H 284 59.78 4.39 -23.17
CA LEU H 284 60.69 3.34 -22.74
C LEU H 284 61.57 2.86 -23.90
N ASN H 285 60.97 2.70 -25.08
CA ASN H 285 61.75 2.30 -26.25
C ASN H 285 62.79 3.37 -26.61
N HIS H 286 62.40 4.64 -26.54
CA HIS H 286 63.33 5.72 -26.85
C HIS H 286 64.51 5.70 -25.89
N LEU H 287 64.25 5.53 -24.60
CA LEU H 287 65.34 5.49 -23.63
C LEU H 287 66.25 4.30 -23.88
N GLY H 288 65.68 3.14 -24.17
CA GLY H 288 66.45 1.94 -24.42
C GLY H 288 67.25 1.49 -23.22
N SER I 4 68.83 0.51 2.41
CA SER I 4 68.21 -0.54 3.19
C SER I 4 67.58 0.02 4.47
N THR I 5 68.44 0.40 5.42
CA THR I 5 67.94 0.95 6.68
C THR I 5 67.20 2.27 6.47
N MET I 6 67.67 3.13 5.57
CA MET I 6 67.03 4.42 5.33
C MET I 6 65.79 4.30 4.45
N ILE I 7 65.79 3.35 3.51
CA ILE I 7 64.65 3.21 2.61
C ILE I 7 63.40 2.78 3.38
N GLY I 8 63.56 2.03 4.47
CA GLY I 8 62.41 1.54 5.19
C GLY I 8 61.49 2.65 5.66
N ARG I 9 62.07 3.76 6.13
CA ARG I 9 61.25 4.89 6.57
C ARG I 9 60.43 5.45 5.42
N ILE I 10 61.04 5.59 4.25
CA ILE I 10 60.33 6.10 3.09
C ILE I 10 59.19 5.16 2.71
N LEU I 11 59.45 3.86 2.70
CA LEU I 11 58.41 2.89 2.36
C LEU I 11 57.27 2.97 3.36
N LEU I 12 57.59 3.07 4.65
CA LEU I 12 56.55 3.16 5.67
C LEU I 12 55.70 4.40 5.48
N THR I 13 56.34 5.55 5.24
CA THR I 13 55.58 6.78 5.05
C THR I 13 54.68 6.71 3.82
N VAL I 14 55.22 6.17 2.72
CA VAL I 14 54.42 6.06 1.50
C VAL I 14 53.23 5.14 1.73
N VAL I 15 53.45 4.01 2.41
CA VAL I 15 52.36 3.08 2.67
C VAL I 15 51.31 3.72 3.57
N VAL I 16 51.75 4.48 4.58
CA VAL I 16 50.80 5.16 5.46
C VAL I 16 49.94 6.14 4.66
N ILE I 17 50.58 6.94 3.80
CA ILE I 17 49.82 7.89 3.00
C ILE I 17 48.84 7.15 2.09
N PHE I 18 49.30 6.05 1.48
CA PHE I 18 48.45 5.31 0.56
C PHE I 18 47.22 4.74 1.28
N ARG I 19 47.42 4.12 2.44
CA ARG I 19 46.28 3.55 3.16
C ARG I 19 45.34 4.65 3.64
N ILE I 20 45.88 5.79 4.09
CA ILE I 20 45.02 6.89 4.51
C ILE I 20 44.17 7.38 3.35
N LEU I 21 44.79 7.54 2.18
CA LEU I 21 44.04 8.00 1.01
C LEU I 21 42.96 7.00 0.63
N ILE I 22 43.29 5.71 0.65
CA ILE I 22 42.31 4.68 0.28
C ILE I 22 41.12 4.74 1.23
N VAL I 23 41.40 4.79 2.54
CA VAL I 23 40.32 4.79 3.52
C VAL I 23 39.47 6.05 3.38
N ALA I 24 40.10 7.19 3.06
CA ALA I 24 39.35 8.43 2.97
C ALA I 24 38.53 8.51 1.69
N ILE I 25 38.99 7.88 0.61
CA ILE I 25 38.34 8.04 -0.69
C ILE I 25 37.30 6.96 -0.94
N VAL I 26 37.66 5.69 -0.72
CA VAL I 26 36.76 4.59 -1.05
C VAL I 26 36.28 3.91 0.22
N GLY I 27 36.20 4.66 1.31
CA GLY I 27 35.78 4.11 2.58
C GLY I 27 34.33 4.40 2.93
N GLU I 28 33.90 5.64 2.74
CA GLU I 28 32.60 6.06 3.25
C GLU I 28 31.46 5.58 2.37
N THR I 29 31.45 6.00 1.10
CA THR I 29 30.28 5.77 0.25
C THR I 29 30.03 4.28 0.00
N VAL I 30 31.02 3.42 0.23
CA VAL I 30 30.77 1.99 0.12
C VAL I 30 29.79 1.54 1.18
N TYR I 31 29.94 2.06 2.41
CA TYR I 31 29.10 1.69 3.54
C TYR I 31 27.98 2.70 3.77
N ASP I 32 27.49 3.35 2.71
CA ASP I 32 26.47 4.37 2.88
C ASP I 32 25.10 3.75 3.22
N ASP I 33 24.77 2.63 2.58
CA ASP I 33 23.45 2.01 2.72
C ASP I 33 23.52 0.68 3.47
N GLU I 34 24.34 0.61 4.52
CA GLU I 34 24.49 -0.64 5.25
C GLU I 34 23.18 -1.07 5.88
N GLN I 35 22.45 -0.14 6.49
CA GLN I 35 21.22 -0.47 7.20
C GLN I 35 19.97 -0.30 6.35
N THR I 36 19.99 0.58 5.36
CA THR I 36 18.80 0.78 4.53
C THR I 36 18.47 -0.46 3.72
N MET I 37 19.50 -1.13 3.18
CA MET I 37 19.30 -2.29 2.33
C MET I 37 19.36 -3.61 3.09
N PHE I 38 19.56 -3.59 4.40
CA PHE I 38 19.55 -4.80 5.20
C PHE I 38 18.10 -5.20 5.47
N VAL I 39 17.71 -6.38 5.00
CA VAL I 39 16.33 -6.84 5.10
C VAL I 39 16.31 -8.24 5.71
N CYS I 40 15.21 -8.57 6.37
CA CYS I 40 15.02 -9.87 7.00
C CYS I 40 13.67 -10.43 6.61
N ASN I 41 13.55 -11.76 6.68
CA ASN I 41 12.35 -12.46 6.24
C ASN I 41 11.42 -12.67 7.44
N THR I 42 10.69 -11.62 7.79
CA THR I 42 9.75 -11.69 8.90
C THR I 42 8.84 -10.47 8.85
N LEU I 43 7.81 -10.51 9.69
CA LEU I 43 6.85 -9.41 9.80
C LEU I 43 6.86 -8.73 11.16
N GLN I 44 7.60 -9.28 12.12
CA GLN I 44 7.64 -8.70 13.47
C GLN I 44 8.30 -7.33 13.42
N PRO I 45 7.65 -6.26 13.87
CA PRO I 45 8.33 -4.96 13.91
C PRO I 45 9.52 -4.99 14.85
N GLY I 46 10.58 -4.28 14.46
CA GLY I 46 11.78 -4.18 15.27
C GLY I 46 12.75 -5.33 15.14
N CYS I 47 12.42 -6.37 14.36
CA CYS I 47 13.36 -7.47 14.17
C CYS I 47 14.59 -7.02 13.40
N ASN I 48 14.41 -6.11 12.43
CA ASN I 48 15.52 -5.66 11.61
C ASN I 48 16.59 -4.98 12.47
N GLN I 49 16.18 -4.10 13.38
CA GLN I 49 17.15 -3.37 14.19
C GLN I 49 17.99 -4.32 15.03
N ALA I 50 17.34 -5.21 15.77
CA ALA I 50 18.07 -6.14 16.64
C ALA I 50 18.98 -7.05 15.82
N CYS I 51 18.47 -7.59 14.71
CA CYS I 51 19.27 -8.50 13.91
C CYS I 51 20.48 -7.80 13.32
N TYR I 52 20.30 -6.57 12.81
CA TYR I 52 21.44 -5.84 12.27
C TYR I 52 22.45 -5.51 13.35
N ASP I 53 21.98 -5.09 14.53
CA ASP I 53 22.90 -4.77 15.60
C ASP I 53 23.71 -5.99 16.02
N ARG I 54 23.07 -7.16 16.05
CA ARG I 54 23.81 -8.38 16.35
C ARG I 54 24.79 -8.73 15.24
N ALA I 55 24.44 -8.44 13.99
CA ALA I 55 25.29 -8.82 12.87
C ALA I 55 26.56 -7.99 12.84
N PHE I 56 26.44 -6.67 12.98
CA PHE I 56 27.56 -5.73 12.86
C PHE I 56 27.63 -4.86 14.10
N PRO I 57 28.25 -5.34 15.18
CA PRO I 57 28.34 -4.51 16.39
C PRO I 57 29.00 -3.17 16.15
N ILE I 58 30.22 -3.17 15.62
CA ILE I 58 30.94 -1.96 15.24
C ILE I 58 31.37 -2.10 13.80
N SER I 59 30.91 -1.17 12.95
CA SER I 59 31.20 -1.26 11.53
C SER I 59 32.71 -1.24 11.28
N HIS I 60 33.09 -1.68 10.08
CA HIS I 60 34.51 -1.73 9.73
C HIS I 60 35.11 -0.33 9.69
N ILE I 61 34.39 0.64 9.13
CA ILE I 61 34.97 1.95 8.88
C ILE I 61 35.30 2.65 10.18
N ARG I 62 34.43 2.52 11.19
CA ARG I 62 34.72 3.14 12.48
C ARG I 62 36.00 2.58 13.06
N TYR I 63 36.15 1.26 13.04
CA TYR I 63 37.35 0.62 13.60
C TYR I 63 38.59 1.08 12.85
N TRP I 64 38.54 1.13 11.52
CA TRP I 64 39.72 1.51 10.76
C TRP I 64 40.08 2.97 10.98
N VAL I 65 39.09 3.85 11.03
CA VAL I 65 39.38 5.26 11.29
C VAL I 65 39.98 5.43 12.68
N PHE I 66 39.43 4.74 13.67
CA PHE I 66 39.98 4.84 15.02
C PHE I 66 41.43 4.35 15.06
N GLN I 67 41.71 3.23 14.39
CA GLN I 67 43.07 2.72 14.36
C GLN I 67 44.02 3.72 13.70
N ILE I 68 43.58 4.31 12.58
CA ILE I 68 44.43 5.26 11.87
C ILE I 68 44.74 6.46 12.76
N ILE I 69 43.72 6.98 13.46
CA ILE I 69 43.95 8.14 14.32
C ILE I 69 44.84 7.76 15.50
N MET I 70 44.66 6.55 16.04
CA MET I 70 45.44 6.16 17.21
C MET I 70 46.91 5.96 16.89
N VAL I 71 47.21 5.38 15.72
CA VAL I 71 48.59 5.08 15.38
C VAL I 71 49.41 6.32 15.06
N CYS I 72 48.79 7.50 15.01
CA CYS I 72 49.49 8.74 14.70
C CYS I 72 49.72 9.64 15.91
N THR I 73 49.24 9.24 17.08
CA THR I 73 49.47 10.07 18.27
C THR I 73 50.95 10.27 18.58
N PRO I 74 51.82 9.25 18.49
CA PRO I 74 53.23 9.49 18.82
C PRO I 74 53.87 10.59 17.99
N SER I 75 53.53 10.68 16.71
CA SER I 75 54.10 11.75 15.88
C SER I 75 53.67 13.11 16.39
N LEU I 76 52.39 13.26 16.74
CA LEU I 76 51.92 14.53 17.28
C LEU I 76 52.63 14.87 18.59
N CYS I 77 52.80 13.87 19.46
CA CYS I 77 53.50 14.12 20.73
C CYS I 77 54.93 14.57 20.48
N PHE I 78 55.63 13.89 19.56
CA PHE I 78 57.01 14.26 19.27
C PHE I 78 57.09 15.68 18.70
N ILE I 79 56.18 16.00 17.77
CA ILE I 79 56.22 17.33 17.15
C ILE I 79 55.95 18.41 18.17
N THR I 80 54.94 18.22 19.01
CA THR I 80 54.62 19.25 20.01
C THR I 80 55.74 19.38 21.04
N TYR I 81 56.34 18.27 21.44
CA TYR I 81 57.47 18.34 22.37
C TYR I 81 58.63 19.12 21.75
N SER I 82 58.94 18.84 20.49
CA SER I 82 60.03 19.57 19.83
C SER I 82 59.71 21.05 19.72
N VAL I 83 58.47 21.39 19.37
CA VAL I 83 58.09 22.79 19.25
C VAL I 83 58.21 23.49 20.59
N HIS I 84 57.72 22.85 21.65
CA HIS I 84 57.77 23.47 22.98
C HIS I 84 59.20 23.61 23.48
N GLN I 85 60.08 22.65 23.14
CA GLN I 85 61.46 22.72 23.62
C GLN I 85 62.16 23.95 23.11
N SER I 86 61.97 24.28 21.84
CA SER I 86 62.59 25.47 21.25
C SER I 86 61.90 26.74 21.72
N GLY I 206 67.20 13.33 26.87
CA GLY I 206 66.65 12.01 26.65
C GLY I 206 65.89 11.91 25.34
N ILE I 207 66.38 12.60 24.32
CA ILE I 207 65.73 12.55 23.02
C ILE I 207 65.74 11.14 22.46
N SER I 208 66.87 10.45 22.58
CA SER I 208 66.95 9.07 22.11
C SER I 208 65.98 8.18 22.88
N ARG I 209 65.89 8.37 24.20
CA ARG I 209 64.93 7.60 24.99
C ARG I 209 63.51 7.84 24.52
N PHE I 210 63.16 9.10 24.26
CA PHE I 210 61.82 9.42 23.76
C PHE I 210 61.57 8.75 22.42
N TYR I 211 62.56 8.80 21.53
CA TYR I 211 62.41 8.17 20.22
C TYR I 211 62.16 6.68 20.35
N ILE I 212 62.97 6.00 21.17
CA ILE I 212 62.81 4.56 21.36
C ILE I 212 61.44 4.25 21.95
N ILE I 213 61.04 5.01 22.97
CA ILE I 213 59.76 4.75 23.62
C ILE I 213 58.62 4.92 22.65
N GLN I 214 58.63 6.01 21.86
CA GLN I 214 57.54 6.25 20.94
C GLN I 214 57.48 5.16 19.86
N VAL I 215 58.65 4.74 19.35
CA VAL I 215 58.65 3.70 18.32
C VAL I 215 58.11 2.39 18.88
N VAL I 216 58.56 2.03 20.08
CA VAL I 216 58.09 0.78 20.69
C VAL I 216 56.60 0.82 20.93
N PHE I 217 56.10 1.94 21.45
CA PHE I 217 54.67 2.06 21.72
C PHE I 217 53.87 1.98 20.42
N ARG I 218 54.34 2.64 19.37
CA ARG I 218 53.63 2.57 18.09
C ARG I 218 53.57 1.14 17.58
N ASN I 219 54.69 0.43 17.65
CA ASN I 219 54.71 -0.96 17.17
C ASN I 219 53.76 -1.83 17.98
N ALA I 220 53.79 -1.69 19.31
CA ALA I 220 52.93 -2.51 20.15
C ALA I 220 51.45 -2.21 19.86
N LEU I 221 51.10 -0.94 19.73
CA LEU I 221 49.72 -0.59 19.44
C LEU I 221 49.28 -1.15 18.10
N GLU I 222 50.14 -1.07 17.08
CA GLU I 222 49.77 -1.59 15.77
C GLU I 222 49.56 -3.10 15.83
N ILE I 223 50.45 -3.82 16.51
CA ILE I 223 50.30 -5.28 16.60
C ILE I 223 49.01 -5.63 17.33
N GLY I 224 48.73 -4.95 18.45
CA GLY I 224 47.52 -5.21 19.18
C GLY I 224 46.27 -4.94 18.35
N PHE I 225 46.27 -3.84 17.60
CA PHE I 225 45.11 -3.51 16.77
C PHE I 225 44.93 -4.55 15.67
N LEU I 226 46.03 -5.01 15.06
CA LEU I 226 45.90 -6.03 14.03
C LEU I 226 45.32 -7.32 14.59
N VAL I 227 45.79 -7.74 15.76
CA VAL I 227 45.26 -8.96 16.37
C VAL I 227 43.79 -8.79 16.69
N GLY I 228 43.41 -7.64 17.25
CA GLY I 228 42.02 -7.38 17.54
C GLY I 228 41.16 -7.43 16.28
N GLN I 229 41.63 -6.83 15.20
CA GLN I 229 40.89 -6.87 13.94
C GLN I 229 40.71 -8.29 13.46
N TYR I 230 41.78 -9.10 13.52
CA TYR I 230 41.66 -10.49 13.08
C TYR I 230 40.65 -11.24 13.91
N PHE I 231 40.64 -11.02 15.24
CA PHE I 231 39.73 -11.75 16.10
C PHE I 231 38.30 -11.22 16.04
N LEU I 232 38.10 -10.00 15.53
CA LEU I 232 36.76 -9.44 15.47
C LEU I 232 36.00 -9.92 14.23
N TYR I 233 36.52 -9.61 13.05
CA TYR I 233 35.77 -9.80 11.81
C TYR I 233 36.18 -11.06 11.04
N GLY I 234 37.44 -11.46 11.11
CA GLY I 234 37.89 -12.64 10.39
C GLY I 234 38.35 -12.29 8.99
N PHE I 235 37.93 -13.09 8.01
CA PHE I 235 38.34 -12.88 6.63
C PHE I 235 37.19 -12.97 5.64
N SER I 236 35.94 -12.99 6.10
CA SER I 236 34.80 -13.14 5.19
C SER I 236 33.59 -12.42 5.77
N VAL I 237 32.65 -12.14 4.88
CA VAL I 237 31.38 -11.50 5.26
C VAL I 237 30.26 -12.32 4.63
N PRO I 238 29.72 -13.34 5.31
CA PRO I 238 28.76 -14.23 4.65
C PRO I 238 27.50 -13.49 4.23
N GLY I 239 26.92 -13.95 3.13
CA GLY I 239 25.71 -13.31 2.62
C GLY I 239 24.50 -13.50 3.52
N LEU I 240 24.35 -14.70 4.08
CA LEU I 240 23.18 -15.04 4.90
C LEU I 240 23.59 -15.09 6.36
N TYR I 241 22.70 -14.62 7.23
CA TYR I 241 22.93 -14.64 8.67
C TYR I 241 21.69 -15.16 9.37
N GLU I 242 21.91 -15.83 10.51
CA GLU I 242 20.85 -16.38 11.34
C GLU I 242 20.71 -15.54 12.61
N CYS I 243 19.53 -14.98 12.82
CA CYS I 243 19.28 -14.06 13.92
C CYS I 243 18.20 -14.66 14.83
N ASN I 244 18.50 -14.73 16.12
CA ASN I 244 17.60 -15.36 17.10
C ASN I 244 17.56 -14.53 18.38
N ARG I 245 17.43 -13.22 18.25
CA ARG I 245 17.38 -12.31 19.39
C ARG I 245 16.00 -11.70 19.50
N TYR I 246 15.65 -11.33 20.73
CA TYR I 246 14.35 -10.71 20.98
C TYR I 246 14.24 -9.40 20.19
N PRO I 247 13.06 -9.08 19.63
CA PRO I 247 11.77 -9.79 19.69
C PRO I 247 11.58 -10.82 18.59
N CYS I 248 12.60 -11.05 17.77
CA CYS I 248 12.47 -11.98 16.66
C CYS I 248 12.10 -13.36 17.19
N ILE I 249 11.06 -13.95 16.62
CA ILE I 249 10.54 -15.23 17.11
C ILE I 249 11.38 -16.37 16.55
N LYS I 250 11.88 -17.23 17.43
CA LYS I 250 12.72 -18.35 17.02
C LYS I 250 13.91 -17.83 16.23
N GLU I 251 14.27 -18.51 15.15
CA GLU I 251 15.40 -18.11 14.32
C GLU I 251 14.90 -17.62 12.97
N VAL I 252 15.50 -16.53 12.47
CA VAL I 252 15.14 -15.94 11.19
C VAL I 252 16.41 -15.77 10.37
N GLU I 253 16.22 -15.64 9.06
CA GLU I 253 17.32 -15.48 8.12
C GLU I 253 17.32 -14.06 7.56
N CYS I 254 18.50 -13.45 7.55
CA CYS I 254 18.67 -12.08 7.07
C CYS I 254 19.75 -12.05 6.00
N TYR I 255 19.58 -11.15 5.04
CA TYR I 255 20.43 -11.07 3.86
C TYR I 255 21.25 -9.79 3.89
N VAL I 256 22.56 -9.93 3.79
CA VAL I 256 23.48 -8.80 3.82
C VAL I 256 23.55 -8.18 2.44
N SER I 257 24.11 -6.97 2.37
CA SER I 257 24.27 -6.23 1.13
C SER I 257 25.76 -6.05 0.83
N ARG I 258 26.14 -6.33 -0.41
CA ARG I 258 27.52 -6.16 -0.87
C ARG I 258 28.49 -7.01 -0.06
N PRO I 259 28.39 -8.34 -0.13
CA PRO I 259 29.38 -9.16 0.58
C PRO I 259 30.75 -9.21 -0.09
N THR I 260 30.79 -9.32 -1.42
CA THR I 260 32.06 -9.54 -2.11
C THR I 260 32.98 -8.33 -1.99
N GLU I 261 32.44 -7.13 -2.21
CA GLU I 261 33.27 -5.93 -2.11
C GLU I 261 33.81 -5.74 -0.70
N LYS I 262 32.96 -5.99 0.31
CA LYS I 262 33.41 -5.87 1.68
C LYS I 262 34.51 -6.89 1.99
N THR I 263 34.36 -8.12 1.47
CA THR I 263 35.40 -9.12 1.69
C THR I 263 36.73 -8.69 1.07
N VAL I 264 36.67 -8.17 -0.16
CA VAL I 264 37.88 -7.73 -0.84
C VAL I 264 38.54 -6.60 -0.06
N PHE I 265 37.74 -5.64 0.42
CA PHE I 265 38.29 -4.54 1.20
C PHE I 265 38.93 -5.05 2.48
N LEU I 266 38.29 -6.00 3.16
CA LEU I 266 38.86 -6.58 4.37
C LEU I 266 40.23 -7.18 4.08
N VAL I 267 40.32 -8.01 3.04
CA VAL I 267 41.58 -8.67 2.74
C VAL I 267 42.65 -7.64 2.39
N PHE I 268 42.28 -6.62 1.63
CA PHE I 268 43.24 -5.59 1.24
C PHE I 268 43.78 -4.85 2.46
N MET I 269 42.89 -4.44 3.37
CA MET I 269 43.33 -3.75 4.56
C MET I 269 44.21 -4.64 5.43
N PHE I 270 43.85 -5.92 5.55
CA PHE I 270 44.68 -6.84 6.32
C PHE I 270 46.09 -6.95 5.73
N ALA I 271 46.18 -7.05 4.41
CA ALA I 271 47.49 -7.13 3.77
C ALA I 271 48.31 -5.87 4.02
N VAL I 272 47.67 -4.70 3.90
CA VAL I 272 48.40 -3.45 4.13
C VAL I 272 48.91 -3.37 5.56
N SER I 273 48.05 -3.73 6.52
CA SER I 273 48.47 -3.71 7.92
C SER I 273 49.60 -4.69 8.17
N GLY I 274 49.54 -5.87 7.55
CA GLY I 274 50.63 -6.82 7.69
C GLY I 274 51.94 -6.29 7.17
N ILE I 275 51.91 -5.63 6.01
CA ILE I 275 53.12 -5.05 5.46
C ILE I 275 53.68 -3.98 6.40
N CYS I 276 52.80 -3.14 6.94
CA CYS I 276 53.25 -2.10 7.87
C CYS I 276 53.90 -2.73 9.10
N VAL I 277 53.28 -3.78 9.65
CA VAL I 277 53.84 -4.44 10.82
C VAL I 277 55.20 -5.05 10.50
N VAL I 278 55.32 -5.66 9.32
CA VAL I 278 56.59 -6.27 8.94
C VAL I 278 57.68 -5.21 8.86
N LEU I 279 57.37 -4.08 8.23
CA LEU I 279 58.37 -3.02 8.11
C LEU I 279 58.76 -2.48 9.47
N ASN I 280 57.79 -2.26 10.35
CA ASN I 280 58.10 -1.76 11.68
C ASN I 280 58.96 -2.73 12.45
N LEU I 281 58.64 -4.03 12.38
CA LEU I 281 59.45 -5.04 13.07
C LEU I 281 60.86 -5.07 12.51
N ALA I 282 61.01 -4.97 11.19
CA ALA I 282 62.33 -4.97 10.58
C ALA I 282 63.14 -3.78 11.07
N GLU I 283 62.53 -2.59 11.11
CA GLU I 283 63.25 -1.41 11.59
C GLU I 283 63.64 -1.57 13.05
N LEU I 284 62.73 -2.08 13.89
CA LEU I 284 63.04 -2.26 15.29
C LEU I 284 64.20 -3.24 15.48
N ASN I 285 64.18 -4.34 14.73
CA ASN I 285 65.28 -5.30 14.80
C ASN I 285 66.59 -4.67 14.36
N HIS I 286 66.55 -3.87 13.29
CA HIS I 286 67.77 -3.22 12.82
C HIS I 286 68.35 -2.30 13.88
N LEU I 287 67.49 -1.48 14.51
CA LEU I 287 67.96 -0.58 15.55
C LEU I 287 68.52 -1.36 16.73
N GLY I 288 67.84 -2.42 17.16
CA GLY I 288 68.29 -3.24 18.26
C GLY I 288 68.34 -2.46 19.58
N SER J 4 58.14 15.70 34.10
CA SER J 4 56.96 15.37 34.90
C SER J 4 55.85 16.39 34.67
N THR J 5 55.96 17.53 35.34
CA THR J 5 54.94 18.57 35.20
C THR J 5 54.88 19.12 33.78
N MET J 6 56.03 19.30 33.14
CA MET J 6 56.04 19.86 31.79
C MET J 6 55.34 18.94 30.81
N ILE J 7 55.51 17.62 30.94
CA ILE J 7 54.89 16.69 30.01
C ILE J 7 53.37 16.78 30.09
N GLY J 8 52.84 17.16 31.25
CA GLY J 8 51.39 17.19 31.42
C GLY J 8 50.71 18.10 30.40
N ARG J 9 51.31 19.25 30.11
CA ARG J 9 50.72 20.17 29.14
C ARG J 9 50.65 19.52 27.76
N ILE J 10 51.73 18.84 27.37
CA ILE J 10 51.76 18.17 26.08
C ILE J 10 50.68 17.09 26.02
N LEU J 11 50.58 16.30 27.08
CA LEU J 11 49.56 15.24 27.11
C LEU J 11 48.16 15.84 26.99
N LEU J 12 47.91 16.93 27.73
CA LEU J 12 46.59 17.56 27.67
C LEU J 12 46.28 18.07 26.27
N THR J 13 47.24 18.74 25.63
CA THR J 13 47.00 19.25 24.29
C THR J 13 46.76 18.12 23.30
N VAL J 14 47.55 17.06 23.38
CA VAL J 14 47.38 15.95 22.45
C VAL J 14 46.02 15.30 22.66
N VAL J 15 45.61 15.12 23.92
CA VAL J 15 44.32 14.50 24.19
C VAL J 15 43.18 15.38 23.68
N VAL J 16 43.30 16.70 23.85
CA VAL J 16 42.28 17.60 23.36
C VAL J 16 42.16 17.49 21.85
N ILE J 17 43.29 17.50 21.15
CA ILE J 17 43.24 17.38 19.69
C ILE J 17 42.62 16.05 19.29
N PHE J 18 43.00 14.97 19.98
CA PHE J 18 42.49 13.65 19.64
C PHE J 18 40.98 13.57 19.82
N ARG J 19 40.48 14.06 20.95
CA ARG J 19 39.03 14.02 21.19
C ARG J 19 38.29 14.89 20.18
N ILE J 20 38.84 16.06 19.86
CA ILE J 20 38.18 16.93 18.87
C ILE J 20 38.11 16.22 17.53
N LEU J 21 39.21 15.59 17.11
CA LEU J 21 39.22 14.88 15.84
C LEU J 21 38.21 13.74 15.84
N ILE J 22 38.15 12.98 16.94
CA ILE J 22 37.22 11.85 17.01
C ILE J 22 35.79 12.35 16.89
N VAL J 23 35.45 13.39 17.64
CA VAL J 23 34.08 13.89 17.64
C VAL J 23 33.73 14.46 16.26
N ALA J 24 34.70 15.07 15.59
CA ALA J 24 34.41 15.67 14.28
C ALA J 24 34.31 14.62 13.19
N ILE J 25 35.03 13.51 13.31
CA ILE J 25 35.10 12.53 12.23
C ILE J 25 34.04 11.44 12.38
N VAL J 26 33.97 10.82 13.56
CA VAL J 26 33.08 9.67 13.75
C VAL J 26 31.90 10.07 14.63
N GLY J 27 31.54 11.35 14.60
CA GLY J 27 30.44 11.84 15.42
C GLY J 27 29.13 11.97 14.68
N GLU J 28 29.16 12.53 13.47
CA GLU J 28 27.93 12.84 12.75
C GLU J 28 27.34 11.59 12.11
N THR J 29 28.15 10.84 11.36
CA THR J 29 27.62 9.74 10.55
C THR J 29 26.92 8.69 11.41
N VAL J 30 27.38 8.48 12.64
CA VAL J 30 26.76 7.47 13.50
C VAL J 30 25.33 7.84 13.83
N TYR J 31 25.07 9.14 14.06
CA TYR J 31 23.76 9.62 14.48
C TYR J 31 22.97 10.23 13.33
N ASP J 32 23.16 9.72 12.11
CA ASP J 32 22.48 10.31 10.96
C ASP J 32 21.01 9.91 10.91
N ASP J 33 20.70 8.66 11.22
CA ASP J 33 19.36 8.10 11.08
C ASP J 33 18.73 7.79 12.44
N GLU J 34 18.94 8.67 13.42
CA GLU J 34 18.42 8.42 14.76
C GLU J 34 16.90 8.34 14.76
N GLN J 35 16.23 9.25 14.04
CA GLN J 35 14.78 9.32 14.06
C GLN J 35 14.14 8.54 12.92
N THR J 36 14.83 8.38 11.79
CA THR J 36 14.24 7.67 10.66
C THR J 36 14.02 6.20 11.00
N MET J 37 14.97 5.57 11.70
CA MET J 37 14.90 4.15 12.02
C MET J 37 14.27 3.87 13.38
N PHE J 38 13.84 4.90 14.10
CA PHE J 38 13.14 4.70 15.37
C PHE J 38 11.69 4.33 15.09
N VAL J 39 11.27 3.16 15.56
CA VAL J 39 9.94 2.64 15.28
C VAL J 39 9.30 2.20 16.59
N CYS J 40 7.97 2.22 16.61
CA CYS J 40 7.20 1.82 17.79
C CYS J 40 6.08 0.88 17.35
N ASN J 41 5.61 0.07 18.30
CA ASN J 41 4.62 -0.96 18.02
C ASN J 41 3.23 -0.40 18.34
N THR J 42 2.70 0.39 17.41
CA THR J 42 1.38 0.97 17.56
C THR J 42 0.94 1.54 16.22
N LEU J 43 -0.34 1.92 16.16
CA LEU J 43 -0.94 2.51 14.97
C LEU J 43 -1.38 3.94 15.17
N GLN J 44 -1.33 4.47 16.39
CA GLN J 44 -1.77 5.83 16.66
C GLN J 44 -0.85 6.82 15.97
N PRO J 45 -1.36 7.70 15.09
CA PRO J 45 -0.48 8.71 14.49
C PRO J 45 0.11 9.63 15.54
N GLY J 46 1.37 10.02 15.33
CA GLY J 46 2.04 10.95 16.20
C GLY J 46 2.65 10.34 17.45
N CYS J 47 2.51 9.03 17.66
CA CYS J 47 3.12 8.40 18.82
C CYS J 47 4.64 8.38 18.69
N ASN J 48 5.14 8.19 17.47
CA ASN J 48 6.59 8.11 17.27
C ASN J 48 7.28 9.39 17.74
N GLN J 49 6.73 10.54 17.36
CA GLN J 49 7.38 11.81 17.71
C GLN J 49 7.47 11.98 19.22
N ALA J 50 6.35 11.82 19.92
CA ALA J 50 6.36 12.00 21.37
C ALA J 50 7.26 11.00 22.05
N CYS J 51 7.19 9.73 21.64
CA CYS J 51 8.01 8.71 22.28
C CYS J 51 9.49 8.97 22.07
N TYR J 52 9.88 9.34 20.85
CA TYR J 52 11.28 9.64 20.59
C TYR J 52 11.75 10.86 21.37
N ASP J 53 10.91 11.90 21.43
CA ASP J 53 11.29 13.09 22.18
C ASP J 53 11.49 12.77 23.65
N ARG J 54 10.62 11.90 24.21
CA ARG J 54 10.81 11.49 25.60
C ARG J 54 12.06 10.64 25.77
N ALA J 55 12.40 9.84 24.75
CA ALA J 55 13.54 8.94 24.88
C ALA J 55 14.86 9.71 24.88
N PHE J 56 15.02 10.65 23.94
CA PHE J 56 16.27 11.38 23.74
C PHE J 56 15.98 12.87 23.76
N PRO J 57 15.90 13.48 24.95
CA PRO J 57 15.62 14.92 25.00
C PRO J 57 16.64 15.74 24.23
N ILE J 58 17.92 15.60 24.55
CA ILE J 58 19.01 16.26 23.82
C ILE J 58 20.01 15.19 23.39
N SER J 59 20.22 15.08 22.08
CA SER J 59 21.09 14.03 21.57
C SER J 59 22.50 14.16 22.15
N HIS J 60 23.26 13.06 22.05
CA HIS J 60 24.62 13.06 22.57
C HIS J 60 25.50 14.07 21.84
N ILE J 61 25.37 14.12 20.51
CA ILE J 61 26.33 14.89 19.71
C ILE J 61 26.20 16.38 20.01
N ARG J 62 24.97 16.87 20.18
CA ARG J 62 24.78 18.28 20.50
C ARG J 62 25.47 18.62 21.82
N TYR J 63 25.27 17.77 22.84
CA TYR J 63 25.87 18.02 24.14
C TYR J 63 27.39 18.01 24.04
N TRP J 64 27.96 17.05 23.33
CA TRP J 64 29.42 16.97 23.24
C TRP J 64 29.99 18.15 22.47
N VAL J 65 29.35 18.55 21.38
CA VAL J 65 29.83 19.71 20.63
C VAL J 65 29.76 20.97 21.49
N PHE J 66 28.66 21.15 22.22
CA PHE J 66 28.55 22.32 23.08
C PHE J 66 29.62 22.32 24.16
N GLN J 67 29.88 21.16 24.77
CA GLN J 67 30.94 21.09 25.77
C GLN J 67 32.30 21.43 25.17
N ILE J 68 32.59 20.90 23.99
CA ILE J 68 33.88 21.16 23.36
C ILE J 68 34.04 22.65 23.09
N ILE J 69 33.00 23.28 22.56
CA ILE J 69 33.09 24.72 22.27
C ILE J 69 33.24 25.51 23.56
N MET J 70 32.51 25.13 24.61
CA MET J 70 32.53 25.91 25.85
C MET J 70 33.88 25.82 26.54
N VAL J 71 34.50 24.64 26.54
CA VAL J 71 35.75 24.47 27.28
C VAL J 71 36.91 25.24 26.65
N CYS J 72 36.75 25.71 25.41
CA CYS J 72 37.82 26.39 24.70
C CYS J 72 37.70 27.91 24.73
N THR J 73 36.66 28.45 25.37
CA THR J 73 36.53 29.91 25.45
C THR J 73 37.69 30.57 26.17
N PRO J 74 38.19 30.06 27.30
CA PRO J 74 39.30 30.75 27.97
C PRO J 74 40.52 30.95 27.10
N SER J 75 40.85 29.96 26.26
CA SER J 75 42.01 30.12 25.37
C SER J 75 41.78 31.26 24.39
N LEU J 76 40.58 31.34 23.82
CA LEU J 76 40.27 32.44 22.90
C LEU J 76 40.36 33.78 23.61
N CYS J 77 39.84 33.86 24.83
CA CYS J 77 39.91 35.11 25.58
C CYS J 77 41.36 35.51 25.83
N PHE J 78 42.19 34.56 26.25
CA PHE J 78 43.59 34.86 26.51
C PHE J 78 44.29 35.32 25.24
N ILE J 79 44.06 34.63 24.13
CA ILE J 79 44.73 34.98 22.89
C ILE J 79 44.31 36.37 22.43
N THR J 80 43.01 36.68 22.46
CA THR J 80 42.56 37.99 22.02
C THR J 80 43.08 39.09 22.94
N TYR J 81 43.10 38.84 24.25
CA TYR J 81 43.65 39.84 25.16
C TYR J 81 45.12 40.10 24.89
N SER J 82 45.90 39.02 24.68
CA SER J 82 47.31 39.21 24.39
C SER J 82 47.52 39.96 23.08
N VAL J 83 46.74 39.63 22.05
CA VAL J 83 46.87 40.33 20.77
C VAL J 83 46.53 41.81 20.92
N HIS J 84 45.46 42.11 21.65
CA HIS J 84 45.06 43.50 21.82
C HIS J 84 46.10 44.27 22.64
N GLN J 85 46.72 43.61 23.62
CA GLN J 85 47.71 44.30 24.46
C GLN J 85 48.88 44.78 23.62
N SER J 86 49.37 43.95 22.71
CA SER J 86 50.50 44.31 21.86
C SER J 86 50.07 45.31 20.79
N GLY J 206 48.85 41.88 35.69
CA GLY J 206 48.15 40.77 36.30
C GLY J 206 48.05 39.56 35.39
N ILE J 207 49.12 39.30 34.63
CA ILE J 207 49.12 38.16 33.71
C ILE J 207 48.99 36.86 34.49
N SER J 208 49.71 36.74 35.60
CA SER J 208 49.62 35.54 36.41
C SER J 208 48.21 35.35 36.98
N ARG J 209 47.59 36.44 37.44
CA ARG J 209 46.23 36.34 37.95
C ARG J 209 45.26 35.90 36.85
N PHE J 210 45.41 36.45 35.65
CA PHE J 210 44.55 36.04 34.54
C PHE J 210 44.75 34.57 34.21
N TYR J 211 46.00 34.11 34.20
CA TYR J 211 46.28 32.71 33.93
C TYR J 211 45.63 31.81 34.96
N ILE J 212 45.79 32.14 36.25
CA ILE J 212 45.19 31.33 37.30
C ILE J 212 43.68 31.31 37.17
N ILE J 213 43.08 32.48 36.93
CA ILE J 213 41.62 32.56 36.85
C ILE J 213 41.11 31.71 35.69
N GLN J 214 41.76 31.82 34.52
CA GLN J 214 41.30 31.07 33.36
C GLN J 214 41.45 29.57 33.59
N VAL J 215 42.56 29.14 34.19
CA VAL J 215 42.75 27.71 34.44
C VAL J 215 41.70 27.20 35.41
N VAL J 216 41.45 27.95 36.49
CA VAL J 216 40.47 27.52 37.48
C VAL J 216 39.08 27.43 36.85
N PHE J 217 38.71 28.43 36.05
CA PHE J 217 37.40 28.42 35.41
C PHE J 217 37.27 27.25 34.44
N ARG J 218 38.32 26.97 33.67
CA ARG J 218 38.28 25.84 32.76
C ARG J 218 38.08 24.54 33.51
N ASN J 219 38.82 24.35 34.61
CA ASN J 219 38.69 23.12 35.38
C ASN J 219 37.29 22.98 35.96
N ALA J 220 36.76 24.07 36.53
CA ALA J 220 35.43 24.01 37.11
C ALA J 220 34.38 23.68 36.06
N LEU J 221 34.47 24.33 34.89
CA LEU J 221 33.50 24.05 33.83
C LEU J 221 33.59 22.59 33.38
N GLU J 222 34.81 22.07 33.23
CA GLU J 222 34.96 20.69 32.79
C GLU J 222 34.36 19.72 33.81
N ILE J 223 34.62 19.95 35.09
CA ILE J 223 34.08 19.06 36.13
C ILE J 223 32.56 19.12 36.12
N GLY J 224 32.00 20.33 36.05
CA GLY J 224 30.56 20.45 36.02
C GLY J 224 29.94 19.75 34.82
N PHE J 225 30.55 19.90 33.65
CA PHE J 225 30.02 19.25 32.45
C PHE J 225 30.11 17.74 32.56
N LEU J 226 31.20 17.23 33.12
CA LEU J 226 31.33 15.78 33.29
C LEU J 226 30.24 15.25 34.23
N VAL J 227 30.01 15.94 35.35
CA VAL J 227 28.97 15.50 36.28
C VAL J 227 27.60 15.55 35.60
N GLY J 228 27.32 16.62 34.87
CA GLY J 228 26.06 16.71 34.15
C GLY J 228 25.88 15.58 33.15
N GLN J 229 26.94 15.26 32.40
CA GLN J 229 26.87 14.16 31.46
C GLN J 229 26.57 12.84 32.17
N TYR J 230 27.25 12.59 33.29
CA TYR J 230 27.01 11.35 34.02
C TYR J 230 25.57 11.28 34.50
N PHE J 231 25.03 12.38 35.00
CA PHE J 231 23.66 12.38 35.51
C PHE J 231 22.61 12.37 34.42
N LEU J 232 22.96 12.75 33.19
CA LEU J 232 21.98 12.78 32.11
C LEU J 232 21.79 11.40 31.49
N TYR J 233 22.85 10.84 30.90
CA TYR J 233 22.75 9.64 30.08
C TYR J 233 23.12 8.37 30.82
N GLY J 234 24.12 8.42 31.69
CA GLY J 234 24.56 7.24 32.41
C GLY J 234 25.66 6.51 31.67
N PHE J 235 25.53 5.18 31.57
CA PHE J 235 26.54 4.38 30.90
C PHE J 235 25.98 3.36 29.92
N SER J 236 24.68 3.40 29.63
CA SER J 236 24.08 2.41 28.74
C SER J 236 22.97 3.05 27.94
N VAL J 237 22.64 2.41 26.82
CA VAL J 237 21.55 2.86 25.94
C VAL J 237 20.68 1.64 25.65
N PRO J 238 19.70 1.33 26.49
CA PRO J 238 18.93 0.08 26.29
C PRO J 238 18.21 0.07 24.96
N GLY J 239 18.11 -1.15 24.40
CA GLY J 239 17.44 -1.29 23.11
C GLY J 239 15.96 -1.04 23.16
N LEU J 240 15.29 -1.51 24.21
CA LEU J 240 13.84 -1.39 24.35
C LEU J 240 13.51 -0.26 25.32
N TYR J 241 12.46 0.51 24.99
CA TYR J 241 12.00 1.60 25.84
C TYR J 241 10.49 1.52 25.98
N GLU J 242 10.01 1.96 27.14
CA GLU J 242 8.58 2.01 27.44
C GLU J 242 8.10 3.45 27.40
N CYS J 243 7.15 3.74 26.52
CA CYS J 243 6.64 5.08 26.30
C CYS J 243 5.17 5.13 26.68
N ASN J 244 4.82 6.10 27.54
CA ASN J 244 3.45 6.22 28.04
C ASN J 244 3.02 7.68 28.06
N ARG J 245 3.28 8.40 26.97
CA ARG J 245 2.95 9.81 26.86
C ARG J 245 1.86 10.00 25.80
N TYR J 246 1.11 11.08 25.94
CA TYR J 246 0.05 11.39 24.99
C TYR J 246 0.65 11.57 23.60
N PRO J 247 -0.04 11.12 22.54
CA PRO J 247 -1.36 10.49 22.46
C PRO J 247 -1.35 8.97 22.57
N CYS J 248 -0.18 8.37 22.75
CA CYS J 248 -0.10 6.92 22.84
C CYS J 248 -0.98 6.41 23.98
N ILE J 249 -1.79 5.40 23.69
CA ILE J 249 -2.74 4.88 24.66
C ILE J 249 -2.02 3.90 25.59
N LYS J 250 -2.18 4.09 26.89
CA LYS J 250 -1.54 3.23 27.87
C LYS J 250 -0.03 3.23 27.65
N GLU J 251 0.62 2.08 27.76
CA GLU J 251 2.06 1.97 27.57
C GLU J 251 2.37 1.21 26.30
N VAL J 252 3.39 1.66 25.57
CA VAL J 252 3.83 1.02 24.33
C VAL J 252 5.33 0.79 24.41
N GLU J 253 5.81 -0.10 23.56
CA GLU J 253 7.21 -0.47 23.51
C GLU J 253 7.83 0.01 22.22
N CYS J 254 9.00 0.64 22.32
CA CYS J 254 9.70 1.20 21.17
C CYS J 254 11.13 0.65 21.12
N TYR J 255 11.63 0.49 19.91
CA TYR J 255 12.92 -0.16 19.66
C TYR J 255 13.93 0.86 19.17
N VAL J 256 15.08 0.92 19.84
CA VAL J 256 16.13 1.87 19.50
C VAL J 256 17.00 1.28 18.40
N SER J 257 17.76 2.14 17.73
CA SER J 257 18.66 1.75 16.66
C SER J 257 20.10 1.95 17.10
N ARG J 258 20.95 0.94 16.84
CA ARG J 258 22.37 1.00 17.16
C ARG J 258 22.61 1.25 18.64
N PRO J 259 22.24 0.32 19.52
CA PRO J 259 22.54 0.50 20.95
C PRO J 259 24.00 0.28 21.31
N THR J 260 24.62 -0.75 20.73
CA THR J 260 25.96 -1.16 21.14
C THR J 260 27.01 -0.11 20.77
N GLU J 261 26.95 0.39 19.54
CA GLU J 261 27.92 1.40 19.12
C GLU J 261 27.77 2.68 19.94
N LYS J 262 26.54 3.09 20.21
CA LYS J 262 26.31 4.27 21.04
C LYS J 262 26.87 4.05 22.45
N THR J 263 26.67 2.86 23.02
CA THR J 263 27.21 2.58 24.34
C THR J 263 28.72 2.66 24.35
N VAL J 264 29.36 2.08 23.33
CA VAL J 264 30.82 2.11 23.26
C VAL J 264 31.31 3.55 23.16
N PHE J 265 30.66 4.35 22.32
CA PHE J 265 31.06 5.74 22.17
C PHE J 265 30.89 6.50 23.48
N LEU J 266 29.79 6.25 24.20
CA LEU J 266 29.58 6.89 25.49
C LEU J 266 30.72 6.57 26.44
N VAL J 267 31.06 5.28 26.56
CA VAL J 267 32.11 4.90 27.50
C VAL J 267 33.43 5.52 27.10
N PHE J 268 33.74 5.54 25.80
CA PHE J 268 35.00 6.10 25.34
C PHE J 268 35.09 7.59 25.66
N MET J 269 34.02 8.34 25.39
CA MET J 269 34.03 9.77 25.69
C MET J 269 34.16 10.01 27.19
N PHE J 270 33.46 9.19 28.01
CA PHE J 270 33.58 9.35 29.45
C PHE J 270 35.02 9.13 29.91
N ALA J 271 35.68 8.10 29.37
CA ALA J 271 37.07 7.85 29.76
C ALA J 271 37.97 9.00 29.36
N VAL J 272 37.79 9.54 28.15
CA VAL J 272 38.62 10.65 27.70
C VAL J 272 38.42 11.86 28.61
N SER J 273 37.16 12.18 28.93
CA SER J 273 36.89 13.32 29.81
C SER J 273 37.48 13.10 31.19
N GLY J 274 37.40 11.86 31.70
CA GLY J 274 38.01 11.58 32.99
C GLY J 274 39.52 11.78 32.98
N ILE J 275 40.18 11.35 31.92
CA ILE J 275 41.62 11.55 31.82
C ILE J 275 41.95 13.04 31.79
N CYS J 276 41.18 13.81 31.01
CA CYS J 276 41.41 15.25 30.95
C CYS J 276 41.25 15.90 32.33
N VAL J 277 40.19 15.51 33.05
CA VAL J 277 39.96 16.07 34.37
C VAL J 277 41.09 15.70 35.31
N VAL J 278 41.57 14.46 35.24
CA VAL J 278 42.66 14.03 36.10
C VAL J 278 43.91 14.86 35.83
N LEU J 279 44.24 15.06 34.55
CA LEU J 279 45.42 15.84 34.22
C LEU J 279 45.29 17.29 34.69
N ASN J 280 44.12 17.89 34.49
CA ASN J 280 43.91 19.26 34.94
C ASN J 280 44.04 19.37 36.46
N LEU J 281 43.45 18.42 37.18
CA LEU J 281 43.56 18.44 38.65
C LEU J 281 45.00 18.28 39.09
N ALA J 282 45.74 17.39 38.43
CA ALA J 282 47.15 17.21 38.78
C ALA J 282 47.94 18.49 38.56
N GLU J 283 47.72 19.16 37.42
CA GLU J 283 48.42 20.41 37.17
C GLU J 283 48.06 21.47 38.20
N LEU J 284 46.77 21.59 38.52
CA LEU J 284 46.35 22.58 39.50
C LEU J 284 46.97 22.30 40.87
N ASN J 285 47.01 21.03 41.27
CA ASN J 285 47.64 20.68 42.54
C ASN J 285 49.13 21.01 42.51
N HIS J 286 49.80 20.73 41.40
CA HIS J 286 51.21 21.05 41.29
C HIS J 286 51.45 22.54 41.46
N LEU J 287 50.69 23.36 40.74
CA LEU J 287 50.86 24.81 40.85
C LEU J 287 50.52 25.30 42.26
N GLY J 288 49.44 24.78 42.83
CA GLY J 288 49.03 25.19 44.17
C GLY J 288 48.68 26.66 44.25
N SER K 4 38.12 47.20 33.13
CA SER K 4 36.67 47.33 33.13
C SER K 4 36.15 47.63 31.73
N THR K 5 36.33 48.87 31.28
CA THR K 5 35.87 49.26 29.96
C THR K 5 36.59 48.48 28.87
N MET K 6 37.89 48.27 29.01
CA MET K 6 38.64 47.54 27.99
C MET K 6 38.20 46.07 27.92
N ILE K 7 37.87 45.48 29.05
CA ILE K 7 37.46 44.08 29.06
C ILE K 7 36.16 43.88 28.29
N GLY K 8 35.26 44.87 28.36
CA GLY K 8 33.96 44.70 27.73
C GLY K 8 34.05 44.40 26.24
N ARG K 9 34.99 45.05 25.55
CA ARG K 9 35.14 44.81 24.12
C ARG K 9 35.55 43.37 23.86
N ILE K 10 36.50 42.85 24.64
CA ILE K 10 36.93 41.47 24.49
C ILE K 10 35.78 40.52 24.76
N LEU K 11 35.01 40.77 25.82
CA LEU K 11 33.88 39.91 26.13
C LEU K 11 32.87 39.91 25.00
N LEU K 12 32.58 41.09 24.44
CA LEU K 12 31.62 41.18 23.35
C LEU K 12 32.11 40.41 22.13
N THR K 13 33.39 40.57 21.78
CA THR K 13 33.92 39.86 20.61
C THR K 13 33.87 38.35 20.82
N VAL K 14 34.26 37.89 22.01
CA VAL K 14 34.25 36.46 22.29
C VAL K 14 32.83 35.92 22.22
N VAL K 15 31.87 36.65 22.78
CA VAL K 15 30.48 36.20 22.76
C VAL K 15 29.95 36.15 21.33
N VAL K 16 30.31 37.15 20.51
CA VAL K 16 29.88 37.15 19.12
C VAL K 16 30.43 35.93 18.39
N ILE K 17 31.72 35.65 18.57
CA ILE K 17 32.32 34.49 17.92
C ILE K 17 31.64 33.21 18.39
N PHE K 18 31.37 33.11 19.70
CA PHE K 18 30.76 31.91 20.25
C PHE K 18 29.37 31.69 19.68
N ARG K 19 28.55 32.73 19.64
CA ARG K 19 27.19 32.57 19.10
C ARG K 19 27.23 32.24 17.61
N ILE K 20 28.15 32.86 16.86
CA ILE K 20 28.26 32.55 15.44
C ILE K 20 28.62 31.08 15.25
N LEU K 21 29.60 30.60 16.02
CA LEU K 21 30.00 29.20 15.90
C LEU K 21 28.85 28.27 16.26
N ILE K 22 28.11 28.59 17.32
CA ILE K 22 26.99 27.73 17.73
C ILE K 22 25.95 27.67 16.62
N VAL K 23 25.59 28.82 16.07
CA VAL K 23 24.56 28.86 15.04
C VAL K 23 25.04 28.12 13.79
N ALA K 24 26.33 28.20 13.48
CA ALA K 24 26.84 27.55 12.28
C ALA K 24 26.94 26.05 12.44
N ILE K 25 27.25 25.58 13.66
CA ILE K 25 27.55 24.16 13.86
C ILE K 25 26.30 23.37 14.23
N VAL K 26 25.51 23.87 15.18
CA VAL K 26 24.36 23.13 15.67
C VAL K 26 23.07 23.82 15.26
N GLY K 27 23.10 24.50 14.11
CA GLY K 27 21.93 25.21 13.63
C GLY K 27 21.15 24.45 12.58
N GLU K 28 21.85 23.88 11.59
CA GLU K 28 21.17 23.24 10.47
C GLU K 28 20.72 21.83 10.81
N THR K 29 21.59 21.04 11.44
CA THR K 29 21.28 19.64 11.67
C THR K 29 19.99 19.44 12.46
N VAL K 30 19.71 20.33 13.40
CA VAL K 30 18.51 20.17 14.23
C VAL K 30 17.26 20.37 13.40
N TYR K 31 17.30 21.32 12.46
CA TYR K 31 16.12 21.69 11.67
C TYR K 31 16.14 21.06 10.27
N ASP K 32 16.75 19.88 10.13
CA ASP K 32 16.82 19.25 8.81
C ASP K 32 15.48 18.67 8.38
N ASP K 33 14.76 18.05 9.31
CA ASP K 33 13.52 17.33 9.00
C ASP K 33 12.28 18.03 9.57
N GLU K 34 12.23 19.35 9.51
CA GLU K 34 11.11 20.07 10.11
C GLU K 34 9.79 19.70 9.44
N GLN K 35 9.78 19.61 8.11
CA GLN K 35 8.55 19.36 7.37
C GLN K 35 8.33 17.88 7.05
N THR K 36 9.40 17.09 6.93
CA THR K 36 9.24 15.68 6.60
C THR K 36 8.52 14.94 7.73
N MET K 37 8.86 15.24 8.97
CA MET K 37 8.30 14.54 10.12
C MET K 37 7.08 15.23 10.72
N PHE K 38 6.64 16.35 10.14
CA PHE K 38 5.42 17.01 10.59
C PHE K 38 4.21 16.29 10.01
N VAL K 39 3.35 15.78 10.88
CA VAL K 39 2.19 14.99 10.47
C VAL K 39 0.95 15.53 11.15
N CYS K 40 -0.19 15.30 10.51
CA CYS K 40 -1.48 15.73 11.02
C CYS K 40 -2.48 14.58 10.93
N ASN K 41 -3.51 14.65 11.77
CA ASN K 41 -4.49 13.58 11.89
C ASN K 41 -5.69 13.89 10.99
N THR K 42 -5.51 13.62 9.70
CA THR K 42 -6.57 13.82 8.73
C THR K 42 -6.19 13.13 7.43
N LEU K 43 -7.18 13.02 6.54
CA LEU K 43 -6.98 12.41 5.23
C LEU K 43 -7.09 13.40 4.08
N GLN K 44 -7.47 14.64 4.35
CA GLN K 44 -7.63 15.63 3.29
C GLN K 44 -6.28 15.95 2.67
N PRO K 45 -6.09 15.77 1.36
CA PRO K 45 -4.83 16.16 0.74
C PRO K 45 -4.58 17.66 0.90
N GLY K 46 -3.31 18.01 1.11
CA GLY K 46 -2.91 19.39 1.20
C GLY K 46 -3.11 20.05 2.56
N CYS K 47 -3.65 19.33 3.53
CA CYS K 47 -3.81 19.90 4.87
C CYS K 47 -2.46 20.09 5.54
N ASN K 48 -1.52 19.17 5.30
CA ASN K 48 -0.21 19.26 5.94
C ASN K 48 0.48 20.56 5.58
N GLN K 49 0.49 20.93 4.30
CA GLN K 49 1.20 22.13 3.87
C GLN K 49 0.63 23.37 4.54
N ALA K 50 -0.69 23.56 4.48
CA ALA K 50 -1.30 24.74 5.05
C ALA K 50 -1.09 24.79 6.57
N CYS K 51 -1.28 23.66 7.24
CA CYS K 51 -1.13 23.66 8.69
C CYS K 51 0.30 23.96 9.10
N TYR K 52 1.28 23.37 8.41
CA TYR K 52 2.67 23.65 8.74
C TYR K 52 3.01 25.12 8.47
N ASP K 53 2.55 25.66 7.34
CA ASP K 53 2.82 27.06 7.04
C ASP K 53 2.23 27.97 8.11
N ARG K 54 1.03 27.65 8.59
CA ARG K 54 0.45 28.44 9.67
C ARG K 54 1.25 28.27 10.97
N ALA K 55 1.82 27.08 11.20
CA ALA K 55 2.51 26.83 12.45
C ALA K 55 3.82 27.61 12.53
N PHE K 56 4.63 27.57 11.46
CA PHE K 56 5.96 28.17 11.44
C PHE K 56 6.08 29.09 10.23
N PRO K 57 5.55 30.32 10.33
CA PRO K 57 5.65 31.22 9.17
C PRO K 57 7.07 31.45 8.70
N ILE K 58 8.00 31.68 9.63
CA ILE K 58 9.42 31.82 9.31
C ILE K 58 10.20 31.01 10.33
N SER K 59 10.98 30.04 9.85
CA SER K 59 11.72 29.17 10.75
C SER K 59 12.69 29.98 11.62
N HIS K 60 13.09 29.39 12.73
CA HIS K 60 14.00 30.08 13.65
C HIS K 60 15.35 30.36 12.98
N ILE K 61 15.87 29.39 12.22
CA ILE K 61 17.23 29.48 11.72
C ILE K 61 17.36 30.64 10.73
N ARG K 62 16.34 30.83 9.87
CA ARG K 62 16.39 31.93 8.93
C ARG K 62 16.46 33.26 9.67
N TYR K 63 15.62 33.42 10.69
CA TYR K 63 15.59 34.67 11.45
C TYR K 63 16.95 34.92 12.12
N TRP K 64 17.51 33.88 12.73
CA TRP K 64 18.77 34.07 13.44
C TRP K 64 19.92 34.38 12.48
N VAL K 65 19.96 33.70 11.33
CA VAL K 65 21.01 33.99 10.35
C VAL K 65 20.87 35.41 9.84
N PHE K 66 19.64 35.85 9.55
CA PHE K 66 19.44 37.21 9.08
C PHE K 66 19.87 38.22 10.12
N GLN K 67 19.52 37.98 11.39
CA GLN K 67 19.95 38.89 12.44
C GLN K 67 21.47 38.96 12.53
N ILE K 68 22.14 37.80 12.47
CA ILE K 68 23.59 37.77 12.58
C ILE K 68 24.22 38.57 11.44
N ILE K 69 23.72 38.37 10.22
CA ILE K 69 24.27 39.09 9.07
C ILE K 69 24.02 40.58 9.22
N MET K 70 22.82 40.96 9.67
CA MET K 70 22.47 42.38 9.74
C MET K 70 23.29 43.11 10.79
N VAL K 71 23.53 42.47 11.94
CA VAL K 71 24.23 43.17 13.02
C VAL K 71 25.70 43.41 12.70
N CYS K 72 26.24 42.76 11.68
CA CYS K 72 27.66 42.88 11.34
C CYS K 72 27.92 43.83 10.18
N THR K 73 26.88 44.45 9.61
CA THR K 73 27.09 45.39 8.52
C THR K 73 27.94 46.59 8.95
N PRO K 74 27.73 47.20 10.11
CA PRO K 74 28.56 48.37 10.46
C PRO K 74 30.04 48.09 10.46
N SER K 75 30.47 46.90 10.92
CA SER K 75 31.88 46.56 10.90
C SER K 75 32.41 46.52 9.47
N LEU K 76 31.64 45.91 8.56
CA LEU K 76 32.06 45.88 7.16
C LEU K 76 32.16 47.28 6.59
N CYS K 77 31.20 48.15 6.90
CA CYS K 77 31.25 49.52 6.41
C CYS K 77 32.48 50.23 6.93
N PHE K 78 32.78 50.08 8.22
CA PHE K 78 33.96 50.73 8.79
C PHE K 78 35.23 50.23 8.13
N ILE K 79 35.33 48.91 7.94
CA ILE K 79 36.55 48.33 7.37
C ILE K 79 36.74 48.81 5.94
N THR K 80 35.68 48.78 5.13
CA THR K 80 35.81 49.20 3.74
C THR K 80 36.13 50.69 3.66
N TYR K 81 35.52 51.52 4.51
CA TYR K 81 35.83 52.93 4.49
C TYR K 81 37.29 53.18 4.86
N SER K 82 37.78 52.49 5.89
CA SER K 82 39.18 52.66 6.28
C SER K 82 40.12 52.22 5.17
N VAL K 83 39.82 51.09 4.53
CA VAL K 83 40.67 50.60 3.44
C VAL K 83 40.69 51.59 2.29
N HIS K 84 39.51 52.12 1.91
CA HIS K 84 39.46 53.07 0.82
C HIS K 84 40.15 54.38 1.17
N GLN K 85 40.18 54.73 2.46
CA GLN K 85 40.83 55.98 2.86
C GLN K 85 42.32 55.94 2.54
N SER K 86 42.97 54.81 2.80
CA SER K 86 44.40 54.67 2.51
C SER K 86 44.66 54.60 1.01
N GLY K 206 36.19 63.01 10.78
CA GLY K 206 34.94 62.62 11.39
C GLY K 206 34.93 61.15 11.79
N ILE K 207 36.11 60.63 12.13
CA ILE K 207 36.20 59.23 12.55
C ILE K 207 35.39 58.98 13.80
N SER K 208 35.47 59.90 14.77
CA SER K 208 34.69 59.75 16.00
C SER K 208 33.19 59.78 15.71
N ARG K 209 32.76 60.66 14.81
CA ARG K 209 31.36 60.72 14.44
C ARG K 209 30.90 59.39 13.84
N PHE K 210 31.69 58.83 12.93
CA PHE K 210 31.34 57.55 12.33
C PHE K 210 31.29 56.45 13.38
N TYR K 211 32.25 56.44 14.29
CA TYR K 211 32.27 55.43 15.35
C TYR K 211 31.00 55.51 16.20
N ILE K 212 30.65 56.71 16.64
CA ILE K 212 29.46 56.88 17.48
C ILE K 212 28.21 56.47 16.70
N ILE K 213 28.10 56.90 15.44
CA ILE K 213 26.92 56.60 14.65
C ILE K 213 26.76 55.10 14.49
N GLN K 214 27.85 54.40 14.16
CA GLN K 214 27.73 52.96 13.91
C GLN K 214 27.46 52.21 15.20
N VAL K 215 28.04 52.64 16.32
CA VAL K 215 27.73 52.00 17.60
C VAL K 215 26.25 52.15 17.91
N VAL K 216 25.72 53.38 17.76
CA VAL K 216 24.32 53.62 18.08
C VAL K 216 23.41 52.79 17.17
N PHE K 217 23.74 52.74 15.88
CA PHE K 217 22.93 51.97 14.94
C PHE K 217 22.95 50.49 15.29
N ARG K 218 24.13 49.96 15.62
CA ARG K 218 24.21 48.54 16.00
C ARG K 218 23.37 48.26 17.24
N ASN K 219 23.45 49.12 18.24
CA ASN K 219 22.68 48.90 19.46
C ASN K 219 21.19 48.94 19.18
N ALA K 220 20.74 49.93 18.41
CA ALA K 220 19.32 50.04 18.09
C ALA K 220 18.83 48.82 17.31
N LEU K 221 19.61 48.38 16.32
CA LEU K 221 19.21 47.22 15.54
C LEU K 221 19.12 45.99 16.42
N GLU K 222 20.10 45.79 17.32
CA GLU K 222 20.07 44.61 18.18
C GLU K 222 18.85 44.63 19.10
N ILE K 223 18.55 45.78 19.69
CA ILE K 223 17.40 45.87 20.59
C ILE K 223 16.11 45.58 19.81
N GLY K 224 15.97 46.18 18.62
CA GLY K 224 14.78 45.94 17.83
C GLY K 224 14.63 44.48 17.45
N PHE K 225 15.73 43.83 17.05
CA PHE K 225 15.66 42.42 16.67
C PHE K 225 15.32 41.55 17.87
N LEU K 226 15.86 41.86 19.05
CA LEU K 226 15.52 41.08 20.23
C LEU K 226 14.03 41.21 20.56
N VAL K 227 13.50 42.43 20.50
CA VAL K 227 12.07 42.61 20.79
C VAL K 227 11.23 41.87 19.76
N GLY K 228 11.60 41.96 18.49
CA GLY K 228 10.86 41.23 17.47
C GLY K 228 10.89 39.73 17.70
N GLN K 229 12.05 39.18 18.07
CA GLN K 229 12.14 37.76 18.36
C GLN K 229 11.24 37.38 19.51
N TYR K 230 11.24 38.19 20.59
CA TYR K 230 10.40 37.87 21.73
C TYR K 230 8.93 37.88 21.34
N PHE K 231 8.52 38.85 20.51
CA PHE K 231 7.11 38.95 20.14
C PHE K 231 6.71 37.92 19.09
N LEU K 232 7.67 37.34 18.36
CA LEU K 232 7.34 36.36 17.34
C LEU K 232 7.12 34.97 17.92
N TYR K 233 8.16 34.41 18.54
CA TYR K 233 8.15 32.99 18.93
C TYR K 233 7.82 32.78 20.40
N GLY K 234 8.22 33.69 21.28
CA GLY K 234 7.96 33.53 22.71
C GLY K 234 9.07 32.77 23.39
N PHE K 235 8.69 31.81 24.25
CA PHE K 235 9.66 31.02 24.99
C PHE K 235 9.38 29.53 24.97
N SER K 236 8.44 29.05 24.16
CA SER K 236 8.10 27.64 24.16
C SER K 236 7.68 27.21 22.76
N VAL K 237 7.75 25.91 22.51
CA VAL K 237 7.33 25.32 21.25
C VAL K 237 6.41 24.15 21.56
N PRO K 238 5.10 24.36 21.69
CA PRO K 238 4.22 23.28 22.12
C PRO K 238 4.23 22.11 21.14
N GLY K 239 4.02 20.90 21.68
CA GLY K 239 4.04 19.71 20.85
C GLY K 239 2.78 19.54 20.00
N LEU K 240 1.65 20.01 20.49
CA LEU K 240 0.38 19.88 19.79
C LEU K 240 -0.08 21.25 19.29
N TYR K 241 -0.62 21.28 18.08
CA TYR K 241 -1.14 22.50 17.50
C TYR K 241 -2.52 22.25 16.89
N GLU K 242 -3.35 23.30 16.92
CA GLU K 242 -4.69 23.24 16.36
C GLU K 242 -4.73 24.05 15.06
N CYS K 243 -5.06 23.39 13.97
CA CYS K 243 -5.06 23.98 12.63
C CYS K 243 -6.48 23.99 12.09
N ASN K 244 -6.94 25.16 11.66
CA ASN K 244 -8.31 25.34 11.17
C ASN K 244 -8.31 26.22 9.92
N ARG K 245 -7.41 25.93 8.99
CA ARG K 245 -7.29 26.68 7.75
C ARG K 245 -7.68 25.79 6.57
N TYR K 246 -8.11 26.45 5.49
CA TYR K 246 -8.50 25.74 4.29
C TYR K 246 -7.30 24.95 3.75
N PRO K 247 -7.52 23.74 3.21
CA PRO K 247 -8.78 23.01 3.00
C PRO K 247 -9.19 22.10 4.16
N CYS K 248 -8.43 22.10 5.24
CA CYS K 248 -8.77 21.24 6.38
C CYS K 248 -10.15 21.57 6.90
N ILE K 249 -10.97 20.53 7.09
CA ILE K 249 -12.36 20.72 7.49
C ILE K 249 -12.43 20.88 9.00
N LYS K 250 -13.13 21.92 9.44
CA LYS K 250 -13.30 22.19 10.89
C LYS K 250 -11.90 22.36 11.47
N GLU K 251 -11.62 21.82 12.66
CA GLU K 251 -10.33 21.94 13.31
C GLU K 251 -9.66 20.58 13.39
N VAL K 252 -8.35 20.56 13.19
CA VAL K 252 -7.56 19.34 13.25
C VAL K 252 -6.38 19.56 14.17
N GLU K 253 -5.80 18.45 14.63
CA GLU K 253 -4.67 18.48 15.54
C GLU K 253 -3.42 17.96 14.85
N CYS K 254 -2.32 18.67 15.00
CA CYS K 254 -1.06 18.33 14.37
C CYS K 254 0.05 18.25 15.42
N TYR K 255 1.00 17.35 15.18
CA TYR K 255 2.04 17.01 16.14
C TYR K 255 3.39 17.51 15.62
N VAL K 256 4.07 18.29 16.44
CA VAL K 256 5.37 18.86 16.09
C VAL K 256 6.46 17.82 16.35
N SER K 257 7.64 18.07 15.81
CA SER K 257 8.80 17.20 15.99
C SER K 257 9.89 17.93 16.77
N ARG K 258 10.46 17.27 17.76
CA ARG K 258 11.54 17.82 18.56
C ARG K 258 11.14 19.13 19.24
N PRO K 259 10.20 19.10 20.17
CA PRO K 259 9.84 20.33 20.89
C PRO K 259 10.87 20.75 21.95
N THR K 260 11.39 19.78 22.70
CA THR K 260 12.25 20.10 23.84
C THR K 260 13.57 20.73 23.39
N GLU K 261 14.22 20.13 22.38
CA GLU K 261 15.48 20.67 21.91
C GLU K 261 15.30 22.07 21.33
N LYS K 262 14.22 22.28 20.57
CA LYS K 262 13.96 23.60 20.04
C LYS K 262 13.72 24.62 21.15
N THR K 263 13.00 24.22 22.20
CA THR K 263 12.78 25.14 23.32
C THR K 263 14.10 25.50 23.99
N VAL K 264 14.96 24.51 24.21
CA VAL K 264 16.25 24.78 24.85
C VAL K 264 17.08 25.72 23.99
N PHE K 265 17.10 25.49 22.68
CA PHE K 265 17.86 26.37 21.79
C PHE K 265 17.29 27.79 21.82
N LEU K 266 15.97 27.93 21.83
CA LEU K 266 15.36 29.24 21.92
C LEU K 266 15.82 29.97 23.18
N VAL K 267 15.73 29.31 24.33
CA VAL K 267 16.10 29.96 25.58
C VAL K 267 17.58 30.35 25.55
N PHE K 268 18.43 29.46 25.04
CA PHE K 268 19.86 29.73 24.99
C PHE K 268 20.16 30.95 24.13
N MET K 269 19.56 31.02 22.94
CA MET K 269 19.79 32.16 22.06
C MET K 269 19.27 33.45 22.70
N PHE K 270 18.11 33.37 23.36
CA PHE K 270 17.59 34.57 24.03
C PHE K 270 18.55 35.06 25.11
N ALA K 271 19.10 34.14 25.89
CA ALA K 271 20.04 34.54 26.93
C ALA K 271 21.29 35.18 26.32
N VAL K 272 21.82 34.60 25.25
CA VAL K 272 23.01 35.16 24.62
C VAL K 272 22.74 36.56 24.09
N SER K 273 21.59 36.73 23.43
CA SER K 273 21.24 38.05 22.90
C SER K 273 21.07 39.06 24.03
N GLY K 274 20.45 38.63 25.14
CA GLY K 274 20.30 39.53 26.27
C GLY K 274 21.64 39.97 26.84
N ILE K 275 22.59 39.04 26.95
CA ILE K 275 23.92 39.40 27.44
C ILE K 275 24.58 40.39 26.50
N CYS K 276 24.47 40.15 25.19
CA CYS K 276 25.07 41.07 24.22
C CYS K 276 24.46 42.47 24.35
N VAL K 277 23.13 42.53 24.49
CA VAL K 277 22.46 43.83 24.62
C VAL K 277 22.92 44.53 25.88
N VAL K 278 23.03 43.78 26.98
CA VAL K 278 23.46 44.39 28.25
C VAL K 278 24.86 44.97 28.10
N LEU K 279 25.77 44.21 27.49
CA LEU K 279 27.15 44.71 27.33
C LEU K 279 27.18 45.94 26.44
N ASN K 280 26.42 45.94 25.34
CA ASN K 280 26.40 47.09 24.45
C ASN K 280 25.84 48.32 25.17
N LEU K 281 24.76 48.14 25.94
CA LEU K 281 24.20 49.26 26.68
C LEU K 281 25.20 49.79 27.71
N ALA K 282 25.90 48.90 28.39
CA ALA K 282 26.90 49.34 29.37
C ALA K 282 28.00 50.15 28.69
N GLU K 283 28.49 49.68 27.56
CA GLU K 283 29.54 50.42 26.85
C GLU K 283 29.03 51.78 26.40
N LEU K 284 27.81 51.83 25.85
CA LEU K 284 27.25 53.09 25.39
C LEU K 284 27.11 54.07 26.56
N ASN K 285 26.63 53.59 27.70
CA ASN K 285 26.50 54.45 28.88
C ASN K 285 27.87 54.95 29.34
N HIS K 286 28.87 54.07 29.32
CA HIS K 286 30.21 54.48 29.74
C HIS K 286 30.75 55.58 28.83
N LEU K 287 30.57 55.42 27.51
CA LEU K 287 31.06 56.44 26.58
C LEU K 287 30.35 57.77 26.79
N GLY K 288 29.04 57.73 27.00
CA GLY K 288 28.27 58.94 27.21
C GLY K 288 28.31 59.88 26.01
N SER L 4 29.10 62.67 0.25
CA SER L 4 27.88 62.52 -0.53
C SER L 4 28.13 61.64 -1.76
N THR L 5 28.78 62.22 -2.77
CA THR L 5 29.06 61.47 -3.99
C THR L 5 29.97 60.28 -3.72
N MET L 6 30.99 60.45 -2.89
CA MET L 6 31.94 59.37 -2.61
C MET L 6 31.32 58.28 -1.76
N ILE L 7 30.42 58.64 -0.84
CA ILE L 7 29.81 57.64 0.03
C ILE L 7 28.97 56.65 -0.78
N GLY L 8 28.39 57.10 -1.89
CA GLY L 8 27.51 56.24 -2.66
C GLY L 8 28.19 54.96 -3.11
N ARG L 9 29.46 55.06 -3.51
CA ARG L 9 30.19 53.87 -3.95
C ARG L 9 30.31 52.86 -2.81
N ILE L 10 30.65 53.33 -1.62
CA ILE L 10 30.77 52.44 -0.46
C ILE L 10 29.43 51.80 -0.15
N LEU L 11 28.35 52.60 -0.16
CA LEU L 11 27.03 52.05 0.13
C LEU L 11 26.67 50.98 -0.89
N LEU L 12 26.93 51.24 -2.18
CA LEU L 12 26.60 50.28 -3.21
C LEU L 12 27.39 48.98 -3.03
N THR L 13 28.69 49.10 -2.72
CA THR L 13 29.50 47.90 -2.51
C THR L 13 28.99 47.09 -1.33
N VAL L 14 28.67 47.78 -0.22
CA VAL L 14 28.18 47.07 0.96
C VAL L 14 26.87 46.37 0.65
N VAL L 15 25.97 47.06 -0.05
CA VAL L 15 24.68 46.46 -0.38
C VAL L 15 24.86 45.24 -1.28
N VAL L 16 25.78 45.35 -2.26
CA VAL L 16 26.04 44.22 -3.15
C VAL L 16 26.54 43.02 -2.35
N ILE L 17 27.49 43.26 -1.45
CA ILE L 17 28.02 42.17 -0.63
C ILE L 17 26.90 41.56 0.21
N PHE L 18 26.06 42.40 0.80
CA PHE L 18 25.00 41.91 1.67
C PHE L 18 24.01 41.04 0.89
N ARG L 19 23.58 41.51 -0.29
CA ARG L 19 22.62 40.74 -1.07
C ARG L 19 23.24 39.44 -1.55
N ILE L 20 24.52 39.46 -1.95
CA ILE L 20 25.18 38.24 -2.38
C ILE L 20 25.23 37.24 -1.23
N LEU L 21 25.59 37.71 -0.04
CA LEU L 21 25.66 36.82 1.11
C LEU L 21 24.28 36.23 1.42
N ILE L 22 23.24 37.06 1.40
CA ILE L 22 21.90 36.58 1.70
C ILE L 22 21.49 35.51 0.70
N VAL L 23 21.68 35.78 -0.59
CA VAL L 23 21.26 34.82 -1.62
C VAL L 23 22.05 33.53 -1.49
N ALA L 24 23.34 33.62 -1.15
CA ALA L 24 24.15 32.42 -1.08
C ALA L 24 23.87 31.60 0.18
N ILE L 25 23.44 32.25 1.25
CA ILE L 25 23.29 31.56 2.54
C ILE L 25 21.88 31.05 2.75
N VAL L 26 20.87 31.91 2.58
CA VAL L 26 19.48 31.56 2.87
C VAL L 26 18.68 31.37 1.59
N GLY L 27 19.34 31.06 0.48
CA GLY L 27 18.64 30.89 -0.78
C GLY L 27 18.38 29.44 -1.15
N GLU L 28 19.41 28.60 -1.06
CA GLU L 28 19.30 27.23 -1.54
C GLU L 28 18.39 26.39 -0.65
N THR L 29 18.59 26.45 0.67
CA THR L 29 17.89 25.55 1.58
C THR L 29 16.39 25.76 1.58
N VAL L 30 15.92 26.99 1.33
CA VAL L 30 14.49 27.25 1.36
C VAL L 30 13.79 26.51 0.21
N TYR L 31 14.45 26.45 -0.95
CA TYR L 31 13.87 25.86 -2.15
C TYR L 31 14.36 24.44 -2.40
N ASP L 32 14.66 23.68 -1.34
CA ASP L 32 15.17 22.33 -1.51
C ASP L 32 14.07 21.36 -1.94
N ASP L 33 12.87 21.49 -1.37
CA ASP L 33 11.78 20.54 -1.58
C ASP L 33 10.64 21.16 -2.37
N GLU L 34 10.94 21.96 -3.39
CA GLU L 34 9.88 22.63 -4.14
C GLU L 34 8.98 21.63 -4.84
N GLN L 35 9.56 20.59 -5.45
CA GLN L 35 8.78 19.64 -6.22
C GLN L 35 8.36 18.42 -5.43
N THR L 36 9.13 18.04 -4.40
CA THR L 36 8.79 16.86 -3.62
C THR L 36 7.48 17.06 -2.87
N MET L 37 7.27 18.25 -2.30
CA MET L 37 6.09 18.53 -1.49
C MET L 37 4.95 19.14 -2.28
N PHE L 38 5.12 19.37 -3.58
CA PHE L 38 4.04 19.87 -4.42
C PHE L 38 3.10 18.73 -4.76
N VAL L 39 1.83 18.87 -4.35
CA VAL L 39 0.84 17.81 -4.54
C VAL L 39 -0.40 18.41 -5.19
N CYS L 40 -1.14 17.54 -5.88
CA CYS L 40 -2.37 17.93 -6.56
C CYS L 40 -3.47 16.93 -6.24
N ASN L 41 -4.71 17.38 -6.34
CA ASN L 41 -5.87 16.58 -5.97
C ASN L 41 -6.41 15.86 -7.20
N THR L 42 -5.73 14.78 -7.58
CA THR L 42 -6.14 13.99 -8.72
C THR L 42 -5.40 12.65 -8.69
N LEU L 43 -5.84 11.74 -9.55
CA LEU L 43 -5.24 10.41 -9.67
C LEU L 43 -4.58 10.18 -11.01
N GLN L 44 -4.70 11.10 -11.96
CA GLN L 44 -4.11 10.92 -13.28
C GLN L 44 -2.59 10.95 -13.17
N PRO L 45 -1.89 9.91 -13.62
CA PRO L 45 -0.42 9.97 -13.61
C PRO L 45 0.10 11.10 -14.50
N GLY L 46 1.17 11.74 -14.05
CA GLY L 46 1.81 12.80 -14.80
C GLY L 46 1.15 14.16 -14.66
N CYS L 47 0.06 14.28 -13.91
CA CYS L 47 -0.57 15.58 -13.73
C CYS L 47 0.31 16.50 -12.90
N ASN L 48 1.01 15.94 -11.91
CA ASN L 48 1.84 16.75 -11.03
C ASN L 48 2.94 17.46 -11.80
N GLN L 49 3.62 16.74 -12.70
CA GLN L 49 4.73 17.34 -13.43
C GLN L 49 4.26 18.52 -14.28
N ALA L 50 3.21 18.33 -15.07
CA ALA L 50 2.72 19.39 -15.93
C ALA L 50 2.23 20.58 -15.11
N CYS L 51 1.48 20.30 -14.04
CA CYS L 51 0.95 21.40 -13.24
C CYS L 51 2.08 22.20 -12.58
N TYR L 52 3.08 21.51 -12.03
CA TYR L 52 4.20 22.23 -11.42
C TYR L 52 4.96 23.03 -12.45
N ASP L 53 5.21 22.45 -13.63
CA ASP L 53 5.93 23.18 -14.66
C ASP L 53 5.18 24.44 -15.07
N ARG L 54 3.85 24.34 -15.18
CA ARG L 54 3.06 25.53 -15.48
C ARG L 54 3.09 26.54 -14.35
N ALA L 55 3.17 26.07 -13.10
CA ALA L 55 3.12 26.98 -11.97
C ALA L 55 4.41 27.78 -11.83
N PHE L 56 5.56 27.12 -11.95
CA PHE L 56 6.87 27.75 -11.75
C PHE L 56 7.75 27.48 -12.96
N PRO L 57 7.62 28.27 -14.02
CA PRO L 57 8.46 28.04 -15.21
C PRO L 57 9.95 28.08 -14.89
N ILE L 58 10.43 29.18 -14.31
CA ILE L 58 11.82 29.31 -13.88
C ILE L 58 11.80 29.73 -12.41
N SER L 59 12.43 28.91 -11.56
CA SER L 59 12.40 29.17 -10.13
C SER L 59 13.02 30.53 -9.82
N HIS L 60 12.71 31.04 -8.62
CA HIS L 60 13.25 32.33 -8.21
C HIS L 60 14.76 32.30 -8.12
N ILE L 61 15.32 31.22 -7.56
CA ILE L 61 16.75 31.18 -7.26
C ILE L 61 17.57 31.25 -8.54
N ARG L 62 17.11 30.56 -9.59
CA ARG L 62 17.85 30.59 -10.85
C ARG L 62 17.91 32.01 -11.39
N TYR L 63 16.77 32.70 -11.39
CA TYR L 63 16.73 34.07 -11.91
C TYR L 63 17.64 34.98 -11.09
N TRP L 64 17.59 34.87 -9.77
CA TRP L 64 18.38 35.76 -8.94
C TRP L 64 19.88 35.48 -9.10
N VAL L 65 20.27 34.21 -9.17
CA VAL L 65 21.68 33.89 -9.36
C VAL L 65 22.16 34.40 -10.72
N PHE L 66 21.35 34.22 -11.76
CA PHE L 66 21.73 34.70 -13.08
C PHE L 66 21.89 36.21 -13.09
N GLN L 67 20.96 36.92 -12.44
CA GLN L 67 21.06 38.38 -12.37
C GLN L 67 22.35 38.79 -11.65
N ILE L 68 22.64 38.12 -10.52
CA ILE L 68 23.83 38.48 -9.74
C ILE L 68 25.09 38.27 -10.59
N ILE L 69 25.17 37.15 -11.30
CA ILE L 69 26.35 36.88 -12.11
C ILE L 69 26.44 37.88 -13.26
N MET L 70 25.31 38.24 -13.86
CA MET L 70 25.33 39.11 -15.02
C MET L 70 25.72 40.54 -14.65
N VAL L 71 25.27 41.02 -13.49
CA VAL L 71 25.55 42.41 -13.13
C VAL L 71 27.01 42.63 -12.79
N CYS L 72 27.80 41.56 -12.60
CA CYS L 72 29.19 41.68 -12.22
C CYS L 72 30.16 41.52 -13.38
N THR L 73 29.66 41.28 -14.59
CA THR L 73 30.56 41.15 -15.74
C THR L 73 31.37 42.41 -16.00
N PRO L 74 30.81 43.63 -15.94
CA PRO L 74 31.62 44.82 -16.22
C PRO L 74 32.84 44.95 -15.33
N SER L 75 32.72 44.59 -14.04
CA SER L 75 33.87 44.66 -13.15
C SER L 75 34.96 43.70 -13.60
N LEU L 76 34.59 42.48 -13.97
CA LEU L 76 35.57 41.53 -14.47
C LEU L 76 36.24 42.05 -15.74
N CYS L 77 35.46 42.61 -16.66
CA CYS L 77 36.04 43.14 -17.88
C CYS L 77 37.04 44.26 -17.58
N PHE L 78 36.67 45.17 -16.68
CA PHE L 78 37.56 46.28 -16.34
C PHE L 78 38.84 45.75 -15.70
N ILE L 79 38.71 44.80 -14.77
CA ILE L 79 39.89 44.29 -14.08
C ILE L 79 40.82 43.59 -15.05
N THR L 80 40.27 42.74 -15.93
CA THR L 80 41.13 42.03 -16.88
C THR L 80 41.77 42.99 -17.87
N TYR L 81 41.04 44.01 -18.32
CA TYR L 81 41.63 45.00 -19.22
C TYR L 81 42.78 45.73 -18.53
N SER L 82 42.58 46.14 -17.27
CA SER L 82 43.64 46.82 -16.55
C SER L 82 44.86 45.93 -16.37
N VAL L 83 44.64 44.65 -16.04
CA VAL L 83 45.75 43.72 -15.85
C VAL L 83 46.52 43.55 -17.15
N HIS L 84 45.79 43.36 -18.26
CA HIS L 84 46.45 43.14 -19.54
C HIS L 84 47.18 44.40 -20.02
N GLN L 85 46.67 45.58 -19.67
CA GLN L 85 47.32 46.81 -20.13
C GLN L 85 48.74 46.93 -19.57
N SER L 86 48.92 46.58 -18.30
CA SER L 86 50.23 46.65 -17.67
C SER L 86 51.14 45.53 -18.17
N GLY L 206 41.36 56.06 -23.66
CA GLY L 206 39.92 55.96 -23.60
C GLY L 206 39.42 55.33 -22.32
N ILE L 207 40.19 55.51 -21.24
CA ILE L 207 39.79 54.93 -19.95
C ILE L 207 38.48 55.53 -19.48
N SER L 208 38.32 56.85 -19.64
CA SER L 208 37.06 57.49 -19.26
C SER L 208 35.91 56.96 -20.10
N ARG L 209 36.13 56.76 -21.40
CA ARG L 209 35.09 56.21 -22.25
C ARG L 209 34.68 54.82 -21.78
N PHE L 210 35.65 53.97 -21.45
CA PHE L 210 35.34 52.63 -20.96
C PHE L 210 34.57 52.70 -19.65
N TYR L 211 34.98 53.59 -18.75
CA TYR L 211 34.29 53.73 -17.47
C TYR L 211 32.84 54.12 -17.68
N ILE L 212 32.59 55.14 -18.51
CA ILE L 212 31.23 55.59 -18.77
C ILE L 212 30.41 54.47 -19.40
N ILE L 213 30.98 53.79 -20.39
CA ILE L 213 30.26 52.73 -21.09
C ILE L 213 29.87 51.62 -20.12
N GLN L 214 30.82 51.19 -19.28
CA GLN L 214 30.53 50.10 -18.36
C GLN L 214 29.49 50.51 -17.34
N VAL L 215 29.56 51.74 -16.82
CA VAL L 215 28.58 52.18 -15.84
C VAL L 215 27.19 52.23 -16.46
N VAL L 216 27.09 52.80 -17.67
CA VAL L 216 25.79 52.89 -18.33
C VAL L 216 25.22 51.52 -18.60
N PHE L 217 26.06 50.60 -19.09
CA PHE L 217 25.59 49.24 -19.37
C PHE L 217 25.12 48.54 -18.10
N ARG L 218 25.87 48.70 -17.01
CA ARG L 218 25.45 48.08 -15.75
C ARG L 218 24.11 48.62 -15.30
N ASN L 219 23.93 49.94 -15.36
CA ASN L 219 22.66 50.53 -14.93
C ASN L 219 21.51 50.03 -15.80
N ALA L 220 21.71 50.01 -17.11
CA ALA L 220 20.64 49.56 -18.00
C ALA L 220 20.28 48.11 -17.74
N LEU L 221 21.30 47.26 -17.57
CA LEU L 221 21.04 45.85 -17.30
C LEU L 221 20.27 45.68 -15.98
N GLU L 222 20.67 46.41 -14.94
CA GLU L 222 19.98 46.28 -13.67
C GLU L 222 18.52 46.72 -13.78
N ILE L 223 18.27 47.83 -14.47
CA ILE L 223 16.88 48.30 -14.61
C ILE L 223 16.06 47.28 -15.38
N GLY L 224 16.62 46.76 -16.47
CA GLY L 224 15.89 45.76 -17.25
C GLY L 224 15.60 44.52 -16.44
N PHE L 225 16.57 44.05 -15.67
CA PHE L 225 16.35 42.86 -14.85
C PHE L 225 15.29 43.10 -13.79
N LEU L 226 15.30 44.28 -13.16
CA LEU L 226 14.28 44.58 -12.17
C LEU L 226 12.89 44.60 -12.80
N VAL L 227 12.75 45.22 -13.97
CA VAL L 227 11.44 45.25 -14.63
C VAL L 227 11.00 43.84 -15.00
N GLY L 228 11.92 43.03 -15.52
CA GLY L 228 11.58 41.65 -15.84
C GLY L 228 11.12 40.87 -14.62
N GLN L 229 11.83 41.04 -13.49
CA GLN L 229 11.42 40.37 -12.27
C GLN L 229 10.02 40.79 -11.85
N TYR L 230 9.75 42.09 -11.90
CA TYR L 230 8.41 42.56 -11.51
C TYR L 230 7.34 41.96 -12.41
N PHE L 231 7.60 41.89 -13.71
CA PHE L 231 6.60 41.39 -14.64
C PHE L 231 6.48 39.87 -14.62
N LEU L 232 7.48 39.16 -14.09
CA LEU L 232 7.42 37.70 -14.06
C LEU L 232 6.62 37.19 -12.86
N TYR L 233 7.08 37.49 -11.65
CA TYR L 233 6.54 36.88 -10.44
C TYR L 233 5.54 37.76 -9.71
N GLY L 234 5.73 39.07 -9.72
CA GLY L 234 4.83 39.97 -9.02
C GLY L 234 5.27 40.20 -7.59
N PHE L 235 4.32 40.15 -6.66
CA PHE L 235 4.61 40.39 -5.25
C PHE L 235 4.00 39.35 -4.32
N SER L 236 3.47 38.25 -4.85
CA SER L 236 2.82 37.25 -4.01
C SER L 236 3.01 35.86 -4.62
N VAL L 237 2.83 34.86 -3.77
CA VAL L 237 2.92 33.46 -4.18
C VAL L 237 1.70 32.72 -3.61
N PRO L 238 0.56 32.73 -4.30
CA PRO L 238 -0.66 32.18 -3.71
C PRO L 238 -0.51 30.70 -3.40
N GLY L 239 -1.19 30.28 -2.33
CA GLY L 239 -1.13 28.89 -1.92
C GLY L 239 -1.80 27.92 -2.87
N LEU L 240 -2.96 28.29 -3.41
CA LEU L 240 -3.73 27.43 -4.30
C LEU L 240 -3.55 27.87 -5.74
N TYR L 241 -3.47 26.88 -6.63
CA TYR L 241 -3.33 27.14 -8.06
C TYR L 241 -4.29 26.25 -8.84
N GLU L 242 -4.76 26.77 -9.98
CA GLU L 242 -5.68 26.07 -10.86
C GLU L 242 -4.91 25.62 -12.11
N CYS L 243 -4.86 24.32 -12.34
CA CYS L 243 -4.08 23.73 -13.42
C CYS L 243 -5.03 23.03 -14.39
N ASN L 244 -4.92 23.38 -15.67
CA ASN L 244 -5.81 22.84 -16.70
C ASN L 244 -5.02 22.50 -17.96
N ARG L 245 -3.87 21.84 -17.79
CA ARG L 245 -3.02 21.46 -18.90
C ARG L 245 -3.04 19.95 -19.08
N TYR L 246 -2.80 19.52 -20.31
CA TYR L 246 -2.77 18.08 -20.61
C TYR L 246 -1.68 17.41 -19.78
N PRO L 247 -1.90 16.20 -19.26
CA PRO L 247 -3.08 15.34 -19.39
C PRO L 247 -4.16 15.57 -18.33
N CYS L 248 -3.95 16.57 -17.48
CA CYS L 248 -4.87 16.80 -16.38
C CYS L 248 -6.27 17.05 -16.92
N ILE L 249 -7.25 16.30 -16.41
CA ILE L 249 -8.60 16.36 -16.95
C ILE L 249 -9.31 17.59 -16.39
N LYS L 250 -9.85 18.41 -17.28
CA LYS L 250 -10.56 19.63 -16.88
C LYS L 250 -9.64 20.48 -16.03
N GLU L 251 -10.16 21.09 -14.96
CA GLU L 251 -9.37 21.93 -14.07
C GLU L 251 -9.18 21.22 -12.74
N VAL L 252 -7.96 21.29 -12.20
CA VAL L 252 -7.63 20.69 -10.93
C VAL L 252 -6.99 21.74 -10.04
N GLU L 253 -7.02 21.49 -8.74
CA GLU L 253 -6.47 22.40 -7.75
C GLU L 253 -5.20 21.80 -7.15
N CYS L 254 -4.15 22.60 -7.07
CA CYS L 254 -2.86 22.17 -6.55
C CYS L 254 -2.41 23.12 -5.44
N TYR L 255 -1.74 22.54 -4.44
CA TYR L 255 -1.37 23.25 -3.23
C TYR L 255 0.14 23.48 -3.20
N VAL L 256 0.53 24.72 -2.99
CA VAL L 256 1.94 25.11 -2.98
C VAL L 256 2.49 24.91 -1.58
N SER L 257 3.82 24.84 -1.48
CA SER L 257 4.52 24.66 -0.21
C SER L 257 5.27 25.92 0.15
N ARG L 258 5.14 26.35 1.41
CA ARG L 258 5.85 27.52 1.93
C ARG L 258 5.52 28.78 1.14
N PRO L 259 4.27 29.26 1.17
CA PRO L 259 3.97 30.52 0.48
C PRO L 259 4.48 31.75 1.22
N THR L 260 4.35 31.80 2.54
CA THR L 260 4.64 33.03 3.29
C THR L 260 6.14 33.37 3.23
N GLU L 261 6.99 32.37 3.46
CA GLU L 261 8.43 32.63 3.43
C GLU L 261 8.88 33.07 2.05
N LYS L 262 8.35 32.43 1.00
CA LYS L 262 8.70 32.84 -0.35
C LYS L 262 8.24 34.26 -0.63
N THR L 263 7.05 34.63 -0.16
CA THR L 263 6.57 36.00 -0.36
C THR L 263 7.49 37.00 0.33
N VAL L 264 7.88 36.69 1.57
CA VAL L 264 8.76 37.59 2.31
C VAL L 264 10.09 37.75 1.59
N PHE L 265 10.66 36.65 1.11
CA PHE L 265 11.92 36.72 0.39
C PHE L 265 11.77 37.53 -0.90
N LEU L 266 10.67 37.35 -1.62
CA LEU L 266 10.43 38.15 -2.83
C LEU L 266 10.43 39.63 -2.51
N VAL L 267 9.67 40.03 -1.48
CA VAL L 267 9.59 41.45 -1.15
C VAL L 267 10.94 41.99 -0.74
N PHE L 268 11.70 41.21 0.05
CA PHE L 268 13.01 41.65 0.49
C PHE L 268 13.95 41.87 -0.69
N MET L 269 13.99 40.91 -1.61
CA MET L 269 14.87 41.04 -2.77
C MET L 269 14.44 42.23 -3.63
N PHE L 270 13.14 42.43 -3.80
CA PHE L 270 12.68 43.58 -4.57
C PHE L 270 13.13 44.89 -3.94
N ALA L 271 13.02 45.00 -2.62
CA ALA L 271 13.45 46.21 -1.95
C ALA L 271 14.95 46.44 -2.13
N VAL L 272 15.75 45.39 -1.99
CA VAL L 272 17.19 45.54 -2.15
C VAL L 272 17.53 45.99 -3.57
N SER L 273 16.90 45.37 -4.56
CA SER L 273 17.15 45.76 -5.94
C SER L 273 16.73 47.20 -6.21
N GLY L 274 15.60 47.62 -5.62
CA GLY L 274 15.18 48.99 -5.76
C GLY L 274 16.18 49.98 -5.19
N ILE L 275 16.72 49.66 -4.01
CA ILE L 275 17.73 50.53 -3.41
C ILE L 275 18.95 50.61 -4.30
N CYS L 276 19.40 49.47 -4.83
CA CYS L 276 20.56 49.47 -5.71
C CYS L 276 20.31 50.33 -6.95
N VAL L 277 19.12 50.20 -7.54
CA VAL L 277 18.78 50.98 -8.73
C VAL L 277 18.77 52.46 -8.40
N VAL L 278 18.21 52.83 -7.24
CA VAL L 278 18.15 54.23 -6.85
C VAL L 278 19.56 54.79 -6.71
N LEU L 279 20.45 54.06 -6.04
CA LEU L 279 21.80 54.54 -5.85
C LEU L 279 22.53 54.68 -7.20
N ASN L 280 22.37 53.70 -8.08
CA ASN L 280 23.03 53.77 -9.39
C ASN L 280 22.52 54.96 -10.19
N LEU L 281 21.20 55.18 -10.17
CA LEU L 281 20.64 56.33 -10.90
C LEU L 281 21.15 57.64 -10.31
N ALA L 282 21.24 57.73 -8.98
CA ALA L 282 21.75 58.94 -8.36
C ALA L 282 23.19 59.20 -8.79
N GLU L 283 24.03 58.16 -8.78
CA GLU L 283 25.42 58.34 -9.21
C GLU L 283 25.50 58.75 -10.68
N LEU L 284 24.70 58.12 -11.54
CA LEU L 284 24.72 58.46 -12.95
C LEU L 284 24.31 59.91 -13.16
N ASN L 285 23.26 60.36 -12.47
CA ASN L 285 22.84 61.74 -12.57
C ASN L 285 23.93 62.69 -12.08
N HIS L 286 24.59 62.33 -10.98
CA HIS L 286 25.66 63.17 -10.46
C HIS L 286 26.79 63.32 -11.47
N LEU L 287 27.18 62.22 -12.10
CA LEU L 287 28.25 62.28 -13.10
C LEU L 287 27.85 63.16 -14.27
N GLY L 288 26.61 63.01 -14.74
CA GLY L 288 26.12 63.79 -15.86
C GLY L 288 26.92 63.56 -17.13
C35 MC3 M . -26.72 -0.82 31.48
C36 MC3 M . -27.48 -1.06 32.78
C37 MC3 M . -28.97 -1.26 32.54
C38 MC3 M . -29.54 -2.42 33.36
C39 MC3 M . -30.78 -3.03 32.72
H351 MC3 M . -27.01 0.16 31.08
H352 MC3 M . -26.98 -1.58 30.76
H361 MC3 M . -27.08 -1.95 33.26
H362 MC3 M . -27.34 -0.21 33.44
C34 MC3 N . -26.93 3.18 25.65
C35 MC3 N . -27.83 2.08 25.07
C36 MC3 N . -28.93 1.66 26.04
C37 MC3 N . -30.23 1.30 25.32
C38 MC3 N . -31.00 0.18 26.02
H341 MC3 N . -26.44 2.79 26.53
H342 MC3 N . -27.55 4.02 25.92
H351 MC3 N . -28.28 2.44 24.16
H352 MC3 N . -27.21 1.22 24.84
H361 MC3 N . -29.12 2.46 26.73
H362 MC3 N . -28.59 0.78 26.59
C34 MC3 O . -11.60 -21.40 32.59
C35 MC3 O . -12.65 -22.07 31.71
C36 MC3 O . -13.55 -23.03 32.50
C37 MC3 O . -15.00 -22.94 32.06
C38 MC3 O . -15.79 -24.21 32.37
C39 MC3 O . -17.13 -24.25 31.65
C40 MC3 O . -17.89 -25.55 31.89
H341 MC3 O . -12.09 -20.85 33.37
H342 MC3 O . -10.97 -22.17 33.04
H351 MC3 O . -12.15 -22.62 30.92
H352 MC3 O . -13.26 -21.30 31.26
H361 MC3 O . -13.19 -24.03 32.34
H362 MC3 O . -13.48 -22.78 33.55
H371 MC3 O . -15.48 -22.11 32.58
H372 MC3 O . -15.04 -22.75 30.99
H381 MC3 O . -15.96 -24.28 33.43
H382 MC3 O . -15.20 -25.07 32.04
C32 MC3 P . -14.62 -16.99 32.43
C33 MC3 P . -15.96 -17.60 32.82
C34 MC3 P . -16.90 -17.73 31.63
C35 MC3 P . -17.75 -19.00 31.66
C36 MC3 P . -18.48 -19.20 32.99
C37 MC3 P . -19.95 -19.58 32.81
C38 MC3 P . -20.14 -20.91 32.08
C39 MC3 P . -21.61 -21.28 31.94
C40 MC3 P . -21.86 -22.22 30.77
C41 MC3 P . -23.31 -22.72 30.73
H321 MC3 P . -14.15 -17.59 31.66
H322 MC3 P . -13.98 -16.93 33.30
H331 MC3 P . -16.43 -16.98 33.57
H332 MC3 P . -15.78 -18.59 33.24
H341 MC3 P . -16.32 -17.72 30.72
H342 MC3 P . -17.57 -16.87 31.62
H351 MC3 P . -18.48 -18.96 30.86
H352 MC3 P . -17.10 -19.85 31.50
H361 MC3 P . -18.43 -18.28 33.55
H362 MC3 P . -17.98 -19.97 33.55
H371 MC3 P . -20.44 -18.80 32.24
H372 MC3 P . -20.41 -19.65 33.78
H381 MC3 P . -19.70 -20.85 31.09
H382 MC3 P . -19.64 -21.69 32.64
H391 MC3 P . -22.19 -20.37 31.79
H392 MC3 P . -21.94 -21.75 32.85
H401 MC3 P . -21.20 -23.07 30.85
H402 MC3 P . -21.65 -21.71 29.84
H411 MC3 P . -23.98 -21.88 30.64
H412 MC3 P . -23.44 -23.38 29.88
C35 MC3 Q . -7.92 -29.89 27.30
C36 MC3 Q . -8.01 -31.15 28.16
C37 MC3 Q . -9.44 -31.47 28.57
C38 MC3 Q . -9.75 -32.96 28.43
C39 MC3 Q . -11.24 -33.23 28.21
H351 MC3 Q . -7.98 -29.02 27.94
H352 MC3 Q . -8.77 -29.87 26.62
H361 MC3 Q . -7.60 -31.98 27.60
H362 MC3 Q . -7.42 -31.00 29.06
C34 MC3 R . -10.02 -23.05 27.46
C35 MC3 R . -11.26 -23.59 26.77
C36 MC3 R . -11.83 -24.83 27.45
C37 MC3 R . -13.35 -24.87 27.40
C38 MC3 R . -13.90 -26.29 27.28
H341 MC3 R . -10.26 -22.84 28.50
H342 MC3 R . -9.24 -23.81 27.43
H351 MC3 R . -12.02 -22.82 26.75
H352 MC3 R . -11.01 -23.84 25.73
H361 MC3 R . -11.44 -25.71 26.95
H362 MC3 R . -11.50 -24.84 28.48
C34 MC3 S . 1.30 -40.25 5.91
C35 MC3 S . -0.15 -40.29 5.44
C36 MC3 S . -0.75 -41.69 5.54
C37 MC3 S . -2.20 -41.68 6.03
C38 MC3 S . -2.98 -42.91 5.62
C39 MC3 S . -4.49 -42.74 5.82
C40 MC3 S . -5.28 -43.96 5.35
H341 MC3 S . 1.88 -40.94 5.32
H342 MC3 S . 1.34 -40.55 6.95
H351 MC3 S . -0.20 -39.97 4.40
H352 MC3 S . -0.74 -39.61 6.05
H361 MC3 S . -0.16 -42.28 6.24
H362 MC3 S . -0.72 -42.17 4.57
H371 MC3 S . -2.69 -40.80 5.64
H372 MC3 S . -2.20 -41.61 7.12
H381 MC3 S . -2.79 -43.11 4.57
H382 MC3 S . -2.64 -43.76 6.19
C32 MC3 T . -0.41 -38.02 10.45
C33 MC3 T . -1.51 -39.03 10.79
C34 MC3 T . -2.90 -38.48 10.54
C35 MC3 T . -3.87 -39.53 9.99
C36 MC3 T . -3.91 -40.80 10.84
C37 MC3 T . -5.33 -41.28 11.13
C38 MC3 T . -6.11 -41.65 9.87
C39 MC3 T . -7.51 -42.16 10.20
C40 MC3 T . -8.48 -41.99 9.03
C41 MC3 T . -9.82 -42.68 9.29
H321 MC3 T . -0.49 -37.73 9.41
H322 MC3 T . 0.56 -38.46 10.62
H331 MC3 T . -1.42 -39.30 11.83
H332 MC3 T . -1.36 -39.91 10.19
H341 MC3 T . -3.30 -38.09 11.47
H342 MC3 T . -2.84 -37.67 9.82
H351 MC3 T . -4.87 -39.11 9.96
H352 MC3 T . -3.57 -39.79 8.98
H361 MC3 T . -3.37 -41.59 10.32
H362 MC3 T . -3.41 -40.62 11.78
H371 MC3 T . -5.28 -42.16 11.78
H372 MC3 T . -5.86 -40.50 11.65
H381 MC3 T . -5.57 -42.43 9.34
H382 MC3 T . -6.19 -40.77 9.24
H391 MC3 T . -7.45 -43.21 10.45
H392 MC3 T . -7.89 -41.60 11.05
H401 MC3 T . -8.03 -42.41 8.14
H402 MC3 T . -8.66 -40.93 8.87
H411 MC3 T . -9.65 -43.74 9.42
H412 MC3 T . -10.27 -42.27 10.18
C35 MC3 U . 0.15 -40.98 -4.66
C36 MC3 U . 0.23 -42.42 -5.15
C37 MC3 U . -0.86 -43.31 -4.55
C38 MC3 U . -1.51 -44.21 -5.58
C39 MC3 U . -2.93 -44.60 -5.20
H351 MC3 U . -0.90 -40.69 -4.60
H352 MC3 U . 0.59 -40.92 -3.67
H361 MC3 U . 0.13 -42.43 -6.23
H362 MC3 U . 1.20 -42.83 -4.89
C34 MC3 V . -0.14 -37.18 1.36
C35 MC3 V . -1.65 -37.35 1.17
C36 MC3 V . -2.04 -38.79 0.87
C37 MC3 V . -3.38 -39.16 1.51
C38 MC3 V . -4.18 -40.15 0.66
H341 MC3 V . 0.36 -37.46 0.44
H342 MC3 V . 0.19 -37.85 2.14
H351 MC3 V . -2.15 -37.03 2.07
H352 MC3 V . -1.96 -36.72 0.35
H361 MC3 V . -1.27 -39.45 1.26
H362 MC3 V . -2.12 -38.92 -0.19
C34 MC3 W . -4.43 -29.94 -27.25
C35 MC3 W . -5.91 -30.01 -26.85
C36 MC3 W . -6.63 -31.16 -27.55
C37 MC3 W . -7.61 -31.87 -26.62
C38 MC3 W . -8.75 -32.56 -27.38
C39 MC3 W . -9.88 -32.98 -26.46
C40 MC3 W . -11.06 -33.59 -27.22
H341 MC3 W . -4.35 -29.88 -28.32
H342 MC3 W . -3.93 -30.83 -26.90
H351 MC3 W . -6.39 -29.08 -27.13
H352 MC3 W . -5.97 -30.14 -25.78
H361 MC3 W . -7.16 -30.77 -28.40
H362 MC3 W . -5.89 -31.88 -27.90
H371 MC3 W . -8.04 -31.14 -25.95
H372 MC3 W . -7.07 -32.61 -26.04
H381 MC3 W . -9.13 -31.88 -28.13
H382 MC3 W . -8.35 -33.43 -27.87
C32 MC3 X . -3.25 -32.23 -22.54
C33 MC3 X . -4.24 -33.40 -22.61
C34 MC3 X . -5.45 -33.19 -21.70
C35 MC3 X . -6.74 -33.73 -22.31
C36 MC3 X . -6.62 -35.18 -22.78
C37 MC3 X . -7.80 -36.05 -22.34
C38 MC3 X . -9.14 -35.58 -22.90
C39 MC3 X . -10.29 -36.49 -22.48
C40 MC3 X . -11.63 -35.78 -22.49
C41 MC3 X . -12.80 -36.74 -22.24
H321 MC3 X . -2.89 -32.12 -21.52
H322 MC3 X . -3.76 -31.31 -22.83
H331 MC3 X . -4.58 -33.50 -23.64
H332 MC3 X . -3.72 -34.30 -22.30
H341 MC3 X . -5.57 -32.12 -21.53
H342 MC3 X . -5.27 -33.68 -20.76
H351 MC3 X . -7.53 -33.67 -21.57
H352 MC3 X . -7.02 -33.10 -23.16
H361 MC3 X . -6.57 -35.19 -23.86
H362 MC3 X . -5.71 -35.60 -22.38
H371 MC3 X . -7.62 -37.06 -22.69
H372 MC3 X . -7.85 -36.04 -21.26
H381 MC3 X . -9.34 -34.57 -22.54
H382 MC3 X . -9.09 -35.55 -23.99
H391 MC3 X . -10.33 -37.33 -23.17
H392 MC3 X . -10.09 -36.87 -21.49
H401 MC3 X . -11.77 -35.30 -23.45
H402 MC3 X . -11.64 -35.02 -21.70
H411 MC3 X . -12.67 -37.22 -21.28
H412 MC3 X . -12.81 -37.49 -23.03
C35 MC3 Y . -10.50 -23.10 -32.55
C36 MC3 Y . -10.98 -23.61 -33.90
C37 MC3 Y . -11.81 -24.90 -33.77
C38 MC3 Y . -13.04 -24.88 -34.65
C39 MC3 Y . -14.16 -25.76 -34.09
H351 MC3 Y . -9.65 -23.68 -32.23
H352 MC3 Y . -11.30 -23.21 -31.83
H361 MC3 Y . -11.59 -22.86 -34.38
H362 MC3 Y . -10.12 -23.82 -34.53
C34 MC3 Z . -7.17 -25.07 -26.65
C35 MC3 Z . -8.57 -25.42 -26.16
C36 MC3 Z . -9.37 -26.23 -27.19
C37 MC3 Z . -10.28 -27.26 -26.52
C38 MC3 Z . -11.57 -27.48 -27.31
H341 MC3 Z . -7.25 -24.46 -27.55
H342 MC3 Z . -6.66 -25.99 -26.92
H351 MC3 Z . -9.11 -24.50 -25.94
H352 MC3 Z . -8.49 -26.00 -25.25
H361 MC3 Z . -8.69 -26.73 -27.85
H362 MC3 Z . -9.97 -25.54 -27.77
C34 MC3 AA . -23.08 -0.81 -33.58
C35 MC3 AA . -24.17 -1.51 -32.78
C36 MC3 AA . -25.35 -1.94 -33.66
C37 MC3 AA . -25.90 -3.31 -33.26
C38 MC3 AA . -27.36 -3.49 -33.65
C39 MC3 AA . -27.99 -4.70 -32.98
C40 MC3 AA . -29.49 -4.84 -33.30
H341 MC3 AA . -22.67 -1.51 -34.30
H342 MC3 AA . -23.51 0.02 -34.10
H351 MC3 AA . -24.54 -0.83 -32.01
H352 MC3 AA . -23.76 -2.39 -32.30
H361 MC3 AA . -26.14 -1.21 -33.58
H362 MC3 AA . -25.01 -1.98 -34.69
H371 MC3 AA . -25.31 -4.08 -33.76
H372 MC3 AA . -25.81 -3.43 -32.19
H381 MC3 AA . -27.43 -3.61 -34.72
H382 MC3 AA . -27.91 -2.60 -33.36
C32 MC3 BA . -20.29 -5.42 -33.67
C33 MC3 BA . -21.42 -6.39 -33.99
C34 MC3 BA . -22.01 -7.03 -32.73
C35 MC3 BA . -23.48 -7.42 -32.88
C36 MC3 BA . -23.78 -8.10 -34.21
C37 MC3 BA . -24.84 -9.20 -34.09
C38 MC3 BA . -26.09 -8.78 -33.32
C39 MC3 BA . -27.21 -9.80 -33.44
C40 MC3 BA . -28.08 -9.87 -32.20
C41 MC3 BA . -29.20 -10.90 -32.33
H321 MC3 BA . -19.93 -4.98 -34.59
H322 MC3 BA . -19.49 -5.94 -33.17
H331 MC3 BA . -22.22 -5.86 -34.51
H332 MC3 BA . -21.04 -7.17 -34.64
H341 MC3 BA . -21.43 -7.91 -32.50
H342 MC3 BA . -21.91 -6.33 -31.91
H351 MC3 BA . -23.72 -8.10 -32.07
H352 MC3 BA . -24.08 -6.52 -32.78
H361 MC3 BA . -22.88 -8.55 -34.60
H362 MC3 BA . -24.14 -7.35 -34.91
H371 MC3 BA . -24.40 -10.05 -33.59
H372 MC3 BA . -25.14 -9.49 -35.10
H381 MC3 BA . -26.44 -7.82 -33.70
H382 MC3 BA . -25.84 -8.67 -32.27
H391 MC3 BA . -26.78 -10.78 -33.62
H392 MC3 BA . -27.83 -9.54 -34.30
H401 MC3 BA . -28.53 -8.90 -32.03
H402 MC3 BA . -27.46 -10.13 -31.35
H411 MC3 BA . -29.79 -10.91 -31.43
H412 MC3 BA . -28.76 -11.89 -32.49
C35 MC3 CA . -29.30 5.97 -28.51
C36 MC3 CA . -30.47 6.48 -29.33
C37 MC3 CA . -31.37 5.35 -29.83
C38 MC3 CA . -32.85 5.67 -29.68
C39 MC3 CA . -33.71 4.41 -29.55
H351 MC3 CA . -28.65 5.37 -29.14
H352 MC3 CA . -29.67 5.33 -27.72
H361 MC3 CA . -31.07 7.15 -28.72
H362 MC3 CA . -30.09 7.04 -30.18
C34 MC3 DA . -24.14 1.24 -28.46
C35 MC3 DA . -25.15 0.27 -27.85
C36 MC3 DA . -26.48 0.29 -28.60
C37 MC3 DA . -27.13 -1.09 -28.66
C38 MC3 DA . -28.66 -1.02 -28.58
H341 MC3 DA . -24.52 2.25 -28.38
H342 MC3 DA . -23.99 1.00 -29.50
H351 MC3 DA . -24.74 -0.73 -27.90
H352 MC3 DA . -25.32 0.55 -26.82
H361 MC3 DA . -26.32 0.64 -29.62
H362 MC3 DA . -27.16 0.98 -28.10
C34 MC3 EA . -35.92 18.00 -6.83
C35 MC3 EA . -36.60 16.69 -6.47
C36 MC3 EA . -38.11 16.74 -6.68
C37 MC3 EA . -38.67 15.45 -7.26
C38 MC3 EA . -40.15 15.24 -6.92
C39 MC3 EA . -40.60 13.81 -7.21
C40 MC3 EA . -42.05 13.57 -6.80
H341 MC3 EA . -36.11 18.22 -7.88
H342 MC3 EA . -36.33 18.79 -6.22
H351 MC3 EA . -36.19 15.89 -7.10
H352 MC3 EA . -36.39 16.46 -5.43
H361 MC3 EA . -38.58 16.93 -5.72
H362 MC3 EA . -38.34 17.56 -7.34
H371 MC3 EA . -38.10 14.61 -6.87
H372 MC3 EA . -38.55 15.47 -8.33
H381 MC3 EA . -40.30 15.44 -5.87
H382 MC3 EA . -40.74 15.93 -7.51
C32 MC3 FA . -34.52 15.77 -11.55
C33 MC3 FA . -35.83 15.09 -11.91
C34 MC3 FA . -35.86 13.63 -11.50
C35 MC3 FA . -37.27 13.12 -11.17
C36 MC3 FA . -38.32 13.55 -12.19
C37 MC3 FA . -39.37 12.48 -12.47
C38 MC3 FA . -39.99 11.88 -11.20
C39 MC3 FA . -41.23 11.04 -11.51
C40 MC3 FA . -41.41 9.89 -10.54
C41 MC3 FA . -42.65 9.06 -10.84
H321 MC3 FA . -34.55 16.81 -11.84
H322 MC3 FA . -33.70 15.27 -12.06
H331 MC3 FA . -36.64 15.61 -11.42
H332 MC3 FA . -35.98 15.16 -12.98
H341 MC3 FA . -35.46 13.03 -12.31
H342 MC3 FA . -35.23 13.50 -10.63
H351 MC3 FA . -37.24 12.04 -11.13
H352 MC3 FA . -37.55 13.50 -10.19
H361 MC3 FA . -37.82 13.79 -13.12
H362 MC3 FA . -38.82 14.44 -11.82
H371 MC3 FA . -38.92 11.68 -13.04
H372 MC3 FA . -40.16 12.92 -13.06
H381 MC3 FA . -40.27 12.69 -10.54
H382 MC3 FA . -39.26 11.25 -10.71
H391 MC3 FA . -41.13 10.65 -12.52
H392 MC3 FA . -42.10 11.68 -11.47
H401 MC3 FA . -41.48 10.29 -9.54
H402 MC3 FA . -40.53 9.24 -10.60
H411 MC3 FA . -42.57 8.65 -11.84
H412 MC3 FA . -43.53 9.69 -10.78
C35 MC3 GA . -37.42 17.14 3.53
C36 MC3 GA . -38.73 17.78 4.00
C37 MC3 GA . -39.95 17.17 3.32
C38 MC3 GA . -41.09 16.91 4.31
C39 MC3 GA . -42.00 15.77 3.86
H351 MC3 GA . -37.28 17.36 2.48
H352 MC3 GA . -37.50 16.06 3.65
H361 MC3 GA . -38.69 18.84 3.78
H362 MC3 GA . -38.81 17.65 5.07
C34 MC3 HA . -33.96 15.34 -2.29
C35 MC3 HA . -34.75 14.03 -2.23
C36 MC3 HA . -36.25 14.25 -2.01
C37 MC3 HA . -37.11 13.24 -2.76
C38 MC3 HA . -38.37 12.88 -1.99
H341 MC3 HA . -34.05 15.84 -1.32
H342 MC3 HA . -34.38 15.98 -3.05
H351 MC3 HA . -34.61 13.50 -3.17
H352 MC3 HA . -34.36 13.42 -1.43
H361 MC3 HA . -36.45 14.19 -0.94
H362 MC3 HA . -36.51 15.25 -2.35
C34 MC3 IA . -30.20 7.65 26.24
C35 MC3 IA . -30.88 6.37 25.75
C36 MC3 IA . -32.25 6.17 26.40
C37 MC3 IA . -33.28 5.64 25.40
C38 MC3 IA . -34.41 4.87 26.08
C39 MC3 IA . -35.25 4.07 25.10
C40 MC3 IA . -36.31 3.22 25.78
H341 MC3 IA . -30.07 7.58 27.32
H342 MC3 IA . -30.83 8.50 26.01
H351 MC3 IA . -30.25 5.53 25.98
H352 MC3 IA . -31.01 6.44 24.67
H361 MC3 IA . -32.59 7.11 26.80
H362 MC3 IA . -32.15 5.46 27.21
H371 MC3 IA . -33.72 6.48 24.87
H372 MC3 IA . -32.79 4.99 24.69
H381 MC3 IA . -35.05 5.56 26.61
H382 MC3 IA . -33.98 4.18 26.81
C32 MC3 JA . -31.67 9.86 21.52
C33 MC3 JA . -33.13 9.44 21.50
C34 MC3 JA . -33.38 8.26 20.56
C35 MC3 JA . -34.45 7.30 21.07
C36 MC3 JA . -35.74 8.00 21.49
C37 MC3 JA . -37.00 7.30 20.98
C38 MC3 JA . -37.12 5.86 21.47
C39 MC3 JA . -38.44 5.23 21.05
C40 MC3 JA . -38.35 3.71 20.95
C41 MC3 JA . -39.72 3.07 20.66
H321 MC3 JA . -31.54 10.69 22.21
H322 MC3 JA . -31.05 9.03 21.83
H331 MC3 JA . -33.74 10.27 21.17
H332 MC3 JA . -33.42 9.16 22.51
H341 MC3 JA . -33.69 8.63 19.59
H342 MC3 JA . -32.44 7.71 20.44
H351 MC3 JA . -34.05 6.76 21.93
H352 MC3 JA . -34.67 6.58 20.29
H361 MC3 JA . -35.78 8.07 22.56
H362 MC3 JA . -35.73 9.01 21.08
H371 MC3 JA . -37.86 7.85 21.31
H372 MC3 JA . -36.98 7.29 19.89
H381 MC3 JA . -36.30 5.27 21.06
H382 MC3 JA . -37.04 5.85 22.55
H391 MC3 JA . -39.20 5.49 21.79
H392 MC3 JA . -38.73 5.62 20.09
H401 MC3 JA . -37.68 3.45 20.15
H402 MC3 JA . -37.97 3.31 21.87
H411 MC3 JA . -39.60 2.00 20.59
H412 MC3 JA . -40.11 3.46 19.74
C35 MC3 KA . 10.73 25.74 -30.41
C36 MC3 KA . 11.23 26.37 -31.70
C37 MC3 KA . 12.06 27.64 -31.45
C38 MC3 KA . 13.32 27.70 -32.32
C39 MC3 KA . 14.42 28.54 -31.68
H351 MC3 KA . 9.93 26.34 -30.01
H352 MC3 KA . 11.56 25.72 -29.70
H361 MC3 KA . 11.85 25.66 -32.23
H362 MC3 KA . 10.38 26.63 -32.32
C34 MC3 LA . 7.37 27.22 -24.38
C35 MC3 LA . 8.78 27.51 -23.85
C36 MC3 LA . 9.58 28.40 -24.80
C37 MC3 LA . 10.48 29.37 -24.04
C38 MC3 LA . 11.78 29.66 -24.79
H341 MC3 LA . 6.86 28.15 -24.57
H342 MC3 LA . 7.46 26.67 -25.32
H351 MC3 LA . 8.69 28.01 -22.89
H352 MC3 LA . 9.30 26.58 -23.70
H361 MC3 LA . 8.89 28.97 -25.42
H362 MC3 LA . 10.19 27.77 -25.43
C34 MC3 MA . 23.28 3.60 -33.23
C35 MC3 MA . 24.37 4.22 -32.36
C36 MC3 MA . 25.55 4.72 -33.20
C37 MC3 MA . 26.10 6.04 -32.68
C38 MC3 MA . 27.57 6.25 -33.04
C39 MC3 MA . 28.20 7.41 -32.26
C40 MC3 MA . 29.69 7.56 -32.56
H341 MC3 MA . 22.90 4.36 -33.91
H342 MC3 MA . 23.71 2.79 -33.82
H351 MC3 MA . 24.72 3.48 -31.66
H352 MC3 MA . 23.94 5.05 -31.82
H361 MC3 MA . 26.34 3.98 -33.17
H362 MC3 MA . 25.23 4.84 -34.22
H371 MC3 MA . 25.53 6.85 -33.10
H372 MC3 MA . 26.01 6.07 -31.60
H381 MC3 MA . 28.12 5.35 -32.82
H382 MC3 MA . 27.65 6.46 -34.10
C32 MC3 NA . 20.45 8.15 -32.76
C33 MC3 NA . 21.55 9.13 -33.14
C34 MC3 NA . 22.12 9.85 -31.91
C35 MC3 NA . 23.63 10.06 -32.00
C36 MC3 NA . 24.07 10.75 -33.29
C37 MC3 NA . 25.03 11.92 -33.04
C38 MC3 NA . 26.34 11.49 -32.41
C39 MC3 NA . 27.28 12.68 -32.21
C40 MC3 NA . 28.29 12.44 -31.09
C41 MC3 NA . 29.34 13.54 -31.02
H321 MC3 NA . 20.83 7.42 -32.06
H322 MC3 NA . 19.62 8.68 -32.30
H331 MC3 NA . 22.35 8.59 -33.63
H332 MC3 NA . 21.15 9.86 -33.83
H341 MC3 NA . 21.90 9.27 -31.03
H342 MC3 NA . 21.63 10.82 -31.82
H351 MC3 NA . 24.12 9.10 -31.93
H352 MC3 NA . 23.94 10.67 -31.16
H361 MC3 NA . 23.19 11.13 -33.81
H362 MC3 NA . 24.56 10.02 -33.93
H371 MC3 NA . 25.23 12.40 -33.99
H372 MC3 NA . 24.53 12.63 -32.40
H381 MC3 NA . 26.82 10.76 -33.05
H382 MC3 NA . 26.14 11.04 -31.45
H391 MC3 NA . 26.70 13.55 -31.98
H392 MC3 NA . 27.83 12.85 -33.13
H401 MC3 NA . 28.79 11.49 -31.27
H402 MC3 NA . 27.76 12.39 -30.14
H411 MC3 NA . 30.03 13.34 -30.19
H412 MC3 NA . 28.86 14.49 -30.85
C35 MC3 OA . 29.55 -3.58 -28.70
C36 MC3 OA . 30.74 -3.99 -29.57
C37 MC3 OA . 31.63 -2.81 -29.94
C38 MC3 OA . 33.11 -3.15 -29.81
C39 MC3 OA . 33.96 -1.91 -29.55
H351 MC3 OA . 28.85 -3.03 -29.30
H352 MC3 OA . 29.92 -2.93 -27.90
H361 MC3 OA . 31.32 -4.73 -29.03
H362 MC3 OA . 30.35 -4.44 -30.48
C34 MC3 PA . 24.32 1.14 -28.29
C35 MC3 PA . 25.34 2.03 -27.59
C36 MC3 PA . 26.67 2.09 -28.33
C37 MC3 PA . 27.33 3.47 -28.25
C38 MC3 PA . 28.85 3.38 -28.18
H341 MC3 PA . 24.19 1.49 -29.30
H342 MC3 PA . 24.70 0.13 -28.31
H351 MC3 PA . 25.51 1.66 -26.59
H352 MC3 PA . 24.94 3.05 -27.52
H361 MC3 PA . 27.34 1.36 -27.90
H362 MC3 PA . 26.51 1.84 -29.37
C34 MC3 QA . 36.10 -17.32 -8.08
C35 MC3 QA . 36.79 -16.05 -7.59
C36 MC3 QA . 38.29 -16.09 -7.81
C37 MC3 QA . 38.85 -14.73 -8.25
C38 MC3 QA . 40.32 -14.55 -7.89
C39 MC3 QA . 40.77 -13.10 -8.03
C40 MC3 QA . 42.22 -12.89 -7.59
H341 MC3 QA . 36.55 -18.17 -7.59
H342 MC3 QA . 36.26 -17.41 -9.15
H351 MC3 QA . 36.37 -15.20 -8.12
H352 MC3 QA . 36.59 -15.94 -6.53
H361 MC3 QA . 38.52 -16.82 -8.58
H362 MC3 QA . 38.79 -16.38 -6.89
H371 MC3 QA . 38.27 -13.94 -7.77
H372 MC3 QA . 38.74 -14.64 -9.33
H381 MC3 QA . 40.47 -14.86 -6.86
H382 MC3 QA . 40.92 -15.17 -8.53
C32 MC3 RA . 34.64 -14.66 -12.54
C33 MC3 RA . 35.98 -14.03 -12.87
C34 MC3 RA . 36.05 -12.56 -12.45
C35 MC3 RA . 37.44 -12.13 -11.97
C36 MC3 RA . 38.55 -12.52 -12.93
C37 MC3 RA . 39.55 -11.39 -13.16
C38 MC3 RA . 40.24 -10.92 -11.89
C39 MC3 RA . 41.34 -9.89 -12.17
C40 MC3 RA . 41.58 -8.95 -11.00
C41 MC3 RA . 42.76 -8.02 -11.24
H321 MC3 RA . 33.85 -14.13 -13.07
H322 MC3 RA . 34.45 -14.58 -11.46
H331 MC3 RA . 36.76 -14.57 -12.34
H332 MC3 RA . 36.15 -14.10 -13.93
H341 MC3 RA . 35.78 -11.94 -13.31
H342 MC3 RA . 35.33 -12.38 -11.67
H351 MC3 RA . 37.44 -11.06 -11.83
H352 MC3 RA . 37.62 -12.60 -11.01
H361 MC3 RA . 39.08 -13.38 -12.53
H362 MC3 RA . 38.12 -12.80 -13.89
H371 MC3 RA . 40.32 -11.74 -13.85
H372 MC3 RA . 39.04 -10.55 -13.62
H381 MC3 RA . 40.67 -11.77 -11.38
H382 MC3 RA . 39.50 -10.46 -11.23
H391 MC3 RA . 41.05 -9.31 -13.04
H392 MC3 RA . 42.25 -10.42 -12.40
H401 MC3 RA . 41.78 -9.54 -10.11
H402 MC3 RA . 40.69 -8.35 -10.83
H411 MC3 RA . 42.57 -7.42 -12.12
H412 MC3 RA . 42.89 -7.37 -10.38
C35 MC3 SA . 37.55 -17.42 2.34
C36 MC3 SA . 38.85 -18.07 2.78
C37 MC3 SA . 40.07 -17.38 2.17
C38 MC3 SA . 41.19 -17.18 3.20
C39 MC3 SA . 42.08 -15.99 2.86
H351 MC3 SA . 37.62 -16.35 2.51
H352 MC3 SA . 37.39 -17.60 1.29
H361 MC3 SA . 38.85 -19.10 2.46
H362 MC3 SA . 38.93 -18.03 3.85
C34 MC3 TA . 34.10 -15.08 -3.29
C35 MC3 TA . 34.88 -13.77 -3.13
C36 MC3 TA . 36.38 -14.02 -2.93
C37 MC3 TA . 37.23 -12.93 -3.59
C38 MC3 TA . 38.50 -12.63 -2.80
H341 MC3 TA . 34.51 -15.64 -4.12
H342 MC3 TA . 34.21 -15.66 -2.38
H351 MC3 TA . 34.50 -13.24 -2.27
H352 MC3 TA . 34.74 -13.16 -4.02
H361 MC3 TA . 36.60 -14.04 -1.87
H362 MC3 TA . 36.64 -14.98 -3.37
C34 MC3 UA . 30.18 -9.79 25.72
C35 MC3 UA . 30.86 -8.47 25.36
C36 MC3 UA . 32.23 -8.34 26.01
C37 MC3 UA . 33.27 -7.70 25.07
C38 MC3 UA . 34.39 -7.00 25.82
C39 MC3 UA . 35.22 -6.10 24.90
C40 MC3 UA . 36.28 -5.31 25.67
H341 MC3 UA . 30.79 -10.61 25.36
H342 MC3 UA . 30.09 -9.85 26.80
H351 MC3 UA . 30.98 -8.42 24.29
H352 MC3 UA . 30.24 -7.64 25.69
H361 MC3 UA . 32.58 -9.32 26.30
H362 MC3 UA . 32.15 -7.73 26.89
H371 MC3 UA . 33.69 -8.48 24.45
H372 MC3 UA . 32.76 -6.99 24.44
H381 MC3 UA . 35.04 -7.75 26.26
H382 MC3 UA . 33.97 -6.39 26.61
C32 MC3 VA . 31.62 -11.63 20.83
C33 MC3 VA . 33.08 -11.21 20.86
C34 MC3 VA . 33.35 -9.95 20.04
C35 MC3 VA . 34.39 -9.03 20.66
C36 MC3 VA . 35.69 -9.76 21.02
C37 MC3 VA . 36.94 -9.01 20.56
C38 MC3 VA . 37.07 -7.62 21.19
C39 MC3 VA . 38.38 -6.94 20.78
C40 MC3 VA . 38.29 -5.42 20.85
C41 MC3 VA . 39.63 -4.75 20.59
H321 MC3 VA . 31.48 -12.52 21.44
H322 MC3 VA . 31.00 -10.83 21.21
H331 MC3 VA . 33.69 -12.02 20.48
H332 MC3 VA . 33.36 -11.01 21.89
H341 MC3 VA . 32.42 -9.40 19.94
H342 MC3 VA . 33.67 -10.25 19.06
H351 MC3 VA . 33.99 -8.59 21.57
H352 MC3 VA . 34.62 -8.24 19.96
H361 MC3 VA . 35.74 -9.89 22.09
H362 MC3 VA . 35.69 -10.74 20.54
H371 MC3 VA . 36.90 -8.90 19.49
H372 MC3 VA . 37.81 -9.59 20.82
H381 MC3 VA . 36.24 -7.00 20.86
H382 MC3 VA . 37.04 -7.72 22.27
H391 MC3 VA . 39.16 -7.27 21.46
H392 MC3 VA . 38.64 -7.24 19.78
H401 MC3 VA . 37.58 -5.09 20.10
H402 MC3 VA . 37.92 -5.13 21.82
H411 MC3 VA . 40.34 -5.06 21.35
H412 MC3 VA . 40.01 -5.04 19.62
C35 MC3 WA . 26.63 -1.84 31.70
C36 MC3 WA . 27.40 -1.70 33.02
C37 MC3 WA . 28.89 -1.44 32.78
C38 MC3 WA . 29.43 -0.35 33.70
C39 MC3 WA . 30.65 0.36 33.11
H351 MC3 WA . 26.91 -1.02 31.04
H352 MC3 WA . 26.91 -2.78 31.23
H361 MC3 WA . 26.98 -0.87 33.58
H362 MC3 WA . 27.29 -2.61 33.59
C34 MC3 XA . 26.87 -5.26 25.54
C35 MC3 XA . 27.77 -4.12 25.05
C36 MC3 XA . 28.89 -3.80 26.05
C37 MC3 XA . 30.18 -3.40 25.35
C38 MC3 XA . 30.97 -2.35 26.14
H341 MC3 XA . 26.39 -4.95 26.46
H342 MC3 XA . 27.48 -6.12 25.73
H351 MC3 XA . 27.18 -3.24 24.89
H352 MC3 XA . 28.22 -4.41 24.11
H361 MC3 XA . 29.07 -4.67 26.66
H362 MC3 XA . 28.56 -2.98 26.68
C34 MC3 YA . 11.63 18.74 34.36
C35 MC3 YA . 12.68 19.49 33.55
C36 MC3 YA . 13.60 20.33 34.44
C37 MC3 YA . 15.06 20.28 33.98
C38 MC3 YA . 15.85 21.52 34.41
C39 MC3 YA . 17.19 21.62 33.70
C40 MC3 YA . 17.94 22.90 34.05
H341 MC3 YA . 11.05 19.45 34.91
H342 MC3 YA . 12.11 18.06 35.04
H351 MC3 YA . 12.19 20.14 32.84
H352 MC3 YA . 13.29 18.77 33.00
H361 MC3 YA . 13.54 19.96 35.45
H362 MC3 YA . 13.26 21.35 34.42
H371 MC3 YA . 15.53 19.40 34.41
H372 MC3 YA . 15.08 20.21 32.90
H381 MC3 YA . 15.26 22.40 34.18
H382 MC3 YA . 16.02 21.47 35.48
C32 MC3 ZA . 14.64 14.30 34.02
C33 MC3 ZA . 16.01 14.89 34.37
C34 MC3 ZA . 16.84 15.18 33.13
C35 MC3 ZA . 17.75 16.41 33.30
C36 MC3 ZA . 18.54 16.40 34.60
C37 MC3 ZA . 19.99 16.85 34.43
C38 MC3 ZA . 20.13 18.23 33.76
C39 MC3 ZA . 21.56 18.74 33.81
C40 MC3 ZA . 21.90 19.63 32.61
C41 MC3 ZA . 23.32 20.17 32.69
H321 MC3 ZA . 14.08 14.13 34.92
H322 MC3 ZA . 14.11 14.99 33.37
H331 MC3 ZA . 16.54 14.20 35.00
H332 MC3 ZA . 15.85 15.82 34.92
H341 MC3 ZA . 16.18 15.35 32.29
H342 MC3 ZA . 17.47 14.32 32.93
H351 MC3 ZA . 18.44 16.43 32.46
H352 MC3 ZA . 17.13 17.30 33.26
H361 MC3 ZA . 18.06 17.06 35.31
H362 MC3 ZA . 18.55 15.39 35.00
H371 MC3 ZA . 20.47 16.89 35.40
H372 MC3 ZA . 20.51 16.13 33.82
H381 MC3 ZA . 19.81 18.15 32.73
H382 MC3 ZA . 19.48 18.92 34.28
H391 MC3 ZA . 22.24 17.89 33.82
H392 MC3 ZA . 21.70 19.30 34.72
H401 MC3 ZA . 21.21 20.45 32.58
H402 MC3 ZA . 21.79 19.04 31.70
H411 MC3 ZA . 24.02 19.35 32.72
H412 MC3 ZA . 23.52 20.79 31.82
C35 MC3 AB . 7.85 27.51 29.90
C36 MC3 AB . 7.92 28.73 30.82
C37 MC3 AB . 9.35 29.03 31.25
C38 MC3 AB . 9.68 30.53 31.17
C39 MC3 AB . 11.17 30.79 30.98
H351 MC3 AB . 8.59 27.62 29.12
H352 MC3 AB . 8.08 26.63 30.47
H361 MC3 AB . 7.32 28.54 31.69
H362 MC3 AB . 7.53 29.59 30.30
C34 MC3 BB . 10.00 20.83 29.38
C35 MC3 BB . 11.28 21.39 28.76
C36 MC3 BB . 11.86 22.56 29.56
C37 MC3 BB . 13.38 22.58 29.55
C38 MC3 BB . 13.95 23.99 29.54
H341 MC3 BB . 10.21 20.54 30.40
H342 MC3 BB . 9.25 21.62 29.38
H351 MC3 BB . 11.07 21.74 27.75
H352 MC3 BB . 12.02 20.61 28.71
H361 MC3 BB . 11.49 23.49 29.13
H362 MC3 BB . 11.51 22.49 30.58
C34 MC3 CB . -1.19 39.66 9.24
C35 MC3 CB . 0.27 39.76 8.80
C36 MC3 CB . 0.86 41.14 9.05
C37 MC3 CB . 2.30 41.07 9.55
C38 MC3 CB . 3.09 42.34 9.26
C39 MC3 CB . 4.59 42.15 9.46
C40 MC3 CB . 5.39 43.39 9.10
H341 MC3 CB . -1.24 39.86 10.31
H342 MC3 CB . -1.77 40.40 8.72
H351 MC3 CB . 0.33 39.53 7.74
H352 MC3 CB . 0.85 39.01 9.34
H361 MC3 CB . 0.84 41.70 8.13
H362 MC3 CB . 0.25 41.65 9.79
H371 MC3 CB . 2.29 40.91 10.63
H372 MC3 CB . 2.80 40.23 9.08
H381 MC3 CB . 2.74 43.13 9.91
H382 MC3 CB . 2.91 42.63 8.23
C32 MC3 DB . 0.50 37.08 13.63
C33 MC3 DB . 1.60 38.05 14.06
C34 MC3 DB . 3.00 37.52 13.75
C35 MC3 DB . 3.96 38.62 13.30
C36 MC3 DB . 4.01 39.80 14.27
C37 MC3 DB . 5.44 40.23 14.61
C38 MC3 DB . 6.23 40.71 13.39
C39 MC3 DB . 7.62 41.19 13.75
C40 MC3 DB . 8.60 41.10 12.59
C41 MC3 DB . 9.94 41.76 12.92
H321 MC3 DB . 0.62 36.14 14.17
H322 MC3 DB . 0.57 36.89 12.57
H331 MC3 DB . 1.52 38.23 15.13
H332 MC3 DB . 1.46 38.99 13.54
H341 MC3 DB . 3.39 37.05 14.64
H342 MC3 DB . 2.92 36.79 12.97
H351 MC3 DB . 4.95 38.19 13.23
H352 MC3 DB . 3.65 38.97 12.33
H361 MC3 DB . 3.48 40.63 13.82
H362 MC3 DB . 3.51 39.52 15.19
H371 MC3 DB . 5.40 41.04 15.33
H372 MC3 DB . 5.96 39.39 15.04
H381 MC3 DB . 6.31 39.89 12.67
H382 MC3 DB . 5.68 41.52 12.92
H391 MC3 DB . 8.00 40.58 14.57
H392 MC3 DB . 7.57 42.22 14.09
H401 MC3 DB . 8.76 40.06 12.34
H402 MC3 DB . 8.16 41.60 11.73
H411 MC3 DB . 9.80 42.81 13.14
H412 MC3 DB . 10.39 41.26 13.77
C35 MC3 EB . -0.09 41.26 -1.16
C36 MC3 EB . -0.15 42.73 -1.54
C37 MC3 EB . 0.93 43.55 -0.86
C38 MC3 EB . 1.60 44.54 -1.81
C39 MC3 EB . 3.03 44.88 -1.39
H351 MC3 EB . -0.40 41.15 -0.12
H352 MC3 EB . 0.94 40.91 -1.24
H361 MC3 EB . -0.03 42.82 -2.61
H362 MC3 EB . -1.12 43.12 -1.26
C34 MC3 FB . 0.23 36.99 4.47
C35 MC3 FB . 1.73 37.17 4.31
C36 MC3 FB . 2.14 38.64 4.18
C37 MC3 FB . 3.47 38.94 4.85
C38 MC3 FB . 4.27 40.00 4.11
H341 MC3 FB . -0.27 37.36 3.58
H342 MC3 FB . -0.11 37.56 5.32
H351 MC3 FB . 2.23 36.75 5.19
H352 MC3 FB . 2.07 36.63 3.43
H361 MC3 FB . 2.22 38.88 3.13
H362 MC3 FB . 1.37 39.25 4.63
C34 MC3 GB . 4.63 32.09 -24.59
C35 MC3 GB . 6.10 32.13 -24.17
C36 MC3 GB . 6.83 33.34 -24.77
C37 MC3 GB . 7.81 33.98 -23.78
C38 MC3 GB . 8.94 34.73 -24.46
C39 MC3 GB . 10.08 35.07 -23.49
C40 MC3 GB . 11.25 35.75 -24.20
H341 MC3 GB . 4.58 32.08 -25.66
H342 MC3 GB . 4.14 32.97 -24.20
H351 MC3 GB . 6.17 32.18 -23.10
H352 MC3 GB . 6.60 31.23 -24.52
H361 MC3 GB . 7.38 33.03 -25.64
H362 MC3 GB . 6.10 34.09 -25.06
H371 MC3 GB . 8.23 33.20 -23.15
H372 MC3 GB . 7.26 34.67 -23.14
H381 MC3 GB . 9.34 34.12 -25.26
H382 MC3 GB . 8.55 35.64 -24.88
C32 MC3 HB . 3.43 33.96 -19.67
C33 MC3 HB . 4.39 35.16 -19.65
C34 MC3 HB . 5.61 34.91 -18.76
C35 MC3 HB . 6.90 35.47 -19.34
C36 MC3 HB . 6.78 36.96 -19.71
C37 MC3 HB . 7.94 37.79 -19.17
C38 MC3 HB . 9.29 37.40 -19.77
C39 MC3 HB . 10.44 38.24 -19.21
C40 MC3 HB . 11.79 37.53 -19.32
C41 MC3 HB . 12.94 38.45 -18.94
H321 MC3 HB . 2.59 34.19 -20.32
H322 MC3 HB . 3.06 33.79 -18.66
H331 MC3 HB . 3.86 36.03 -19.29
H332 MC3 HB . 4.72 35.34 -20.67
H341 MC3 HB . 5.72 33.83 -18.64
H342 MC3 HB . 5.43 35.35 -17.79
H351 MC3 HB . 7.16 34.91 -20.24
H352 MC3 HB . 7.69 35.36 -18.61
H361 MC3 HB . 6.74 37.05 -20.79
H362 MC3 HB . 5.86 37.35 -19.30
H371 MC3 HB . 8.00 37.67 -18.09
H372 MC3 HB . 7.76 38.83 -19.40
H381 MC3 HB . 9.49 36.35 -19.56
H382 MC3 HB . 9.26 37.52 -20.85
H391 MC3 HB . 10.23 38.45 -18.16
H392 MC3 HB . 10.49 39.16 -19.75
H401 MC3 HB . 11.92 37.18 -20.33
H402 MC3 HB . 11.79 36.67 -18.65
H411 MC3 HB . 13.88 37.90 -19.01
H412 MC3 HB . 12.97 39.29 -19.61
#